data_1FZB
#
_entry.id   1FZB
#
_cell.length_a   93.820
_cell.length_b   95.500
_cell.length_c   113.760
_cell.angle_alpha   90.00
_cell.angle_beta   96.08
_cell.angle_gamma   90.00
#
_symmetry.space_group_name_H-M   'P 1 21 1'
#
loop_
_entity.id
_entity.type
_entity.pdbx_description
1 polymer FIBRINOGEN
2 polymer FIBRINOGEN
3 polymer FIBRINOGEN
4 polymer 'PEPTIDE LIGAND GPRG'
5 non-polymer 2-acetamido-2-deoxy-beta-D-glucopyranose
6 non-polymer 'CALCIUM ION'
#
loop_
_entity_poly.entity_id
_entity_poly.type
_entity_poly.pdbx_seq_one_letter_code
_entity_poly.pdbx_strand_id
1 'polypeptide(L)'
;VSEDLRSRIEVLKRKVIEKVQHIQLLQKNVRAQLVDMKRLEVDIDIKIRSCRGSCSRALAREVDLKDYEDQQKQLEQVIA
KDLLPSR
;
A,D
2 'polypeptide(L)'
;DNENVVNEYSSELEKHQLYIDETVNSNIPTNLRVLRSILENLRSKIQKLESDVSAQMEYCRTPCTVSCNIPVVSGKECEE
IIRKGGETSEMYLIQPDSSVKPYRVYCDMNTENGGWTVIQNRQDGSVDFGRKWDPYKQGFGNVATNTDGKNYCGLPGEYW
LGNDKISQLTRMGPTELLIEMEDWKGDKVKAHYGGFTVQNEANKYQISVNKYRGTAGNALMDGASQLMGENRTMTIHNGM
FFSTYDRDNDGWLTSDPRKQCSKEDGGGWWYNRCHAANPNGRYYWGGQYTWDMAKHGTDDGVVWMNWKGSWYSMRKMSMK
IRPFFPQQ
;
B,E
3 'polypeptide(L)'
;KMLEEIMKYEASILTHDSSIRYLQEIYNSNNQKIVNLKEKVAQLEAQCQEPCKDTVQIHDITGKDCQDIANKGAKQSGLY
FIKPLKANQQFLVYCEIDGSGNGWTVFQKRLDGSVDFKKNWIQYKEGFGHLSPTGTTEFWLGNEKIHLISTQSAIPYALR
VELEDWNGRTSTADYAMFKVGPEADKYRLTYAYFAGGDAGDAFDGFDFGDDPSDKFFTSHNGMQFSTWDNDNDKFEGNCA
EQDGSGWWMNKCHAGHLNGVYYQGGTYSKASTPNGYDNGIIWATWKTRWYSMKKTTMKIIPFNRLTIGEGQQHHLGGAK
;
C,F
4 'polypeptide(L)' GPRP G,H
#
# COMPACT_ATOMS: atom_id res chain seq x y z
N GLU A 3 126.96 29.38 8.66
CA GLU A 3 125.61 29.49 8.02
C GLU A 3 124.48 29.18 8.99
N ASP A 4 124.79 29.20 10.29
CA ASP A 4 123.79 28.92 11.32
C ASP A 4 123.66 30.05 12.35
N LEU A 5 123.67 31.30 11.86
CA LEU A 5 123.52 32.48 12.73
C LEU A 5 122.10 33.03 12.56
N ARG A 6 121.94 34.02 11.68
CA ARG A 6 120.64 34.63 11.38
C ARG A 6 120.20 34.16 9.99
N SER A 7 120.89 33.14 9.49
CA SER A 7 120.61 32.53 8.20
C SER A 7 119.34 31.67 8.33
N ARG A 8 118.95 31.41 9.56
CA ARG A 8 117.77 30.62 9.88
C ARG A 8 116.53 31.46 10.17
N ILE A 9 116.57 32.73 9.76
CA ILE A 9 115.41 33.59 9.96
C ILE A 9 114.32 33.07 9.02
N GLU A 10 114.69 32.84 7.76
CA GLU A 10 113.77 32.31 6.76
C GLU A 10 113.46 30.83 6.99
N VAL A 11 114.40 30.12 7.64
CA VAL A 11 114.23 28.70 7.98
C VAL A 11 113.35 28.73 9.24
N LEU A 12 112.26 29.47 9.11
CA LEU A 12 111.30 29.70 10.17
C LEU A 12 110.11 30.41 9.55
N LYS A 13 110.36 31.22 8.51
CA LYS A 13 109.30 31.97 7.85
C LYS A 13 108.30 31.16 7.02
N ARG A 14 108.78 30.27 6.13
CA ARG A 14 107.87 29.45 5.33
C ARG A 14 106.95 28.67 6.29
N LYS A 15 107.45 28.43 7.50
CA LYS A 15 106.70 27.72 8.53
C LYS A 15 105.52 28.60 8.95
N VAL A 16 105.81 29.82 9.41
CA VAL A 16 104.77 30.78 9.83
C VAL A 16 103.81 31.01 8.67
N ILE A 17 104.32 30.88 7.45
CA ILE A 17 103.51 31.05 6.25
C ILE A 17 102.63 29.81 6.08
N GLU A 18 103.23 28.63 5.94
CA GLU A 18 102.47 27.39 5.78
C GLU A 18 101.36 27.28 6.84
N LYS A 19 101.64 27.81 8.03
CA LYS A 19 100.68 27.77 9.14
C LYS A 19 99.58 28.85 9.09
N VAL A 20 99.95 30.10 8.85
CA VAL A 20 98.95 31.17 8.78
C VAL A 20 97.94 30.89 7.68
N GLN A 21 98.38 30.15 6.66
CA GLN A 21 97.54 29.77 5.53
C GLN A 21 96.52 28.71 5.97
N HIS A 22 96.95 27.80 6.84
CA HIS A 22 96.06 26.79 7.37
C HIS A 22 94.97 27.48 8.17
N ILE A 23 95.35 28.58 8.81
CA ILE A 23 94.42 29.35 9.61
C ILE A 23 93.46 29.99 8.64
N GLN A 24 94.00 30.58 7.57
CA GLN A 24 93.18 31.22 6.56
C GLN A 24 92.19 30.24 5.93
N LEU A 25 92.58 28.98 5.84
CA LEU A 25 91.73 27.95 5.28
C LEU A 25 90.61 27.67 6.28
N LEU A 26 90.95 27.63 7.56
CA LEU A 26 89.98 27.36 8.62
C LEU A 26 88.88 28.39 8.75
N GLN A 27 89.26 29.65 8.88
CA GLN A 27 88.28 30.71 9.03
C GLN A 27 87.19 30.68 7.95
N LYS A 28 87.53 30.17 6.77
CA LYS A 28 86.57 30.08 5.68
C LYS A 28 85.79 28.78 5.75
N ASN A 29 86.33 27.79 6.46
CA ASN A 29 85.65 26.51 6.61
C ASN A 29 84.63 26.57 7.75
N VAL A 30 84.90 27.41 8.75
CA VAL A 30 83.96 27.57 9.85
C VAL A 30 82.98 28.65 9.43
N ARG A 31 83.47 29.57 8.60
CA ARG A 31 82.63 30.65 8.08
C ARG A 31 81.42 29.91 7.47
N ALA A 32 81.72 28.89 6.68
CA ALA A 32 80.70 28.07 6.04
C ALA A 32 79.96 27.25 7.06
N GLN A 33 80.68 26.64 8.00
CA GLN A 33 80.04 25.83 9.02
C GLN A 33 78.99 26.67 9.74
N LEU A 34 79.37 27.89 10.11
CA LEU A 34 78.44 28.79 10.77
C LEU A 34 77.20 28.92 9.91
N VAL A 35 77.44 29.33 8.66
CA VAL A 35 76.39 29.51 7.69
C VAL A 35 75.46 28.30 7.64
N ASP A 36 76.04 27.11 7.61
CA ASP A 36 75.26 25.88 7.54
C ASP A 36 74.38 25.68 8.75
N MET A 37 74.93 25.97 9.92
CA MET A 37 74.21 25.81 11.16
C MET A 37 72.99 26.67 11.22
N LYS A 38 73.16 27.98 11.06
CA LYS A 38 72.04 28.92 11.11
C LYS A 38 70.92 28.43 10.20
N ARG A 39 71.30 28.09 8.98
CA ARG A 39 70.41 27.60 7.95
C ARG A 39 69.66 26.34 8.40
N LEU A 40 70.37 25.43 9.06
CA LEU A 40 69.78 24.19 9.53
C LEU A 40 68.93 24.31 10.80
N GLU A 41 69.30 25.23 11.67
CA GLU A 41 68.55 25.42 12.89
C GLU A 41 67.18 25.80 12.39
N VAL A 42 67.17 26.71 11.43
CA VAL A 42 65.95 27.20 10.81
C VAL A 42 65.15 26.08 10.20
N ASP A 43 65.79 25.36 9.29
CA ASP A 43 65.13 24.28 8.60
C ASP A 43 64.41 23.41 9.62
N ILE A 44 65.15 23.04 10.66
CA ILE A 44 64.59 22.21 11.71
C ILE A 44 63.42 22.85 12.39
N ASP A 45 63.58 24.10 12.80
CA ASP A 45 62.52 24.79 13.48
C ASP A 45 61.24 24.71 12.62
N ILE A 46 61.41 24.90 11.31
CA ILE A 46 60.33 24.88 10.34
C ILE A 46 59.77 23.48 10.15
N LYS A 47 60.65 22.50 10.04
CA LYS A 47 60.18 21.15 9.84
C LYS A 47 59.49 20.55 11.04
N ILE A 48 59.75 21.09 12.21
CA ILE A 48 59.09 20.56 13.38
C ILE A 48 57.69 21.16 13.44
N ARG A 49 57.56 22.46 13.18
CA ARG A 49 56.23 23.03 13.24
C ARG A 49 55.41 22.32 12.20
N SER A 50 56.02 21.93 11.10
CA SER A 50 55.30 21.23 10.03
C SER A 50 54.86 19.87 10.48
N CYS A 51 55.52 19.38 11.51
CA CYS A 51 55.19 18.09 12.03
C CYS A 51 53.99 18.20 12.96
N ARG A 52 53.53 19.43 13.19
CA ARG A 52 52.40 19.68 14.07
C ARG A 52 51.12 19.19 13.43
N GLY A 53 51.01 19.36 12.12
CA GLY A 53 49.81 18.92 11.42
C GLY A 53 49.69 17.45 11.06
N SER A 54 50.54 16.62 11.66
CA SER A 54 50.49 15.19 11.37
C SER A 54 50.63 14.40 12.66
N CYS A 55 51.57 14.81 13.51
CA CYS A 55 51.84 14.11 14.75
C CYS A 55 50.94 14.53 15.89
N SER A 56 50.79 13.63 16.87
CA SER A 56 50.00 13.86 18.06
C SER A 56 50.49 15.08 18.83
N ARG A 57 51.82 15.30 18.86
CA ARG A 57 52.43 16.43 19.58
C ARG A 57 53.49 17.18 18.76
N ALA A 58 53.93 18.34 19.24
CA ALA A 58 54.95 19.13 18.56
C ALA A 58 55.81 19.92 19.56
N LEU A 59 57.08 19.60 19.62
CA LEU A 59 58.03 20.23 20.52
C LEU A 59 57.94 21.75 20.51
N ALA A 60 57.60 22.34 21.64
CA ALA A 60 57.50 23.81 21.72
C ALA A 60 58.92 24.37 21.66
N ARG A 61 59.22 25.08 20.59
CA ARG A 61 60.54 25.68 20.39
C ARG A 61 60.51 27.14 20.05
N GLU A 62 61.63 27.54 19.46
CA GLU A 62 61.93 28.90 19.03
C GLU A 62 63.32 28.81 18.38
N VAL A 63 63.91 29.96 18.08
CA VAL A 63 65.23 29.99 17.48
C VAL A 63 65.93 31.27 17.88
N ASP A 64 67.25 31.22 17.96
CA ASP A 64 68.02 32.38 18.34
C ASP A 64 69.18 32.57 17.37
N LEU A 65 68.93 33.30 16.29
CA LEU A 65 69.95 33.56 15.27
C LEU A 65 70.92 34.61 15.78
N LYS A 66 70.64 35.10 16.97
CA LYS A 66 71.45 36.13 17.60
C LYS A 66 72.82 35.55 17.89
N ASP A 67 72.86 34.47 18.66
CA ASP A 67 74.14 33.84 18.98
C ASP A 67 74.87 33.58 17.67
N TYR A 68 74.12 33.16 16.67
CA TYR A 68 74.66 32.89 15.33
C TYR A 68 75.15 34.17 14.68
N GLU A 69 74.35 35.23 14.77
CA GLU A 69 74.72 36.50 14.19
C GLU A 69 75.96 37.10 14.82
N ASP A 70 75.95 37.30 16.13
CA ASP A 70 77.11 37.88 16.80
C ASP A 70 78.38 37.04 16.68
N GLN A 71 78.22 35.75 16.37
CA GLN A 71 79.39 34.89 16.18
C GLN A 71 79.94 35.15 14.78
N GLN A 72 79.04 35.27 13.80
CA GLN A 72 79.42 35.53 12.41
C GLN A 72 80.26 36.80 12.42
N LYS A 73 79.80 37.77 13.21
CA LYS A 73 80.48 39.04 13.32
C LYS A 73 81.86 38.96 13.96
N GLN A 74 82.05 38.06 14.92
CA GLN A 74 83.35 37.92 15.55
C GLN A 74 84.31 37.25 14.58
N LEU A 75 83.79 36.38 13.71
CA LEU A 75 84.61 35.68 12.73
C LEU A 75 85.15 36.67 11.70
N GLU A 76 84.24 37.48 11.15
CA GLU A 76 84.58 38.49 10.16
C GLU A 76 85.54 39.51 10.75
N GLN A 77 85.29 39.86 12.00
CA GLN A 77 86.10 40.81 12.76
C GLN A 77 87.56 40.35 12.81
N VAL A 78 87.77 39.05 12.59
CA VAL A 78 89.10 38.44 12.59
C VAL A 78 89.61 38.18 11.18
N ILE A 79 88.76 37.56 10.35
CA ILE A 79 89.10 37.26 8.97
C ILE A 79 89.64 38.49 8.23
N ALA A 80 89.17 39.67 8.63
CA ALA A 80 89.60 40.93 8.04
C ALA A 80 90.97 41.38 8.55
N LYS A 81 91.88 40.42 8.73
CA LYS A 81 93.21 40.69 9.23
C LYS A 81 94.20 39.97 8.33
N ASP A 82 95.08 40.74 7.68
CA ASP A 82 96.09 40.19 6.79
C ASP A 82 97.17 39.39 7.53
N LEU A 83 97.27 38.11 7.18
CA LEU A 83 98.24 37.20 7.78
C LEU A 83 98.11 37.15 9.29
N LYS B 15 116.21 47.37 12.94
CA LYS B 15 117.25 46.92 11.97
C LYS B 15 116.64 46.20 10.75
N HIS B 16 117.49 45.76 9.82
CA HIS B 16 117.10 45.05 8.59
C HIS B 16 115.98 44.02 8.80
N GLN B 17 114.74 44.50 8.69
CA GLN B 17 113.54 43.69 8.87
C GLN B 17 113.56 43.00 10.25
N LEU B 18 113.19 43.75 11.29
CA LEU B 18 113.18 43.21 12.65
C LEU B 18 112.26 42.01 12.84
N TYR B 19 111.34 41.81 11.89
CA TYR B 19 110.38 40.69 11.90
C TYR B 19 109.76 40.47 13.28
N ILE B 20 108.91 41.40 13.69
CA ILE B 20 108.27 41.32 15.00
C ILE B 20 106.99 40.44 14.95
N ASP B 21 107.15 39.25 14.40
CA ASP B 21 106.05 38.30 14.32
C ASP B 21 105.98 37.61 15.69
N GLU B 22 106.48 38.33 16.70
CA GLU B 22 106.45 37.90 18.10
C GLU B 22 105.19 38.52 18.69
N THR B 23 104.63 39.49 17.96
CA THR B 23 103.38 40.16 18.33
C THR B 23 102.31 39.12 17.99
N VAL B 24 102.67 38.26 17.04
CA VAL B 24 101.86 37.15 16.57
C VAL B 24 101.64 36.21 17.78
N ASN B 25 102.57 36.27 18.75
CA ASN B 25 102.49 35.46 19.98
C ASN B 25 101.52 36.10 20.98
N SER B 26 100.78 37.10 20.49
CA SER B 26 99.78 37.81 21.28
C SER B 26 98.61 37.92 20.31
N ASN B 27 98.97 37.90 19.03
CA ASN B 27 98.03 37.99 17.92
C ASN B 27 97.26 36.68 17.75
N ILE B 28 97.98 35.59 17.46
CA ILE B 28 97.38 34.26 17.28
C ILE B 28 96.54 33.81 18.47
N PRO B 29 97.07 33.95 19.71
CA PRO B 29 96.38 33.55 20.93
C PRO B 29 94.95 34.10 21.04
N THR B 30 94.81 35.42 20.85
CA THR B 30 93.48 36.04 20.91
C THR B 30 92.66 35.56 19.72
N ASN B 31 93.26 35.57 18.53
CA ASN B 31 92.54 35.13 17.34
C ASN B 31 92.28 33.62 17.32
N LEU B 32 92.50 32.98 18.46
CA LEU B 32 92.26 31.56 18.58
C LEU B 32 91.33 31.33 19.75
N ARG B 33 91.27 32.33 20.63
CA ARG B 33 90.39 32.29 21.80
C ARG B 33 88.96 32.30 21.25
N VAL B 34 88.66 32.95 20.08
CA VAL B 34 87.33 32.96 19.46
C VAL B 34 87.10 31.71 18.65
N LEU B 35 88.12 31.54 17.79
CA LEU B 35 87.95 30.37 16.94
C LEU B 35 87.62 29.10 17.72
N ARG B 36 87.93 29.08 19.01
CA ARG B 36 87.60 27.93 19.82
C ARG B 36 86.16 28.10 20.31
N SER B 37 85.93 29.19 21.05
CA SER B 37 84.62 29.51 21.65
C SER B 37 83.41 29.27 20.77
N ILE B 38 83.58 29.50 19.47
CA ILE B 38 82.49 29.32 18.51
C ILE B 38 82.42 27.89 18.01
N LEU B 39 83.57 27.34 17.63
CA LEU B 39 83.61 25.98 17.15
C LEU B 39 83.12 25.01 18.21
N GLU B 40 83.04 25.47 19.46
CA GLU B 40 82.55 24.65 20.56
C GLU B 40 81.09 24.94 20.83
N ASN B 41 80.69 26.19 20.59
CA ASN B 41 79.30 26.60 20.80
C ASN B 41 78.44 25.87 19.80
N LEU B 42 79.04 25.48 18.68
CA LEU B 42 78.33 24.73 17.64
C LEU B 42 78.25 23.25 18.04
N ARG B 43 79.17 22.96 18.58
CA ARG B 43 79.30 21.60 19.07
C ARG B 43 78.22 21.32 20.11
N SER B 44 77.79 22.28 20.91
CA SER B 44 76.71 22.26 21.87
C SER B 44 75.35 22.42 21.21
N LYS B 45 75.26 23.32 20.23
CA LYS B 45 74.00 23.54 19.59
C LYS B 45 73.47 22.29 18.97
N ILE B 46 74.39 21.48 18.48
CA ILE B 46 73.99 20.23 17.83
C ILE B 46 73.24 19.31 18.78
N GLN B 47 73.79 19.11 19.96
CA GLN B 47 73.14 18.22 20.90
C GLN B 47 71.71 18.62 21.18
N LYS B 48 71.44 19.92 21.30
CA LYS B 48 70.07 20.34 21.59
C LYS B 48 69.14 19.92 20.47
N LEU B 49 69.52 20.26 19.25
CA LEU B 49 68.73 19.90 18.07
C LEU B 49 68.58 18.37 17.93
N GLU B 50 69.63 17.64 18.27
CA GLU B 50 69.59 16.19 18.22
C GLU B 50 68.44 15.82 19.13
N SER B 51 68.45 16.40 20.32
CA SER B 51 67.42 16.15 21.29
C SER B 51 66.08 16.57 20.72
N ASP B 52 66.00 17.82 20.29
CA ASP B 52 64.75 18.34 19.75
C ASP B 52 64.10 17.43 18.72
N VAL B 53 64.91 16.87 17.83
CA VAL B 53 64.41 15.97 16.80
C VAL B 53 63.92 14.66 17.42
N SER B 54 64.73 14.06 18.29
CA SER B 54 64.32 12.83 18.95
C SER B 54 62.94 13.02 19.54
N ALA B 55 62.79 14.05 20.36
CA ALA B 55 61.50 14.32 20.99
C ALA B 55 60.32 14.29 20.00
N GLN B 56 60.49 15.00 18.89
CA GLN B 56 59.46 15.08 17.88
C GLN B 56 59.15 13.74 17.25
N MET B 57 60.19 12.93 17.04
CA MET B 57 60.01 11.61 16.48
C MET B 57 59.19 10.78 17.46
N GLU B 58 59.35 11.07 18.75
CA GLU B 58 58.59 10.37 19.76
C GLU B 58 57.15 10.83 19.69
N TYR B 59 56.98 12.13 19.50
CA TYR B 59 55.63 12.70 19.41
C TYR B 59 54.91 12.15 18.20
N CYS B 60 55.67 11.76 17.19
CA CYS B 60 55.09 11.26 15.96
C CYS B 60 54.73 9.80 15.92
N ARG B 61 55.06 9.07 16.98
CA ARG B 61 54.74 7.65 17.01
C ARG B 61 53.22 7.60 16.94
N THR B 62 52.60 8.56 17.60
CA THR B 62 51.16 8.71 17.65
C THR B 62 50.80 9.96 16.84
N PRO B 63 49.84 9.84 15.91
CA PRO B 63 49.35 10.91 15.04
C PRO B 63 48.28 11.84 15.58
N CYS B 64 48.03 12.91 14.83
CA CYS B 64 47.02 13.87 15.22
C CYS B 64 45.73 13.41 14.58
N THR B 65 44.62 13.72 15.23
CA THR B 65 43.34 13.29 14.72
C THR B 65 42.30 14.36 14.77
N VAL B 66 41.22 14.13 14.02
CA VAL B 66 40.10 15.04 13.92
C VAL B 66 38.84 14.23 13.65
N SER B 67 37.71 14.78 14.07
CA SER B 67 36.45 14.11 13.84
C SER B 67 35.55 15.10 13.10
N CYS B 68 35.69 15.13 11.79
CA CYS B 68 34.95 16.05 10.97
C CYS B 68 33.64 15.55 10.45
N ASN B 69 32.61 15.70 11.29
CA ASN B 69 31.24 15.32 10.96
C ASN B 69 30.79 16.08 9.74
N ILE B 70 29.99 15.42 8.92
CA ILE B 70 29.58 15.98 7.66
C ILE B 70 28.23 16.69 7.59
N PRO B 71 28.23 17.96 7.13
CA PRO B 71 27.05 18.81 6.99
C PRO B 71 26.05 18.13 6.06
N VAL B 72 24.77 18.41 6.26
CA VAL B 72 23.77 17.77 5.41
C VAL B 72 23.75 18.38 4.03
N VAL B 73 23.88 19.70 3.96
CA VAL B 73 23.88 20.38 2.66
C VAL B 73 25.14 20.07 1.84
N SER B 74 24.95 20.01 0.53
CA SER B 74 26.02 19.73 -0.39
C SER B 74 25.64 20.24 -1.77
N GLY B 75 26.63 20.34 -2.65
CA GLY B 75 26.41 20.79 -4.00
C GLY B 75 27.66 20.67 -4.84
N LYS B 76 27.62 21.23 -6.05
CA LYS B 76 28.77 21.21 -6.95
C LYS B 76 29.96 21.88 -6.29
N GLU B 77 29.68 22.89 -5.48
CA GLU B 77 30.71 23.66 -4.80
C GLU B 77 30.14 24.63 -3.77
N CYS B 78 31.02 25.35 -3.07
CA CYS B 78 30.64 26.28 -2.02
C CYS B 78 29.50 27.21 -2.37
N GLU B 79 29.60 27.88 -3.50
CA GLU B 79 28.58 28.81 -3.96
C GLU B 79 27.23 28.12 -3.95
N GLU B 80 27.12 27.04 -4.71
CA GLU B 80 25.86 26.34 -4.77
C GLU B 80 25.33 26.03 -3.35
N ILE B 81 26.24 25.59 -2.49
CA ILE B 81 25.90 25.27 -1.13
C ILE B 81 25.29 26.46 -0.40
N ILE B 82 25.94 27.60 -0.48
CA ILE B 82 25.42 28.75 0.25
C ILE B 82 24.04 29.06 -0.26
N ARG B 83 23.82 28.80 -1.55
CA ARG B 83 22.53 29.04 -2.15
C ARG B 83 21.54 28.04 -1.60
N LYS B 84 22.00 26.81 -1.37
CA LYS B 84 21.13 25.76 -0.84
C LYS B 84 20.96 25.85 0.67
N GLY B 85 21.10 27.07 1.21
CA GLY B 85 20.94 27.33 2.63
C GLY B 85 22.13 27.16 3.56
N GLY B 86 23.22 26.52 3.11
CA GLY B 86 24.39 26.31 3.96
C GLY B 86 25.07 27.63 4.22
N GLU B 87 25.07 28.09 5.47
CA GLU B 87 25.66 29.40 5.72
C GLU B 87 26.78 29.54 6.74
N THR B 88 27.22 28.43 7.31
CA THR B 88 28.32 28.52 8.25
C THR B 88 29.61 28.21 7.51
N SER B 89 30.67 28.95 7.80
CA SER B 89 31.94 28.67 7.18
C SER B 89 32.45 27.40 7.85
N GLU B 90 32.67 26.35 7.07
CA GLU B 90 33.16 25.09 7.61
C GLU B 90 33.51 24.07 6.54
N MET B 91 33.86 22.86 6.96
CA MET B 91 34.19 21.83 6.01
C MET B 91 32.91 21.27 5.45
N TYR B 92 32.79 21.31 4.13
CA TYR B 92 31.64 20.79 3.43
C TYR B 92 32.10 19.74 2.45
N LEU B 93 31.15 18.93 2.02
CA LEU B 93 31.43 17.89 1.08
C LEU B 93 30.84 18.34 -0.25
N ILE B 94 31.69 18.44 -1.29
CA ILE B 94 31.19 18.87 -2.60
C ILE B 94 31.49 17.84 -3.69
N GLN B 95 30.76 17.97 -4.79
CA GLN B 95 30.93 17.10 -5.94
C GLN B 95 30.61 17.97 -7.14
N PRO B 96 31.64 18.49 -7.83
CA PRO B 96 31.53 19.36 -9.00
C PRO B 96 30.97 18.67 -10.23
N ASP B 97 31.70 17.69 -10.72
CA ASP B 97 31.29 16.92 -11.88
C ASP B 97 30.60 15.67 -11.35
N SER B 98 29.42 15.39 -11.89
CA SER B 98 28.62 14.24 -11.50
C SER B 98 29.31 12.88 -11.74
N SER B 99 30.62 12.90 -11.96
CA SER B 99 31.38 11.67 -12.19
C SER B 99 32.45 11.52 -11.11
N VAL B 100 32.87 12.64 -10.57
CA VAL B 100 33.90 12.66 -9.56
C VAL B 100 33.40 12.13 -8.22
N LYS B 101 34.31 11.47 -7.51
CA LYS B 101 33.98 10.98 -6.19
C LYS B 101 33.99 12.26 -5.37
N PRO B 102 32.88 12.55 -4.68
CA PRO B 102 32.79 13.77 -3.86
C PRO B 102 33.92 13.89 -2.84
N TYR B 103 34.32 15.12 -2.56
CA TYR B 103 35.43 15.39 -1.64
C TYR B 103 35.22 16.53 -0.66
N ARG B 104 35.95 16.45 0.45
CA ARG B 104 35.85 17.45 1.48
C ARG B 104 36.60 18.68 1.02
N VAL B 105 36.11 19.83 1.47
CA VAL B 105 36.71 21.12 1.13
C VAL B 105 36.24 22.12 2.17
N TYR B 106 36.99 23.19 2.39
CA TYR B 106 36.53 24.19 3.35
C TYR B 106 35.84 25.29 2.60
N CYS B 107 34.66 25.71 3.07
CA CYS B 107 33.90 26.78 2.41
C CYS B 107 33.82 28.01 3.26
N ASP B 108 34.35 29.11 2.73
CA ASP B 108 34.29 30.36 3.44
C ASP B 108 32.93 30.95 3.09
N MET B 109 32.02 30.89 4.06
CA MET B 109 30.69 31.38 3.85
C MET B 109 30.48 32.82 4.26
N ASN B 110 31.56 33.58 4.44
CA ASN B 110 31.39 34.98 4.81
C ASN B 110 32.63 35.83 4.69
N THR B 111 32.85 36.38 3.51
CA THR B 111 34.01 37.23 3.32
C THR B 111 33.57 38.28 2.34
N GLU B 112 33.23 37.84 1.15
CA GLU B 112 32.80 38.76 0.14
C GLU B 112 31.51 38.13 -0.30
N ASN B 113 30.58 38.06 0.66
CA ASN B 113 29.27 37.46 0.45
C ASN B 113 29.31 35.93 0.50
N GLY B 114 30.48 35.36 0.80
CA GLY B 114 30.60 33.91 0.87
C GLY B 114 30.51 33.12 -0.44
N GLY B 115 30.69 31.80 -0.36
CA GLY B 115 30.63 30.94 -1.54
C GLY B 115 32.03 30.62 -2.04
N TRP B 116 33.01 30.90 -1.19
CA TRP B 116 34.38 30.68 -1.54
C TRP B 116 34.90 29.31 -1.22
N THR B 117 35.22 28.59 -2.27
CA THR B 117 35.78 27.27 -2.11
C THR B 117 37.26 27.51 -1.84
N VAL B 118 37.67 27.26 -0.60
CA VAL B 118 39.05 27.44 -0.23
C VAL B 118 39.88 26.45 -1.02
N ILE B 119 40.88 26.96 -1.74
CA ILE B 119 41.76 26.15 -2.59
C ILE B 119 43.21 25.95 -2.08
N GLN B 120 43.63 26.78 -1.13
CA GLN B 120 44.96 26.72 -0.54
C GLN B 120 44.86 27.59 0.70
N ASN B 121 45.55 27.20 1.76
CA ASN B 121 45.52 27.97 3.00
C ASN B 121 46.80 27.82 3.83
N ARG B 122 47.36 28.96 4.23
CA ARG B 122 48.54 29.01 5.08
C ARG B 122 48.12 29.85 6.29
N GLN B 123 48.60 29.48 7.48
CA GLN B 123 48.25 30.21 8.70
C GLN B 123 49.05 29.92 9.96
N ASP B 124 49.80 28.81 9.98
CA ASP B 124 50.57 28.48 11.17
C ASP B 124 51.78 27.55 10.94
N GLY B 125 52.08 27.29 9.67
CA GLY B 125 53.20 26.44 9.32
C GLY B 125 53.11 25.00 9.77
N SER B 126 51.90 24.46 9.90
CA SER B 126 51.74 23.08 10.34
C SER B 126 51.83 21.98 9.26
N VAL B 127 52.02 22.35 7.98
CA VAL B 127 52.10 21.40 6.87
C VAL B 127 53.28 21.61 5.90
N ASP B 128 53.98 20.52 5.56
CA ASP B 128 55.10 20.61 4.63
C ASP B 128 54.50 20.86 3.27
N PHE B 129 54.91 21.94 2.66
CA PHE B 129 54.39 22.27 1.34
C PHE B 129 55.39 21.96 0.30
N GLY B 130 56.60 21.64 0.75
CA GLY B 130 57.67 21.28 -0.17
C GLY B 130 57.43 19.82 -0.49
N ARG B 131 56.57 19.59 -1.46
CA ARG B 131 56.20 18.26 -1.91
C ARG B 131 56.40 18.12 -3.42
N LYS B 132 56.55 16.87 -3.87
CA LYS B 132 56.79 16.59 -5.27
C LYS B 132 55.55 16.81 -6.11
N TRP B 133 55.63 16.43 -7.38
CA TRP B 133 54.52 16.60 -8.29
C TRP B 133 53.20 15.95 -7.86
N ASP B 134 53.20 14.63 -7.61
CA ASP B 134 51.97 13.95 -7.21
C ASP B 134 51.09 14.53 -6.11
N PRO B 135 51.68 14.91 -4.96
CA PRO B 135 50.92 15.48 -3.85
C PRO B 135 50.19 16.75 -4.26
N TYR B 136 50.84 17.55 -5.08
CA TYR B 136 50.20 18.75 -5.55
C TYR B 136 49.02 18.40 -6.45
N LYS B 137 49.12 17.29 -7.18
CA LYS B 137 48.06 16.87 -8.07
C LYS B 137 46.87 16.39 -7.29
N GLN B 138 47.11 15.47 -6.36
CA GLN B 138 46.05 14.89 -5.52
C GLN B 138 45.55 15.88 -4.49
N GLY B 139 46.49 16.59 -3.89
CA GLY B 139 46.17 17.54 -2.85
C GLY B 139 46.76 16.93 -1.60
N PHE B 140 47.00 17.75 -0.59
CA PHE B 140 47.58 17.27 0.64
C PHE B 140 47.22 18.23 1.76
N GLY B 141 47.51 17.84 2.98
CA GLY B 141 47.24 18.72 4.11
C GLY B 141 45.97 18.40 4.83
N ASN B 142 45.61 19.30 5.74
CA ASN B 142 44.40 19.14 6.53
C ASN B 142 43.36 20.17 6.14
N VAL B 143 42.23 19.70 5.60
CA VAL B 143 41.17 20.60 5.18
C VAL B 143 40.56 21.40 6.30
N ALA B 144 40.15 20.70 7.35
CA ALA B 144 39.56 21.37 8.47
C ALA B 144 39.83 20.62 9.73
N THR B 145 39.73 21.34 10.85
CA THR B 145 39.94 20.79 12.17
C THR B 145 38.82 21.16 13.10
N ASN B 146 38.67 20.40 14.18
CA ASN B 146 37.62 20.64 15.16
C ASN B 146 37.84 21.93 15.90
N THR B 147 36.75 22.60 16.25
CA THR B 147 36.85 23.86 16.95
C THR B 147 37.36 23.61 18.38
N ASP B 148 36.62 24.08 19.37
CA ASP B 148 36.97 23.89 20.76
C ASP B 148 36.76 22.41 21.07
N GLY B 149 35.59 21.95 20.71
CA GLY B 149 35.22 20.57 20.92
C GLY B 149 33.83 20.36 20.36
N LYS B 150 33.49 21.13 19.32
CA LYS B 150 32.18 21.02 18.66
C LYS B 150 32.11 19.76 17.85
N ASN B 151 30.90 19.37 17.46
CA ASN B 151 30.70 18.16 16.67
C ASN B 151 31.28 18.31 15.27
N TYR B 152 31.54 19.55 14.87
CA TYR B 152 32.05 19.80 13.52
C TYR B 152 33.39 20.53 13.37
N CYS B 153 33.91 20.43 12.15
CA CYS B 153 35.18 21.04 11.81
C CYS B 153 35.01 22.42 11.15
N GLY B 154 34.87 23.42 11.99
CA GLY B 154 34.68 24.78 11.51
C GLY B 154 35.96 25.55 11.20
N LEU B 155 37.12 24.94 11.45
CA LEU B 155 38.38 25.60 11.18
C LEU B 155 39.10 24.99 10.02
N PRO B 156 39.67 25.83 9.16
CA PRO B 156 40.40 25.33 7.99
C PRO B 156 41.83 25.04 8.43
N GLY B 157 42.39 23.93 7.99
CA GLY B 157 43.76 23.67 8.33
C GLY B 157 44.56 24.13 7.12
N GLU B 158 45.86 23.95 7.15
CA GLU B 158 46.63 24.32 5.99
C GLU B 158 46.48 23.16 4.99
N TYR B 159 46.19 23.51 3.74
CA TYR B 159 46.05 22.52 2.72
C TYR B 159 46.18 23.04 1.30
N TRP B 160 46.22 22.08 0.37
CA TRP B 160 46.32 22.35 -1.03
C TRP B 160 45.32 21.37 -1.63
N LEU B 161 44.30 21.90 -2.30
CA LEU B 161 43.26 21.06 -2.86
C LEU B 161 43.75 20.06 -3.88
N GLY B 162 44.89 20.35 -4.48
CA GLY B 162 45.40 19.47 -5.50
C GLY B 162 45.03 20.06 -6.86
N ASN B 163 45.99 20.08 -7.76
CA ASN B 163 45.82 20.61 -9.09
C ASN B 163 44.68 20.08 -9.95
N ASP B 164 44.42 18.78 -9.88
CA ASP B 164 43.35 18.24 -10.68
C ASP B 164 42.01 18.83 -10.35
N LYS B 165 41.67 18.85 -9.07
CA LYS B 165 40.40 19.38 -8.61
C LYS B 165 40.28 20.84 -8.97
N ILE B 166 41.35 21.59 -8.75
CA ILE B 166 41.38 23.01 -9.08
C ILE B 166 41.12 23.21 -10.55
N SER B 167 41.89 22.51 -11.37
CA SER B 167 41.72 22.58 -12.80
C SER B 167 40.25 22.37 -13.16
N GLN B 168 39.70 21.21 -12.84
CA GLN B 168 38.30 20.86 -13.11
C GLN B 168 37.36 21.97 -12.71
N LEU B 169 37.56 22.48 -11.50
CA LEU B 169 36.71 23.53 -10.97
C LEU B 169 36.71 24.81 -11.79
N THR B 170 37.89 25.36 -12.01
CA THR B 170 38.03 26.60 -12.74
C THR B 170 37.49 26.44 -14.14
N ARG B 171 37.38 25.19 -14.60
CA ARG B 171 36.91 24.87 -15.94
C ARG B 171 35.44 24.54 -16.11
N MET B 172 34.65 24.74 -15.06
CA MET B 172 33.21 24.48 -15.12
C MET B 172 32.56 25.78 -15.63
N GLY B 173 33.32 26.85 -15.61
CA GLY B 173 32.83 28.13 -16.05
C GLY B 173 33.66 29.24 -15.45
N PRO B 174 33.25 30.50 -15.67
CA PRO B 174 33.95 31.68 -15.16
C PRO B 174 34.12 31.60 -13.65
N THR B 175 35.34 31.38 -13.22
CA THR B 175 35.64 31.28 -11.80
C THR B 175 36.61 32.42 -11.45
N GLU B 176 36.39 33.04 -10.30
CA GLU B 176 37.19 34.17 -9.85
C GLU B 176 37.98 33.82 -8.62
N LEU B 177 39.26 34.15 -8.67
CA LEU B 177 40.18 33.87 -7.59
C LEU B 177 40.33 35.04 -6.63
N LEU B 178 40.35 34.70 -5.35
CA LEU B 178 40.52 35.70 -4.31
C LEU B 178 41.66 35.24 -3.43
N ILE B 179 42.70 36.06 -3.38
CA ILE B 179 43.87 35.76 -2.59
C ILE B 179 44.06 36.77 -1.48
N GLU B 180 43.99 36.31 -0.23
CA GLU B 180 44.20 37.18 0.94
C GLU B 180 45.48 36.79 1.68
N MET B 181 46.08 37.77 2.35
CA MET B 181 47.31 37.54 3.09
C MET B 181 47.38 38.53 4.22
N GLU B 182 48.24 38.24 5.19
CA GLU B 182 48.38 39.09 6.36
C GLU B 182 49.76 38.96 6.95
N ASP B 183 50.40 40.10 7.21
CA ASP B 183 51.74 40.13 7.81
C ASP B 183 51.65 39.80 9.30
N TRP B 184 52.80 39.77 9.95
CA TRP B 184 52.82 39.42 11.34
C TRP B 184 52.34 40.50 12.28
N LYS B 185 51.93 41.63 11.74
CA LYS B 185 51.44 42.70 12.58
C LYS B 185 49.93 42.87 12.42
N GLY B 186 49.28 41.85 11.88
CA GLY B 186 47.85 41.91 11.73
C GLY B 186 47.25 42.72 10.59
N ASP B 187 48.08 43.32 9.75
CA ASP B 187 47.55 44.07 8.62
C ASP B 187 47.22 43.06 7.55
N LYS B 188 46.11 43.27 6.86
CA LYS B 188 45.67 42.33 5.82
C LYS B 188 45.26 43.00 4.52
N VAL B 189 45.68 42.41 3.41
CA VAL B 189 45.34 42.92 2.10
C VAL B 189 44.74 41.79 1.30
N LYS B 190 44.33 42.13 0.09
CA LYS B 190 43.76 41.14 -0.79
C LYS B 190 44.13 41.41 -2.25
N ALA B 191 44.06 40.35 -3.05
CA ALA B 191 44.33 40.40 -4.49
C ALA B 191 43.23 39.55 -5.11
N HIS B 192 42.42 40.19 -5.95
CA HIS B 192 41.28 39.56 -6.58
C HIS B 192 41.43 39.53 -8.10
N TYR B 193 41.04 38.40 -8.70
CA TYR B 193 41.13 38.23 -10.13
C TYR B 193 39.83 37.71 -10.67
N GLY B 194 39.18 38.51 -11.52
CA GLY B 194 37.91 38.11 -12.09
C GLY B 194 37.98 36.88 -12.96
N GLY B 195 39.14 36.66 -13.55
CA GLY B 195 39.33 35.50 -14.40
C GLY B 195 40.42 34.63 -13.83
N PHE B 196 40.14 33.34 -13.73
CA PHE B 196 41.11 32.40 -13.19
C PHE B 196 40.95 31.03 -13.79
N THR B 197 42.03 30.50 -14.31
CA THR B 197 41.96 29.20 -14.94
C THR B 197 43.24 28.37 -14.79
N VAL B 198 43.03 27.07 -14.66
CA VAL B 198 44.11 26.13 -14.54
C VAL B 198 43.83 24.93 -15.42
N GLN B 199 44.67 24.76 -16.44
CA GLN B 199 44.52 23.68 -17.40
C GLN B 199 44.72 22.30 -16.81
N ASN B 200 44.40 21.28 -17.59
CA ASN B 200 44.58 19.89 -17.15
C ASN B 200 46.06 19.62 -16.97
N GLU B 201 46.37 18.44 -16.48
CA GLU B 201 47.77 18.06 -16.27
C GLU B 201 48.51 18.08 -17.59
N ALA B 202 47.82 17.72 -18.66
CA ALA B 202 48.39 17.69 -19.98
C ALA B 202 49.02 19.04 -20.35
N ASN B 203 48.36 20.13 -19.98
CA ASN B 203 48.88 21.46 -20.29
C ASN B 203 49.67 21.99 -19.11
N LYS B 204 50.15 21.03 -18.33
CA LYS B 204 50.95 21.27 -17.15
C LYS B 204 50.30 22.27 -16.20
N TYR B 205 48.99 22.12 -16.01
CA TYR B 205 48.22 23.00 -15.13
C TYR B 205 48.53 24.46 -15.41
N GLN B 206 48.59 24.82 -16.68
CA GLN B 206 48.92 26.18 -17.09
C GLN B 206 47.92 27.20 -16.51
N ILE B 207 48.46 28.16 -15.77
CA ILE B 207 47.64 29.19 -15.13
C ILE B 207 47.32 30.41 -16.00
N SER B 208 46.18 31.05 -15.74
CA SER B 208 45.76 32.23 -16.47
C SER B 208 44.87 33.13 -15.60
N VAL B 209 45.20 34.42 -15.57
CA VAL B 209 44.41 35.36 -14.77
C VAL B 209 44.13 36.73 -15.46
N ASN B 210 43.01 37.33 -15.08
CA ASN B 210 42.58 38.62 -15.63
C ASN B 210 41.95 39.45 -14.55
N LYS B 211 41.47 40.61 -14.96
CA LYS B 211 40.81 41.55 -14.08
C LYS B 211 41.25 41.56 -12.63
N TYR B 212 42.47 42.02 -12.39
CA TYR B 212 42.93 42.11 -11.02
C TYR B 212 42.34 43.37 -10.39
N ARG B 213 42.01 43.27 -9.12
CA ARG B 213 41.46 44.37 -8.38
C ARG B 213 41.84 44.05 -6.95
N GLY B 214 42.58 44.96 -6.33
CA GLY B 214 43.01 44.73 -4.95
C GLY B 214 44.09 45.63 -4.37
N THR B 215 44.30 45.50 -3.08
CA THR B 215 45.29 46.29 -2.37
C THR B 215 46.64 45.62 -2.25
N ALA B 216 46.74 44.33 -2.58
CA ALA B 216 47.99 43.56 -2.45
C ALA B 216 49.10 43.82 -3.47
N GLY B 217 48.73 44.22 -4.68
CA GLY B 217 49.73 44.42 -5.70
C GLY B 217 49.54 43.23 -6.62
N ASN B 218 49.54 43.49 -7.91
CA ASN B 218 49.35 42.45 -8.90
C ASN B 218 50.66 41.77 -9.24
N ALA B 219 51.07 40.86 -8.36
CA ALA B 219 52.30 40.14 -8.56
C ALA B 219 52.13 39.14 -9.68
N LEU B 220 50.91 38.64 -9.82
CA LEU B 220 50.63 37.64 -10.83
C LEU B 220 50.69 38.03 -12.30
N MET B 221 50.06 39.15 -12.64
CA MET B 221 50.05 39.61 -14.04
C MET B 221 51.15 40.59 -14.32
N ASP B 222 51.36 41.53 -13.40
CA ASP B 222 52.37 42.57 -13.56
C ASP B 222 53.75 42.27 -13.01
N GLY B 223 53.94 41.14 -12.32
CA GLY B 223 55.24 40.84 -11.75
C GLY B 223 55.62 41.82 -10.64
N ALA B 224 56.88 41.78 -10.20
CA ALA B 224 57.36 42.65 -9.12
C ALA B 224 57.43 44.15 -9.39
N SER B 225 56.61 44.93 -8.70
CA SER B 225 56.58 46.37 -8.86
C SER B 225 57.95 47.01 -8.63
N GLN B 226 58.72 46.40 -7.73
CA GLN B 226 60.05 46.92 -7.41
C GLN B 226 61.10 46.67 -8.49
N LEU B 227 61.02 45.53 -9.16
CA LEU B 227 61.98 45.19 -10.20
C LEU B 227 61.81 46.00 -11.46
N MET B 228 62.84 45.99 -12.31
CA MET B 228 62.83 46.73 -13.58
C MET B 228 62.97 45.86 -14.82
N GLY B 229 62.21 46.19 -15.86
CA GLY B 229 62.23 45.48 -17.15
C GLY B 229 62.53 44.00 -17.18
N GLU B 230 63.73 43.65 -17.63
CA GLU B 230 64.20 42.26 -17.72
C GLU B 230 63.81 41.42 -16.50
N ASN B 231 64.22 41.91 -15.34
CA ASN B 231 63.98 41.23 -14.09
C ASN B 231 62.51 41.23 -13.69
N ARG B 232 61.81 42.33 -13.96
CA ARG B 232 60.40 42.39 -13.60
C ARG B 232 59.52 41.41 -14.34
N THR B 233 59.66 41.29 -15.65
CA THR B 233 58.80 40.38 -16.40
C THR B 233 59.14 38.91 -16.19
N MET B 234 60.35 38.63 -15.71
CA MET B 234 60.75 37.26 -15.49
C MET B 234 60.17 36.73 -14.19
N THR B 235 59.36 37.58 -13.55
CA THR B 235 58.70 37.23 -12.32
C THR B 235 57.18 37.17 -12.50
N ILE B 236 56.71 37.49 -13.71
CA ILE B 236 55.27 37.46 -14.00
C ILE B 236 54.87 36.00 -14.03
N HIS B 237 53.71 35.69 -13.48
CA HIS B 237 53.23 34.31 -13.42
C HIS B 237 52.15 33.95 -14.42
N ASN B 238 51.51 34.94 -15.03
CA ASN B 238 50.47 34.63 -16.01
C ASN B 238 51.08 33.80 -17.14
N GLY B 239 50.41 32.73 -17.53
CA GLY B 239 50.92 31.91 -18.61
C GLY B 239 51.96 30.86 -18.25
N MET B 240 52.45 30.91 -17.01
CA MET B 240 53.44 29.95 -16.55
C MET B 240 52.88 28.55 -16.34
N PHE B 241 53.79 27.58 -16.21
CA PHE B 241 53.37 26.20 -15.97
C PHE B 241 53.64 25.88 -14.51
N PHE B 242 53.04 24.81 -14.04
CA PHE B 242 53.28 24.44 -12.66
C PHE B 242 54.60 23.67 -12.54
N SER B 243 55.35 23.90 -11.46
CA SER B 243 56.63 23.22 -11.26
C SER B 243 56.83 22.78 -9.81
N THR B 244 57.13 21.51 -9.62
CA THR B 244 57.41 20.94 -8.31
C THR B 244 58.92 20.64 -8.34
N TYR B 245 59.55 20.52 -7.18
CA TYR B 245 61.00 20.31 -7.21
C TYR B 245 61.44 19.09 -8.02
N ASP B 246 60.55 18.12 -8.15
CA ASP B 246 60.89 16.94 -8.93
C ASP B 246 60.55 17.15 -10.40
N ARG B 247 59.48 17.87 -10.69
CA ARG B 247 59.14 18.13 -12.06
C ARG B 247 59.15 19.61 -12.33
N ASP B 248 60.12 20.08 -13.10
CA ASP B 248 60.23 21.52 -13.38
C ASP B 248 59.85 22.02 -14.80
N ASN B 249 59.03 23.06 -14.82
CA ASN B 249 58.54 23.65 -16.06
C ASN B 249 58.50 25.17 -15.92
N ASP B 250 59.52 25.72 -15.28
CA ASP B 250 59.62 27.17 -15.11
C ASP B 250 60.35 27.83 -16.28
N GLY B 251 60.72 29.10 -16.14
CA GLY B 251 61.47 29.79 -17.18
C GLY B 251 62.95 29.68 -16.83
N TRP B 252 63.70 28.87 -17.59
CA TRP B 252 65.11 28.67 -17.30
C TRP B 252 65.97 27.99 -18.37
N LEU B 253 67.27 28.05 -18.13
CA LEU B 253 68.28 27.42 -19.00
C LEU B 253 68.57 26.09 -18.34
N THR B 254 68.23 25.01 -19.02
CA THR B 254 68.44 23.67 -18.47
C THR B 254 69.93 23.35 -18.27
N SER B 255 70.56 24.09 -17.37
CA SER B 255 71.97 23.92 -17.02
C SER B 255 72.02 22.79 -15.99
N ASP B 256 71.34 21.70 -16.32
CA ASP B 256 71.27 20.52 -15.47
C ASP B 256 70.58 20.85 -14.13
N PRO B 257 70.69 19.98 -13.10
CA PRO B 257 70.02 20.31 -11.84
C PRO B 257 70.40 21.62 -11.15
N ARG B 258 71.18 22.46 -11.84
CA ARG B 258 71.63 23.73 -11.29
C ARG B 258 70.47 24.66 -10.90
N LYS B 259 70.18 25.67 -11.72
CA LYS B 259 69.09 26.62 -11.43
C LYS B 259 67.69 26.07 -11.71
N GLN B 260 66.87 26.06 -10.66
CA GLN B 260 65.50 25.60 -10.71
C GLN B 260 64.86 26.51 -9.69
N CYS B 261 63.76 27.15 -10.04
CA CYS B 261 63.10 28.02 -9.09
C CYS B 261 62.58 27.24 -7.92
N SER B 262 61.95 26.11 -8.21
CA SER B 262 61.39 25.23 -7.18
C SER B 262 62.49 24.24 -6.79
N LYS B 263 62.72 24.09 -5.49
CA LYS B 263 63.76 23.17 -5.05
C LYS B 263 63.43 22.34 -3.80
N GLU B 264 64.47 21.82 -3.14
CA GLU B 264 64.30 21.00 -1.93
C GLU B 264 63.42 21.69 -0.88
N ASP B 265 62.33 21.02 -0.53
CA ASP B 265 61.33 21.50 0.43
C ASP B 265 60.72 22.85 0.02
N GLY B 266 61.08 23.31 -1.18
CA GLY B 266 60.56 24.56 -1.73
C GLY B 266 59.24 24.22 -2.38
N GLY B 267 58.30 25.15 -2.34
CA GLY B 267 56.98 24.87 -2.88
C GLY B 267 56.79 24.70 -4.36
N GLY B 268 55.75 23.96 -4.73
CA GLY B 268 55.40 23.79 -6.14
C GLY B 268 54.61 25.04 -6.46
N TRP B 269 54.76 25.61 -7.65
CA TRP B 269 54.06 26.85 -7.97
C TRP B 269 54.22 27.13 -9.46
N TRP B 270 53.63 28.22 -9.94
CA TRP B 270 53.77 28.60 -11.35
C TRP B 270 54.88 29.61 -11.43
N TYR B 271 56.11 29.10 -11.45
CA TYR B 271 57.31 29.92 -11.51
C TYR B 271 57.65 30.29 -12.93
N ASN B 272 58.09 31.54 -13.10
CA ASN B 272 58.48 32.09 -14.38
C ASN B 272 59.98 31.95 -14.28
N ARG B 273 60.75 33.02 -14.52
CA ARG B 273 62.19 32.93 -14.31
C ARG B 273 62.19 33.28 -12.84
N CYS B 274 61.41 32.45 -12.17
CA CYS B 274 61.12 32.42 -10.75
C CYS B 274 59.83 33.12 -10.31
N HIS B 275 59.86 33.90 -9.24
CA HIS B 275 58.60 34.46 -8.78
C HIS B 275 58.56 35.90 -8.38
N ALA B 276 57.33 36.33 -8.09
CA ALA B 276 56.98 37.66 -7.61
C ALA B 276 56.09 37.40 -6.38
N ALA B 277 55.56 36.19 -6.31
CA ALA B 277 54.69 35.74 -5.23
C ALA B 277 54.91 34.25 -5.07
N ASN B 278 54.94 33.79 -3.83
CA ASN B 278 55.13 32.38 -3.52
C ASN B 278 54.33 31.99 -2.28
N PRO B 279 53.04 31.68 -2.48
CA PRO B 279 52.10 31.27 -1.44
C PRO B 279 52.42 29.89 -0.86
N ASN B 280 53.13 29.08 -1.63
CA ASN B 280 53.52 27.76 -1.18
C ASN B 280 54.99 27.66 -0.74
N GLY B 281 55.60 28.81 -0.52
CA GLY B 281 56.98 28.84 -0.10
C GLY B 281 57.13 28.27 1.27
N ARG B 282 58.23 28.61 1.93
CA ARG B 282 58.50 28.11 3.27
C ARG B 282 57.97 29.04 4.34
N TYR B 283 57.39 28.42 5.37
CA TYR B 283 56.80 29.17 6.47
C TYR B 283 57.79 29.59 7.58
N TYR B 284 58.45 30.72 7.37
CA TYR B 284 59.37 31.27 8.36
C TYR B 284 58.54 31.98 9.42
N TRP B 285 58.94 31.80 10.68
CA TRP B 285 58.25 32.39 11.81
C TRP B 285 58.67 33.82 12.02
N GLY B 286 57.68 34.66 12.33
CA GLY B 286 57.94 36.06 12.54
C GLY B 286 57.89 36.83 11.23
N GLY B 287 57.89 36.10 10.14
CA GLY B 287 57.83 36.72 8.82
C GLY B 287 59.06 37.47 8.37
N GLN B 288 60.18 37.23 9.01
CA GLN B 288 61.41 37.92 8.63
C GLN B 288 62.52 36.90 8.48
N TYR B 289 63.19 36.91 7.33
CA TYR B 289 64.29 35.98 7.11
C TYR B 289 65.40 36.55 6.25
N THR B 290 66.49 35.80 6.18
CA THR B 290 67.66 36.21 5.43
C THR B 290 68.23 35.04 4.65
N TRP B 291 69.08 35.34 3.69
CA TRP B 291 69.67 34.33 2.83
C TRP B 291 70.40 33.24 3.60
N ASP B 292 71.02 33.58 4.73
CA ASP B 292 71.73 32.59 5.53
C ASP B 292 70.76 31.73 6.32
N MET B 293 69.53 32.20 6.42
CA MET B 293 68.48 31.44 7.09
C MET B 293 67.88 30.52 6.03
N ALA B 294 67.69 31.07 4.84
CA ALA B 294 67.13 30.32 3.72
C ALA B 294 68.00 29.14 3.34
N LYS B 295 67.36 27.98 3.20
CA LYS B 295 68.03 26.72 2.87
C LYS B 295 68.96 26.84 1.71
N HIS B 296 68.52 27.57 0.69
CA HIS B 296 69.33 27.75 -0.50
C HIS B 296 69.79 29.19 -0.67
N GLY B 297 69.64 30.01 0.37
CA GLY B 297 70.04 31.39 0.26
C GLY B 297 69.08 32.16 -0.63
N THR B 298 67.93 31.56 -0.90
CA THR B 298 66.92 32.17 -1.75
C THR B 298 65.69 32.73 -1.02
N ASP B 299 64.71 33.14 -1.82
CA ASP B 299 63.44 33.68 -1.35
C ASP B 299 62.45 32.59 -0.97
N ASP B 300 62.92 31.53 -0.30
CA ASP B 300 62.12 30.39 0.13
C ASP B 300 60.71 30.69 0.63
N GLY B 301 60.59 31.76 1.40
CA GLY B 301 59.32 32.13 2.01
C GLY B 301 57.99 32.23 1.30
N VAL B 302 56.97 32.48 2.14
CA VAL B 302 55.60 32.64 1.71
C VAL B 302 55.50 34.12 1.40
N VAL B 303 56.08 34.44 0.24
CA VAL B 303 56.27 35.76 -0.34
C VAL B 303 55.21 36.40 -1.26
N TRP B 304 55.20 37.73 -1.27
CA TRP B 304 54.34 38.53 -2.12
C TRP B 304 55.10 39.84 -2.23
N MET B 305 56.10 39.84 -3.10
CA MET B 305 56.94 41.01 -3.28
C MET B 305 56.21 42.32 -3.46
N ASN B 306 55.13 42.33 -4.25
CA ASN B 306 54.39 43.56 -4.46
C ASN B 306 53.91 44.23 -3.18
N TRP B 307 53.88 43.48 -2.09
CA TRP B 307 53.44 44.03 -0.81
C TRP B 307 54.57 44.26 0.19
N LYS B 308 55.12 43.18 0.72
CA LYS B 308 56.20 43.25 1.68
C LYS B 308 57.54 42.93 1.01
N GLY B 309 57.53 42.83 -0.32
CA GLY B 309 58.77 42.50 -1.00
C GLY B 309 59.28 41.12 -0.63
N SER B 310 60.53 40.86 -1.00
CA SER B 310 61.20 39.61 -0.73
C SER B 310 61.59 39.58 0.73
N TRP B 311 62.01 38.40 1.20
CA TRP B 311 62.44 38.23 2.60
C TRP B 311 61.37 38.53 3.66
N TYR B 312 60.13 38.18 3.37
CA TYR B 312 59.07 38.35 4.35
C TYR B 312 57.98 37.31 4.14
N SER B 313 57.94 36.30 5.02
CA SER B 313 56.93 35.23 4.96
C SER B 313 55.68 35.69 5.75
N MET B 314 54.59 35.98 5.04
CA MET B 314 53.37 36.45 5.65
C MET B 314 52.93 35.53 6.77
N ARG B 315 52.07 36.03 7.66
CA ARG B 315 51.56 35.20 8.74
C ARG B 315 50.45 34.32 8.15
N LYS B 316 49.62 34.93 7.31
CA LYS B 316 48.51 34.23 6.68
C LYS B 316 48.39 34.48 5.18
N MET B 317 48.09 33.41 4.44
CA MET B 317 47.97 33.48 2.98
C MET B 317 46.95 32.43 2.54
N SER B 318 45.96 32.86 1.77
CA SER B 318 44.91 31.94 1.32
C SER B 318 44.49 32.19 -0.12
N MET B 319 43.99 31.14 -0.74
CA MET B 319 43.53 31.20 -2.12
C MET B 319 42.20 30.49 -2.20
N LYS B 320 41.19 31.19 -2.69
CA LYS B 320 39.86 30.63 -2.79
C LYS B 320 39.23 31.11 -4.06
N ILE B 321 38.30 30.30 -4.56
CA ILE B 321 37.60 30.57 -5.79
C ILE B 321 36.09 30.63 -5.65
N ARG B 322 35.41 30.92 -6.74
CA ARG B 322 33.96 31.03 -6.74
C ARG B 322 33.58 31.26 -8.16
N PRO B 323 32.47 30.66 -8.61
CA PRO B 323 32.07 30.87 -10.00
C PRO B 323 31.68 32.34 -10.11
N PHE B 324 32.04 32.95 -11.24
CA PHE B 324 31.76 34.36 -11.44
C PHE B 324 30.28 34.76 -11.43
N PHE B 325 29.48 34.21 -12.34
CA PHE B 325 28.05 34.53 -12.43
C PHE B 325 27.86 36.06 -12.51
N PRO B 326 28.33 36.67 -13.62
CA PRO B 326 28.20 38.13 -13.80
C PRO B 326 26.76 38.57 -14.12
N LYS C 1 117.37 40.87 26.31
CA LYS C 1 116.60 39.61 26.23
C LYS C 1 116.70 38.93 24.86
N MET C 2 117.91 38.51 24.49
CA MET C 2 118.17 37.85 23.22
C MET C 2 117.53 36.45 23.21
N LEU C 3 118.34 35.40 23.33
CA LEU C 3 117.83 34.02 23.38
C LEU C 3 117.21 33.85 24.76
N GLU C 4 116.37 34.82 25.13
CA GLU C 4 115.72 34.87 26.41
C GLU C 4 114.25 35.20 26.19
N GLU C 5 114.02 36.25 25.42
CA GLU C 5 112.66 36.65 25.07
C GLU C 5 112.27 35.70 23.94
N ILE C 6 113.22 35.47 23.04
CA ILE C 6 113.04 34.58 21.89
C ILE C 6 113.03 33.12 22.34
N MET C 7 113.66 32.85 23.48
CA MET C 7 113.69 31.49 24.02
C MET C 7 112.27 31.17 24.49
N LYS C 8 111.59 32.21 24.99
CA LYS C 8 110.23 32.12 25.47
C LYS C 8 109.24 32.05 24.30
N TYR C 9 109.74 32.24 23.08
CA TYR C 9 108.90 32.23 21.88
C TYR C 9 109.21 31.18 20.80
N GLU C 10 110.43 30.65 20.77
CA GLU C 10 110.79 29.64 19.77
C GLU C 10 110.14 28.27 20.04
N ALA C 11 109.53 28.14 21.21
CA ALA C 11 108.85 26.91 21.62
C ALA C 11 107.41 27.23 22.02
N SER C 12 107.09 28.52 22.10
CA SER C 12 105.74 29.00 22.47
C SER C 12 104.78 28.90 21.28
N ILE C 13 105.27 28.35 20.17
CA ILE C 13 104.46 28.16 18.97
C ILE C 13 103.89 26.73 18.98
N LEU C 14 104.38 25.93 19.92
CA LEU C 14 103.92 24.57 20.12
C LEU C 14 102.99 24.56 21.33
N THR C 15 102.94 25.69 22.03
CA THR C 15 102.09 25.86 23.21
C THR C 15 100.66 26.12 22.73
N HIS C 16 100.53 27.06 21.80
CA HIS C 16 99.24 27.44 21.22
C HIS C 16 98.83 26.50 20.07
N ASP C 17 99.77 25.71 19.57
CA ASP C 17 99.49 24.76 18.48
C ASP C 17 98.48 23.71 18.92
N SER C 18 98.28 23.61 20.23
CA SER C 18 97.33 22.66 20.82
C SER C 18 95.91 23.25 20.72
N SER C 19 95.71 24.07 19.69
CA SER C 19 94.44 24.73 19.41
C SER C 19 94.26 24.84 17.88
N ILE C 20 94.96 23.97 17.15
CA ILE C 20 94.88 23.92 15.69
C ILE C 20 94.47 22.51 15.32
N ARG C 21 95.22 21.54 15.81
CA ARG C 21 94.90 20.15 15.56
C ARG C 21 93.66 19.86 16.40
N TYR C 22 93.60 20.52 17.56
CA TYR C 22 92.49 20.39 18.50
C TYR C 22 91.25 21.09 17.95
N LEU C 23 91.44 22.20 17.24
CA LEU C 23 90.33 22.93 16.65
C LEU C 23 90.00 22.51 15.21
N GLN C 24 90.21 21.23 14.94
CA GLN C 24 89.91 20.62 13.64
C GLN C 24 89.32 19.25 13.98
N GLU C 25 89.36 18.93 15.27
CA GLU C 25 88.79 17.70 15.80
C GLU C 25 87.31 18.05 15.88
N ILE C 26 87.04 19.28 16.34
CA ILE C 26 85.68 19.77 16.49
C ILE C 26 85.03 20.00 15.14
N TYR C 27 85.75 20.69 14.24
CA TYR C 27 85.21 20.96 12.92
C TYR C 27 84.89 19.67 12.17
N ASN C 28 85.72 18.65 12.33
CA ASN C 28 85.48 17.38 11.67
C ASN C 28 84.39 16.54 12.35
N SER C 29 84.19 16.78 13.65
CA SER C 29 83.18 16.07 14.41
C SER C 29 81.85 16.79 14.28
N ASN C 30 81.85 18.10 14.54
CA ASN C 30 80.63 18.90 14.42
C ASN C 30 80.02 18.71 13.04
N ASN C 31 80.87 18.84 12.03
CA ASN C 31 80.47 18.68 10.65
C ASN C 31 79.71 17.36 10.47
N GLN C 32 80.34 16.28 10.89
CA GLN C 32 79.77 14.94 10.80
C GLN C 32 78.41 14.83 11.48
N LYS C 33 78.29 15.42 12.67
CA LYS C 33 77.04 15.40 13.46
C LYS C 33 75.88 15.89 12.58
N ILE C 34 76.11 17.03 11.96
CA ILE C 34 75.15 17.70 11.08
C ILE C 34 74.77 16.78 9.93
N VAL C 35 75.77 16.19 9.30
CA VAL C 35 75.55 15.27 8.19
C VAL C 35 74.46 14.27 8.56
N ASN C 36 74.59 13.70 9.75
CA ASN C 36 73.63 12.73 10.24
C ASN C 36 72.41 13.45 10.77
N LEU C 37 72.60 14.64 11.34
CA LEU C 37 71.47 15.39 11.87
C LEU C 37 70.50 15.68 10.71
N LYS C 38 71.08 16.04 9.57
CA LYS C 38 70.31 16.31 8.36
C LYS C 38 69.50 15.06 8.11
N GLU C 39 70.15 13.90 8.23
CA GLU C 39 69.48 12.62 8.02
C GLU C 39 68.36 12.39 9.02
N LYS C 40 68.60 12.74 10.28
CA LYS C 40 67.61 12.53 11.31
C LYS C 40 66.34 13.33 11.02
N VAL C 41 66.50 14.65 10.79
CA VAL C 41 65.36 15.52 10.51
C VAL C 41 64.67 15.11 9.23
N ALA C 42 65.40 14.37 8.39
CA ALA C 42 64.86 13.88 7.12
C ALA C 42 63.85 12.78 7.42
N GLN C 43 64.13 11.98 8.44
CA GLN C 43 63.23 10.92 8.86
C GLN C 43 61.99 11.60 9.47
N LEU C 44 62.24 12.69 10.18
CA LEU C 44 61.18 13.43 10.81
C LEU C 44 60.24 13.99 9.75
N GLU C 45 60.83 14.60 8.72
CA GLU C 45 60.04 15.19 7.64
C GLU C 45 59.11 14.12 7.11
N ALA C 46 59.65 12.93 6.97
CA ALA C 46 58.87 11.82 6.48
C ALA C 46 57.68 11.58 7.39
N GLN C 47 57.97 11.46 8.69
CA GLN C 47 56.93 11.20 9.67
C GLN C 47 55.73 12.09 9.49
N CYS C 48 55.96 13.38 9.27
CA CYS C 48 54.82 14.26 9.09
C CYS C 48 54.67 14.78 7.70
N GLN C 49 53.84 14.09 6.94
CA GLN C 49 53.51 14.47 5.58
C GLN C 49 52.02 14.20 5.54
N GLU C 50 51.63 13.19 6.30
CA GLU C 50 50.24 12.75 6.46
C GLU C 50 49.43 13.77 7.23
N PRO C 51 48.14 13.91 6.90
CA PRO C 51 47.28 14.85 7.60
C PRO C 51 46.67 14.11 8.78
N CYS C 52 46.05 14.83 9.71
CA CYS C 52 45.45 14.17 10.86
C CYS C 52 44.45 13.18 10.39
N LYS C 53 44.16 12.23 11.28
CA LYS C 53 43.20 11.20 11.00
C LYS C 53 41.79 11.70 11.27
N ASP C 54 40.95 11.62 10.25
CA ASP C 54 39.57 12.03 10.43
C ASP C 54 38.83 10.75 10.76
N THR C 55 38.30 10.72 11.97
CA THR C 55 37.54 9.59 12.47
C THR C 55 36.28 9.29 11.65
N VAL C 56 35.83 10.23 10.81
CA VAL C 56 34.65 9.95 9.99
C VAL C 56 35.02 9.30 8.66
N GLN C 57 34.58 8.07 8.52
CA GLN C 57 34.83 7.29 7.33
C GLN C 57 33.50 7.10 6.63
N ILE C 58 33.54 6.86 5.33
CA ILE C 58 32.33 6.62 4.57
C ILE C 58 32.43 5.25 3.92
N HIS C 59 31.30 4.60 3.69
CA HIS C 59 31.34 3.30 3.10
C HIS C 59 31.20 3.26 1.59
N ASP C 60 31.97 2.39 0.99
CA ASP C 60 31.99 2.22 -0.45
C ASP C 60 30.74 1.56 -1.03
N ILE C 61 29.82 1.14 -0.17
CA ILE C 61 28.60 0.49 -0.65
C ILE C 61 27.45 1.48 -0.90
N THR C 62 26.92 1.48 -2.11
CA THR C 62 25.82 2.34 -2.51
C THR C 62 24.57 1.48 -2.69
N GLY C 63 23.42 2.15 -2.80
CA GLY C 63 22.16 1.46 -2.98
C GLY C 63 21.04 2.45 -3.17
N LYS C 64 19.84 1.95 -3.41
CA LYS C 64 18.68 2.81 -3.61
C LYS C 64 18.28 3.36 -2.24
N ASP C 65 18.66 2.64 -1.20
CA ASP C 65 18.33 3.04 0.15
C ASP C 65 19.04 2.10 1.10
N CYS C 66 19.05 2.42 2.39
CA CYS C 66 19.73 1.62 3.40
C CYS C 66 19.35 0.14 3.44
N GLN C 67 18.10 -0.18 3.11
CA GLN C 67 17.71 -1.58 3.11
C GLN C 67 18.39 -2.25 1.93
N ASP C 68 18.37 -1.60 0.77
CA ASP C 68 19.03 -2.13 -0.40
C ASP C 68 20.50 -2.37 -0.08
N ILE C 69 21.07 -1.43 0.66
CA ILE C 69 22.47 -1.52 1.09
C ILE C 69 22.63 -2.70 2.06
N ALA C 70 21.68 -2.81 2.99
CA ALA C 70 21.70 -3.89 3.96
C ALA C 70 21.74 -5.23 3.23
N ASN C 71 21.06 -5.30 2.09
CA ASN C 71 21.02 -6.52 1.30
C ASN C 71 22.37 -6.80 0.69
N LYS C 72 22.97 -5.78 0.10
CA LYS C 72 24.28 -5.90 -0.55
C LYS C 72 25.30 -6.57 0.38
N GLY C 73 25.12 -6.41 1.68
CA GLY C 73 26.05 -7.03 2.60
C GLY C 73 26.57 -6.12 3.70
N ALA C 74 25.91 -4.99 3.88
CA ALA C 74 26.31 -4.03 4.90
C ALA C 74 25.97 -4.56 6.28
N LYS C 75 26.89 -4.39 7.21
CA LYS C 75 26.67 -4.89 8.54
C LYS C 75 26.63 -3.81 9.61
N GLN C 76 27.20 -2.64 9.32
CA GLN C 76 27.25 -1.58 10.31
C GLN C 76 26.55 -0.25 10.02
N SER C 77 25.99 0.34 11.07
CA SER C 77 25.32 1.61 10.97
C SER C 77 26.35 2.69 10.72
N GLY C 78 26.26 3.32 9.56
CA GLY C 78 27.18 4.39 9.22
C GLY C 78 26.68 5.26 8.09
N LEU C 79 27.54 6.12 7.58
CA LEU C 79 27.18 7.01 6.50
C LEU C 79 27.40 6.27 5.18
N TYR C 80 26.51 6.51 4.22
CA TYR C 80 26.62 5.87 2.93
C TYR C 80 26.05 6.78 1.87
N PHE C 81 26.35 6.46 0.61
CA PHE C 81 25.83 7.21 -0.52
C PHE C 81 24.76 6.38 -1.15
N ILE C 82 23.61 7.00 -1.34
CA ILE C 82 22.51 6.31 -1.97
C ILE C 82 22.05 7.18 -3.10
N LYS C 83 21.46 6.56 -4.11
CA LYS C 83 20.93 7.28 -5.26
C LYS C 83 19.63 6.59 -5.64
N PRO C 84 18.49 7.17 -5.23
CA PRO C 84 17.16 6.63 -5.52
C PRO C 84 16.93 6.55 -7.02
N LEU C 85 16.08 5.62 -7.43
CA LEU C 85 15.80 5.42 -8.85
C LEU C 85 15.62 6.68 -9.70
N LYS C 86 14.67 7.51 -9.32
CA LYS C 86 14.40 8.73 -10.05
C LYS C 86 15.44 9.84 -9.81
N ALA C 87 16.32 9.65 -8.83
CA ALA C 87 17.34 10.65 -8.51
C ALA C 87 18.43 10.81 -9.56
N ASN C 88 18.97 12.02 -9.68
CA ASN C 88 20.01 12.28 -10.64
C ASN C 88 21.39 12.26 -9.99
N GLN C 89 21.51 12.91 -8.84
CA GLN C 89 22.78 12.94 -8.11
C GLN C 89 22.62 12.26 -6.75
N GLN C 90 23.58 11.37 -6.44
CA GLN C 90 23.59 10.61 -5.18
C GLN C 90 23.74 11.52 -3.97
N PHE C 91 23.64 10.93 -2.79
CA PHE C 91 23.80 11.70 -1.57
C PHE C 91 24.05 10.82 -0.37
N LEU C 92 24.60 11.45 0.65
CA LEU C 92 24.95 10.79 1.89
C LEU C 92 23.78 10.80 2.85
N VAL C 93 23.62 9.68 3.53
CA VAL C 93 22.55 9.47 4.50
C VAL C 93 23.12 8.64 5.65
N TYR C 94 22.33 8.47 6.71
CA TYR C 94 22.78 7.64 7.82
C TYR C 94 21.96 6.37 7.82
N CYS C 95 22.64 5.24 7.61
CA CYS C 95 21.99 3.93 7.62
C CYS C 95 22.10 3.27 8.98
N GLU C 96 21.00 2.75 9.49
CA GLU C 96 20.98 2.04 10.76
C GLU C 96 20.77 0.56 10.42
N ILE C 97 21.79 -0.26 10.62
CA ILE C 97 21.71 -1.69 10.30
C ILE C 97 21.74 -2.60 11.51
N ASP C 98 20.67 -3.37 11.70
CA ASP C 98 20.63 -4.29 12.83
C ASP C 98 21.19 -5.67 12.40
N GLY C 99 21.27 -6.59 13.35
CA GLY C 99 21.78 -7.92 13.06
C GLY C 99 20.78 -8.77 12.28
N SER C 100 19.51 -8.42 12.38
CA SER C 100 18.46 -9.14 11.69
C SER C 100 18.47 -8.87 10.18
N GLY C 101 19.24 -7.87 9.77
CA GLY C 101 19.35 -7.54 8.36
C GLY C 101 18.54 -6.35 7.87
N ASN C 102 17.87 -5.68 8.78
CA ASN C 102 17.06 -4.51 8.43
C ASN C 102 17.91 -3.26 8.28
N GLY C 103 17.70 -2.56 7.16
CA GLY C 103 18.44 -1.34 6.86
C GLY C 103 17.59 -0.08 6.90
N TRP C 104 17.49 0.51 8.08
CA TRP C 104 16.73 1.73 8.28
C TRP C 104 17.46 2.92 7.70
N THR C 105 16.77 3.71 6.91
CA THR C 105 17.39 4.89 6.35
C THR C 105 16.76 6.10 7.04
N VAL C 106 17.50 6.64 8.00
CA VAL C 106 17.08 7.76 8.85
C VAL C 106 17.04 9.17 8.22
N PHE C 107 15.95 9.89 8.46
CA PHE C 107 15.83 11.22 7.88
C PHE C 107 15.64 12.36 8.86
N GLN C 108 15.72 12.07 10.14
CA GLN C 108 15.56 13.12 11.14
C GLN C 108 15.98 12.60 12.51
N LYS C 109 16.72 13.39 13.26
CA LYS C 109 17.16 12.95 14.57
C LYS C 109 17.46 14.15 15.43
N ARG C 110 16.97 14.12 16.65
CA ARG C 110 17.21 15.21 17.58
C ARG C 110 17.83 14.49 18.76
N LEU C 111 18.68 15.18 19.52
CA LEU C 111 19.27 14.54 20.69
C LEU C 111 19.98 15.45 21.67
N ASP C 112 20.21 16.70 21.29
CA ASP C 112 20.89 17.61 22.20
C ASP C 112 20.48 19.08 22.02
N GLY C 113 19.65 19.34 21.02
CA GLY C 113 19.25 20.71 20.79
C GLY C 113 20.42 21.50 20.20
N SER C 114 21.44 20.78 19.74
CA SER C 114 22.62 21.41 19.17
C SER C 114 22.38 22.15 17.84
N VAL C 115 21.35 21.75 17.12
CA VAL C 115 21.02 22.37 15.83
C VAL C 115 19.67 23.04 15.89
N ASP C 116 19.56 24.18 15.23
CA ASP C 116 18.31 24.91 15.20
C ASP C 116 17.47 24.47 14.02
N PHE C 117 16.23 24.07 14.31
CA PHE C 117 15.29 23.64 13.27
C PHE C 117 14.37 24.73 12.76
N LYS C 118 14.69 25.98 13.12
CA LYS C 118 13.94 27.14 12.67
C LYS C 118 14.54 27.50 11.30
N LYS C 119 14.41 26.59 10.35
CA LYS C 119 15.00 26.80 9.03
C LYS C 119 13.96 27.15 7.97
N ASN C 120 14.36 27.85 6.91
CA ASN C 120 13.44 28.21 5.86
C ASN C 120 13.09 27.07 4.92
N TRP C 121 12.41 27.42 3.83
CA TRP C 121 11.97 26.46 2.85
C TRP C 121 13.10 25.70 2.17
N ILE C 122 13.97 26.45 1.56
CA ILE C 122 15.09 25.88 0.84
C ILE C 122 15.88 24.96 1.75
N GLN C 123 16.15 25.44 2.95
CA GLN C 123 16.93 24.68 3.91
C GLN C 123 16.26 23.37 4.29
N TYR C 124 14.94 23.40 4.38
CA TYR C 124 14.20 22.19 4.72
C TYR C 124 14.05 21.27 3.50
N LYS C 125 14.30 21.82 2.32
CA LYS C 125 14.20 21.07 1.08
C LYS C 125 15.50 20.38 0.79
N GLU C 126 16.60 21.08 1.05
CA GLU C 126 17.93 20.56 0.76
C GLU C 126 18.57 19.80 1.91
N GLY C 127 18.08 20.03 3.10
CA GLY C 127 18.66 19.34 4.23
C GLY C 127 19.62 20.21 5.01
N PHE C 128 19.73 19.96 6.31
CA PHE C 128 20.60 20.72 7.19
C PHE C 128 20.94 19.89 8.41
N GLY C 129 21.83 20.39 9.27
CA GLY C 129 22.29 19.61 10.41
C GLY C 129 23.55 18.81 10.01
N HIS C 130 23.98 17.85 10.83
CA HIS C 130 25.18 17.05 10.52
C HIS C 130 25.04 15.56 10.61
N LEU C 131 25.70 14.86 9.69
CA LEU C 131 25.69 13.41 9.62
C LEU C 131 26.92 12.87 10.32
N SER C 132 26.72 11.89 11.19
CA SER C 132 27.83 11.26 11.89
C SER C 132 27.63 9.77 11.71
N PRO C 133 28.74 9.01 11.73
CA PRO C 133 28.67 7.56 11.58
C PRO C 133 28.18 6.84 12.84
N THR C 134 27.99 7.60 13.91
CA THR C 134 27.52 7.06 15.18
C THR C 134 26.19 7.68 15.56
N GLY C 135 25.55 8.33 14.60
CA GLY C 135 24.27 8.97 14.82
C GLY C 135 24.17 9.71 16.15
N THR C 136 25.24 10.38 16.51
CA THR C 136 25.26 11.11 17.75
C THR C 136 25.17 12.60 17.48
N THR C 137 24.59 12.95 16.34
CA THR C 137 24.45 14.33 15.90
C THR C 137 23.06 14.60 15.30
N GLU C 138 22.46 15.73 15.65
CA GLU C 138 21.14 16.03 15.09
C GLU C 138 21.16 16.68 13.72
N PHE C 139 20.13 16.39 12.93
CA PHE C 139 20.03 16.91 11.56
C PHE C 139 18.66 16.65 10.94
N TRP C 140 18.46 17.20 9.75
CA TRP C 140 17.25 17.02 8.97
C TRP C 140 17.78 16.67 7.60
N LEU C 141 17.27 15.60 7.02
CA LEU C 141 17.78 15.19 5.72
C LEU C 141 17.40 16.00 4.51
N GLY C 142 16.21 16.57 4.46
CA GLY C 142 15.80 17.34 3.30
C GLY C 142 14.62 16.78 2.52
N ASN C 143 13.53 17.54 2.50
CA ASN C 143 12.30 17.14 1.84
C ASN C 143 12.52 16.49 0.50
N GLU C 144 13.37 17.10 -0.32
CA GLU C 144 13.62 16.54 -1.64
C GLU C 144 14.13 15.10 -1.55
N LYS C 145 15.18 14.88 -0.77
CA LYS C 145 15.74 13.53 -0.65
C LYS C 145 14.72 12.56 -0.08
N ILE C 146 13.96 13.02 0.91
CA ILE C 146 12.93 12.19 1.50
C ILE C 146 11.95 11.80 0.42
N HIS C 147 11.55 12.77 -0.38
CA HIS C 147 10.61 12.54 -1.45
C HIS C 147 11.15 11.46 -2.36
N LEU C 148 12.37 11.66 -2.82
CA LEU C 148 13.01 10.74 -3.73
C LEU C 148 13.03 9.26 -3.34
N ILE C 149 13.29 8.99 -2.08
CA ILE C 149 13.37 7.62 -1.60
C ILE C 149 12.02 7.00 -1.37
N SER C 150 11.15 7.75 -0.71
CA SER C 150 9.81 7.28 -0.38
C SER C 150 8.93 7.16 -1.60
N THR C 151 9.51 7.49 -2.75
CA THR C 151 8.77 7.46 -3.99
C THR C 151 9.34 6.58 -5.10
N GLN C 152 10.62 6.26 -5.03
CA GLN C 152 11.25 5.40 -6.03
C GLN C 152 10.56 4.03 -6.02
N SER C 153 10.41 3.43 -7.19
CA SER C 153 9.77 2.12 -7.34
C SER C 153 8.31 2.07 -6.91
N ALA C 154 7.92 2.94 -5.99
CA ALA C 154 6.57 2.99 -5.48
C ALA C 154 6.20 1.63 -4.84
N ILE C 155 7.07 1.18 -3.94
CA ILE C 155 6.88 -0.07 -3.21
C ILE C 155 6.90 0.30 -1.72
N PRO C 156 5.83 -0.08 -1.00
CA PRO C 156 5.56 0.16 0.42
C PRO C 156 6.74 0.50 1.33
N TYR C 157 6.74 1.74 1.80
CA TYR C 157 7.76 2.19 2.73
C TYR C 157 7.05 2.45 4.07
N ALA C 158 7.70 2.11 5.16
CA ALA C 158 7.09 2.32 6.45
C ALA C 158 7.90 3.31 7.25
N LEU C 159 7.19 4.24 7.89
CA LEU C 159 7.84 5.24 8.69
C LEU C 159 7.81 4.84 10.14
N ARG C 160 8.96 4.98 10.82
CA ARG C 160 9.03 4.69 12.24
C ARG C 160 9.56 5.87 13.02
N VAL C 161 8.74 6.31 13.96
CA VAL C 161 9.09 7.39 14.86
C VAL C 161 9.59 6.69 16.10
N GLU C 162 10.57 7.28 16.76
CA GLU C 162 11.14 6.78 18.00
C GLU C 162 11.30 8.01 18.87
N LEU C 163 10.67 8.00 20.03
CA LEU C 163 10.81 9.11 20.96
C LEU C 163 11.50 8.63 22.22
N GLU C 164 11.98 9.57 23.03
CA GLU C 164 12.59 9.21 24.30
C GLU C 164 12.46 10.40 25.19
N ASP C 165 11.81 10.20 26.31
CA ASP C 165 11.66 11.30 27.24
C ASP C 165 12.98 11.49 27.94
N TRP C 166 12.96 12.42 28.89
CA TRP C 166 14.14 12.75 29.66
C TRP C 166 14.33 11.75 30.79
N ASN C 167 13.68 10.61 30.64
CA ASN C 167 13.80 9.57 31.63
C ASN C 167 14.21 8.26 31.02
N GLY C 168 14.77 8.34 29.80
CA GLY C 168 15.25 7.14 29.13
C GLY C 168 14.18 6.13 28.80
N ARG C 169 12.93 6.60 28.79
CA ARG C 169 11.82 5.75 28.43
C ARG C 169 11.56 6.07 26.97
N THR C 170 11.52 5.03 26.15
CA THR C 170 11.29 5.18 24.72
C THR C 170 9.87 4.75 24.30
N SER C 171 9.56 4.87 23.01
CA SER C 171 8.26 4.47 22.46
C SER C 171 8.24 4.69 20.95
N THR C 172 7.75 3.72 20.21
CA THR C 172 7.71 3.88 18.78
C THR C 172 6.35 4.35 18.34
N ALA C 173 6.14 4.31 17.03
CA ALA C 173 4.89 4.71 16.39
C ALA C 173 5.22 4.51 14.93
N ASP C 174 4.51 3.61 14.29
CA ASP C 174 4.79 3.31 12.91
C ASP C 174 3.67 3.74 12.01
N TYR C 175 3.96 3.84 10.72
CA TYR C 175 2.97 4.25 9.75
C TYR C 175 3.28 3.55 8.44
N ALA C 176 2.31 2.77 7.97
CA ALA C 176 2.48 2.01 6.73
C ALA C 176 2.13 2.82 5.50
N MET C 177 2.85 2.52 4.43
CA MET C 177 2.68 3.19 3.15
C MET C 177 2.94 4.66 3.31
N PHE C 178 4.07 4.96 3.92
CA PHE C 178 4.48 6.32 4.14
C PHE C 178 5.08 6.87 2.86
N LYS C 179 4.84 8.15 2.62
CA LYS C 179 5.38 8.79 1.42
C LYS C 179 5.21 10.30 1.52
N VAL C 180 6.09 11.02 0.83
CA VAL C 180 6.10 12.48 0.77
C VAL C 180 6.16 12.94 -0.71
N GLY C 181 5.28 13.87 -1.09
CA GLY C 181 5.28 14.28 -2.48
C GLY C 181 6.40 15.19 -2.93
N PRO C 182 6.38 15.59 -4.21
CA PRO C 182 7.38 16.47 -4.80
C PRO C 182 7.15 17.90 -4.32
N GLU C 183 8.07 18.79 -4.68
CA GLU C 183 7.92 20.17 -4.25
C GLU C 183 6.68 20.81 -4.83
N ALA C 184 6.28 20.36 -6.01
CA ALA C 184 5.11 20.90 -6.66
C ALA C 184 3.88 20.61 -5.83
N ASP C 185 4.01 19.64 -4.93
CA ASP C 185 2.90 19.33 -4.07
C ASP C 185 3.21 19.84 -2.69
N LYS C 186 4.25 20.67 -2.61
CA LYS C 186 4.74 21.26 -1.37
C LYS C 186 5.11 20.15 -0.41
N TYR C 187 5.67 19.08 -0.97
CA TYR C 187 6.11 17.91 -0.22
C TYR C 187 5.06 17.34 0.74
N ARG C 188 3.82 17.25 0.26
CA ARG C 188 2.72 16.73 1.07
C ARG C 188 3.06 15.39 1.68
N LEU C 189 2.52 15.15 2.87
CA LEU C 189 2.71 13.92 3.62
C LEU C 189 1.47 13.07 3.61
N THR C 190 1.66 11.78 3.35
CA THR C 190 0.55 10.83 3.39
C THR C 190 1.04 9.44 3.78
N TYR C 191 0.16 8.74 4.49
CA TYR C 191 0.37 7.39 4.94
C TYR C 191 -0.97 6.63 4.89
N ALA C 192 -0.90 5.31 4.68
CA ALA C 192 -2.12 4.49 4.57
C ALA C 192 -2.85 4.38 5.90
N TYR C 193 -2.11 3.99 6.94
CA TYR C 193 -2.69 3.83 8.26
C TYR C 193 -1.61 3.71 9.32
N PHE C 194 -2.01 3.94 10.55
CA PHE C 194 -1.12 3.85 11.68
C PHE C 194 -1.03 2.38 12.05
N ALA C 195 0.17 1.82 11.94
CA ALA C 195 0.44 0.44 12.29
C ALA C 195 0.69 0.43 13.81
N GLY C 196 1.49 -0.50 14.30
CA GLY C 196 1.76 -0.55 15.73
C GLY C 196 2.35 0.68 16.41
N GLY C 197 3.19 0.43 17.41
CA GLY C 197 3.81 1.52 18.13
C GLY C 197 3.06 1.84 19.40
N ASP C 198 3.79 1.95 20.51
CA ASP C 198 3.18 2.27 21.80
C ASP C 198 3.13 3.79 22.09
N ALA C 199 3.63 4.63 21.18
CA ALA C 199 3.60 6.09 21.38
C ALA C 199 2.27 6.72 21.01
N GLY C 200 1.51 6.06 20.14
CA GLY C 200 0.21 6.60 19.76
C GLY C 200 0.15 7.41 18.49
N ASP C 201 -0.88 7.17 17.69
CA ASP C 201 -1.06 7.88 16.44
C ASP C 201 -1.35 9.35 16.65
N ALA C 202 -0.30 10.13 16.84
CA ALA C 202 -0.45 11.56 17.04
C ALA C 202 -0.78 12.20 15.68
N PHE C 203 -0.43 11.48 14.61
CA PHE C 203 -0.67 11.98 13.27
C PHE C 203 -2.14 12.01 12.96
N ASP C 204 -2.90 11.26 13.74
CA ASP C 204 -4.33 11.16 13.57
C ASP C 204 -5.05 12.35 14.18
N GLY C 205 -4.30 13.24 14.80
CA GLY C 205 -4.93 14.37 15.45
C GLY C 205 -5.20 13.95 16.88
N PHE C 206 -5.46 14.94 17.72
CA PHE C 206 -5.70 14.67 19.11
C PHE C 206 -6.65 15.69 19.65
N ASP C 207 -7.42 15.33 20.67
CA ASP C 207 -8.33 16.30 21.23
C ASP C 207 -7.73 16.97 22.45
N PHE C 208 -7.30 18.21 22.24
CA PHE C 208 -6.68 19.00 23.29
C PHE C 208 -7.71 19.65 24.21
N GLY C 209 -8.98 19.51 23.87
CA GLY C 209 -10.03 20.08 24.70
C GLY C 209 -10.39 21.53 24.42
N ASP C 210 -9.39 22.38 24.21
CA ASP C 210 -9.54 23.82 23.93
C ASP C 210 -10.81 24.10 23.15
N ASP C 211 -11.09 23.19 22.23
CA ASP C 211 -12.26 23.26 21.39
C ASP C 211 -12.51 21.83 20.90
N PRO C 212 -13.72 21.57 20.38
CA PRO C 212 -14.03 20.23 19.88
C PRO C 212 -13.38 19.90 18.54
N SER C 213 -13.06 20.93 17.76
CA SER C 213 -12.43 20.77 16.45
C SER C 213 -10.94 20.41 16.51
N ASP C 214 -10.31 20.68 17.66
CA ASP C 214 -8.88 20.42 17.89
C ASP C 214 -8.49 19.10 17.25
N LYS C 215 -9.27 18.08 17.57
CA LYS C 215 -9.01 16.75 17.06
C LYS C 215 -8.71 16.67 15.57
N PHE C 216 -9.54 17.26 14.71
CA PHE C 216 -9.20 17.18 13.30
C PHE C 216 -8.00 18.04 13.06
N PHE C 217 -8.18 19.32 13.37
CA PHE C 217 -7.16 20.33 13.17
C PHE C 217 -5.77 19.95 13.65
N THR C 218 -5.59 18.77 14.23
CA THR C 218 -4.27 18.41 14.65
C THR C 218 -3.78 17.17 13.95
N SER C 219 -4.51 16.76 12.92
CA SER C 219 -4.10 15.58 12.15
C SER C 219 -3.11 16.07 11.11
N HIS C 220 -2.17 15.21 10.71
CA HIS C 220 -1.17 15.63 9.75
C HIS C 220 -1.17 14.89 8.45
N ASN C 221 -1.93 13.81 8.41
CA ASN C 221 -2.02 13.02 7.19
C ASN C 221 -2.66 13.93 6.14
N GLY C 222 -2.03 13.97 4.96
CA GLY C 222 -2.52 14.77 3.86
C GLY C 222 -2.08 16.21 3.92
N MET C 223 -1.37 16.57 4.98
CA MET C 223 -0.91 17.94 5.11
C MET C 223 0.33 18.20 4.27
N GLN C 224 0.45 19.46 3.85
CA GLN C 224 1.59 19.91 3.07
C GLN C 224 2.66 20.43 4.02
N PHE C 225 3.89 20.50 3.52
CA PHE C 225 4.98 20.97 4.34
C PHE C 225 4.90 22.49 4.49
N SER C 226 5.32 23.02 5.64
CA SER C 226 5.25 24.45 5.89
C SER C 226 6.46 25.01 6.66
N THR C 227 6.94 26.18 6.22
CA THR C 227 8.07 26.88 6.85
C THR C 227 7.62 28.33 7.04
N TRP C 228 8.31 29.09 7.89
CA TRP C 228 7.93 30.50 8.10
C TRP C 228 7.83 31.27 6.77
N ASP C 229 8.65 30.90 5.79
CA ASP C 229 8.66 31.58 4.50
C ASP C 229 7.89 30.80 3.46
N ASN C 230 6.92 30.02 3.90
CA ASN C 230 6.14 29.22 2.98
C ASN C 230 5.00 28.54 3.72
N ASP C 231 3.84 29.20 3.75
CA ASP C 231 2.68 28.69 4.47
C ASP C 231 2.16 27.29 4.10
N ASN C 232 1.06 27.21 3.36
CA ASN C 232 0.48 25.91 2.99
C ASN C 232 -0.20 25.16 4.13
N ASP C 233 -0.38 25.82 5.28
CA ASP C 233 -1.06 25.15 6.37
C ASP C 233 -2.55 25.51 6.36
N LYS C 234 -3.33 24.74 7.10
CA LYS C 234 -4.76 24.94 7.21
C LYS C 234 -5.11 26.11 8.12
N PHE C 235 -4.16 26.49 8.97
CA PHE C 235 -4.36 27.61 9.88
C PHE C 235 -4.34 28.88 9.05
N GLU C 236 -5.18 29.83 9.44
CA GLU C 236 -5.26 31.12 8.73
C GLU C 236 -4.25 32.12 9.28
N GLY C 237 -3.10 31.64 9.74
CA GLY C 237 -2.11 32.53 10.30
C GLY C 237 -0.66 32.06 10.41
N ASN C 238 -0.36 30.92 9.78
CA ASN C 238 1.00 30.39 9.78
C ASN C 238 1.53 29.83 11.10
N CYS C 239 1.37 28.53 11.26
CA CYS C 239 1.82 27.85 12.44
C CYS C 239 3.36 27.88 12.44
N ALA C 240 3.95 27.48 11.31
CA ALA C 240 5.40 27.41 11.16
C ALA C 240 6.14 28.63 11.70
N GLU C 241 5.68 29.82 11.31
CA GLU C 241 6.27 31.07 11.74
C GLU C 241 6.13 31.18 13.25
N GLN C 242 4.93 30.93 13.73
CA GLN C 242 4.65 31.00 15.17
C GLN C 242 5.42 29.95 15.95
N ASP C 243 5.12 28.69 15.66
CA ASP C 243 5.78 27.62 16.38
C ASP C 243 7.25 27.44 16.04
N GLY C 244 7.71 28.21 15.07
CA GLY C 244 9.10 28.18 14.67
C GLY C 244 9.77 26.87 14.32
N SER C 245 9.46 26.36 13.15
CA SER C 245 10.06 25.12 12.70
C SER C 245 9.63 24.82 11.27
N GLY C 246 9.78 23.57 10.89
CA GLY C 246 9.39 23.14 9.58
C GLY C 246 8.66 21.87 9.85
N TRP C 247 7.39 21.82 9.43
CA TRP C 247 6.56 20.65 9.67
C TRP C 247 5.33 20.76 8.80
N TRP C 248 4.50 19.72 8.82
CA TRP C 248 3.25 19.69 8.05
C TRP C 248 2.14 20.10 9.00
N MET C 249 1.85 21.38 9.03
CA MET C 249 0.82 21.89 9.91
C MET C 249 -0.53 21.67 9.30
N ASN C 250 -1.56 21.78 10.12
CA ASN C 250 -2.95 21.62 9.71
C ASN C 250 -3.59 22.43 10.77
N LYS C 251 -3.56 23.75 10.66
CA LYS C 251 -4.10 24.57 11.73
C LYS C 251 -3.28 24.12 12.96
N CYS C 252 -2.00 23.88 12.65
CA CYS C 252 -0.96 23.46 13.56
C CYS C 252 -0.76 21.96 13.80
N HIS C 253 -0.41 21.56 15.02
CA HIS C 253 -0.07 20.16 15.27
C HIS C 253 -0.49 19.46 16.56
N ALA C 254 -0.11 18.18 16.61
CA ALA C 254 -0.31 17.25 17.72
C ALA C 254 1.00 16.49 17.87
N GLY C 255 1.74 16.40 16.77
CA GLY C 255 3.04 15.74 16.72
C GLY C 255 3.96 16.82 16.16
N HIS C 256 5.07 17.10 16.81
CA HIS C 256 5.91 18.18 16.36
C HIS C 256 7.37 17.91 16.61
N LEU C 257 7.95 17.04 15.81
CA LEU C 257 9.35 16.63 15.95
C LEU C 257 10.43 17.60 15.48
N ASN C 258 10.03 18.75 14.98
CA ASN C 258 11.02 19.71 14.54
C ASN C 258 10.82 20.95 15.35
N GLY C 259 10.15 20.77 16.48
CA GLY C 259 9.88 21.87 17.37
C GLY C 259 11.09 22.29 18.17
N VAL C 260 10.87 23.30 19.01
CA VAL C 260 11.93 23.84 19.85
C VAL C 260 12.43 22.80 20.81
N TYR C 261 13.74 22.77 21.02
CA TYR C 261 14.30 21.83 21.95
C TYR C 261 14.35 22.39 23.35
N TYR C 262 13.52 21.83 24.22
CA TYR C 262 13.47 22.27 25.60
C TYR C 262 14.21 21.30 26.51
N GLN C 263 15.20 21.82 27.22
CA GLN C 263 16.01 21.02 28.12
C GLN C 263 15.19 20.56 29.33
N GLY C 264 15.23 19.26 29.60
CA GLY C 264 14.51 18.71 30.74
C GLY C 264 13.10 18.24 30.44
N GLY C 265 12.61 18.58 29.26
CA GLY C 265 11.26 18.16 28.85
C GLY C 265 10.12 19.12 29.14
N THR C 266 9.86 19.37 30.42
CA THR C 266 8.78 20.26 30.84
C THR C 266 9.00 21.74 30.54
N TYR C 267 8.10 22.32 29.77
CA TYR C 267 8.16 23.74 29.46
C TYR C 267 6.81 24.39 29.76
N SER C 268 6.74 25.70 29.56
CA SER C 268 5.52 26.44 29.87
C SER C 268 5.18 27.54 28.88
N LYS C 269 3.91 27.93 28.89
CA LYS C 269 3.41 28.98 28.02
C LYS C 269 4.24 30.29 28.03
N ALA C 270 4.77 30.64 29.19
CA ALA C 270 5.57 31.86 29.32
C ALA C 270 6.88 31.73 28.58
N SER C 271 7.47 30.54 28.62
CA SER C 271 8.75 30.29 27.95
C SER C 271 8.60 30.53 26.45
N THR C 272 7.48 30.07 25.89
CA THR C 272 7.19 30.21 24.46
C THR C 272 6.88 31.65 24.05
N PRO C 273 7.35 32.07 22.87
CA PRO C 273 7.13 33.42 22.37
C PRO C 273 5.65 33.80 22.19
N ASN C 274 5.01 33.17 21.21
CA ASN C 274 3.61 33.45 20.90
C ASN C 274 2.63 32.87 21.91
N GLY C 275 3.19 32.12 22.87
CA GLY C 275 2.38 31.53 23.90
C GLY C 275 1.95 30.10 23.62
N TYR C 276 1.79 29.72 22.35
CA TYR C 276 1.37 28.35 22.01
C TYR C 276 2.54 27.37 22.13
N ASP C 277 2.23 26.10 22.31
CA ASP C 277 3.26 25.09 22.45
C ASP C 277 4.00 24.89 21.14
N ASN C 278 5.31 24.74 21.23
CA ASN C 278 6.12 24.55 20.04
C ASN C 278 7.26 23.59 20.31
N GLY C 279 7.18 22.91 21.45
CA GLY C 279 8.22 21.96 21.81
C GLY C 279 8.14 20.74 20.92
N ILE C 280 9.05 19.80 21.15
CA ILE C 280 9.03 18.60 20.37
C ILE C 280 8.01 17.76 21.09
N ILE C 281 6.76 17.96 20.73
CA ILE C 281 5.68 17.22 21.36
C ILE C 281 5.18 16.07 20.52
N TRP C 282 4.49 15.15 21.18
CA TRP C 282 3.90 14.01 20.54
C TRP C 282 2.71 13.66 21.43
N ALA C 283 1.68 14.49 21.32
CA ALA C 283 0.45 14.41 22.10
C ALA C 283 -0.04 13.05 22.60
N THR C 284 -0.16 12.07 21.71
CA THR C 284 -0.65 10.76 22.15
C THR C 284 0.25 10.00 23.12
N TRP C 285 1.37 10.61 23.54
CA TRP C 285 2.30 9.96 24.45
C TRP C 285 2.59 10.78 25.69
N LYS C 286 2.73 12.07 25.50
CA LYS C 286 3.00 13.00 26.58
C LYS C 286 2.15 14.25 26.36
N THR C 287 2.26 15.20 27.28
CA THR C 287 1.50 16.44 27.20
C THR C 287 2.06 17.37 26.13
N ARG C 288 1.23 18.31 25.69
CA ARG C 288 1.64 19.27 24.69
C ARG C 288 2.65 20.21 25.31
N TRP C 289 2.95 19.99 26.58
CA TRP C 289 3.93 20.79 27.27
C TRP C 289 5.11 20.01 27.76
N TYR C 290 5.44 18.96 27.01
CA TYR C 290 6.58 18.13 27.30
C TYR C 290 7.31 17.83 26.00
N SER C 291 8.48 18.45 25.86
CA SER C 291 9.35 18.30 24.71
C SER C 291 10.19 17.05 24.95
N MET C 292 10.22 16.14 23.98
CA MET C 292 11.01 14.90 24.11
C MET C 292 12.50 15.18 24.32
N LYS C 293 13.23 14.15 24.73
CA LYS C 293 14.66 14.29 24.94
C LYS C 293 15.38 13.98 23.65
N LYS C 294 14.89 12.94 22.97
CA LYS C 294 15.45 12.49 21.68
C LYS C 294 14.27 12.19 20.76
N THR C 295 14.51 12.32 19.45
CA THR C 295 13.50 12.08 18.44
C THR C 295 14.21 11.53 17.24
N THR C 296 13.60 10.51 16.64
CA THR C 296 14.16 9.91 15.43
C THR C 296 13.09 9.37 14.48
N MET C 297 13.21 9.70 13.19
CA MET C 297 12.28 9.28 12.16
C MET C 297 13.06 8.57 11.10
N LYS C 298 12.81 7.28 10.96
CA LYS C 298 13.52 6.49 9.97
C LYS C 298 12.49 5.71 9.14
N ILE C 299 12.90 5.35 7.92
CA ILE C 299 12.02 4.60 7.04
C ILE C 299 12.66 3.33 6.48
N ILE C 300 11.84 2.37 6.11
CA ILE C 300 12.29 1.10 5.59
C ILE C 300 11.17 0.47 4.76
N PRO C 301 11.52 -0.35 3.75
CA PRO C 301 10.48 -0.97 2.95
C PRO C 301 9.52 -1.75 3.84
N PHE C 302 8.25 -1.38 3.77
CA PHE C 302 7.18 -1.99 4.56
C PHE C 302 7.28 -3.49 4.75
N ASN C 303 7.58 -4.19 3.67
CA ASN C 303 7.68 -5.63 3.72
C ASN C 303 8.69 -6.13 4.74
N ARG C 304 9.65 -5.29 5.07
CA ARG C 304 10.67 -5.66 6.01
C ARG C 304 10.17 -5.93 7.41
N LEU C 305 8.91 -5.62 7.65
CA LEU C 305 8.34 -5.84 8.97
C LEU C 305 7.17 -6.80 8.86
N THR C 306 6.43 -6.62 7.78
CA THR C 306 5.30 -7.48 7.49
C THR C 306 5.99 -8.57 6.72
N ILE C 307 6.83 -9.32 7.42
CA ILE C 307 7.61 -10.43 6.86
C ILE C 307 7.02 -11.83 7.11
N GLY C 308 7.40 -12.79 6.26
CA GLY C 308 6.91 -14.16 6.39
C GLY C 308 7.32 -15.12 5.28
N GLU C 309 6.59 -16.22 5.24
CA GLU C 309 6.65 -17.40 4.28
C GLU C 309 5.31 -18.54 4.37
N GLU D 3 -112.16 -65.55 -27.61
CA GLU D 3 -111.20 -64.99 -26.63
C GLU D 3 -110.15 -64.10 -27.29
N ASP D 4 -110.42 -63.68 -28.53
CA ASP D 4 -109.49 -62.82 -29.26
C ASP D 4 -110.15 -61.51 -29.72
N LEU D 5 -110.94 -60.89 -28.82
CA LEU D 5 -111.61 -59.62 -29.11
C LEU D 5 -110.85 -58.50 -28.38
N ARG D 6 -111.34 -58.14 -27.19
CA ARG D 6 -110.70 -57.12 -26.37
C ARG D 6 -110.04 -57.82 -25.17
N SER D 7 -109.90 -59.15 -25.30
CA SER D 7 -109.28 -59.98 -24.28
C SER D 7 -107.76 -59.80 -24.37
N ARG D 8 -107.31 -59.17 -25.45
CA ARG D 8 -105.90 -58.88 -25.70
C ARG D 8 -105.49 -57.47 -25.30
N ILE D 9 -106.31 -56.79 -24.51
CA ILE D 9 -105.97 -55.45 -24.05
C ILE D 9 -104.78 -55.60 -23.12
N GLU D 10 -104.87 -56.57 -22.20
CA GLU D 10 -103.79 -56.84 -21.25
C GLU D 10 -102.62 -57.57 -21.91
N VAL D 11 -102.91 -58.30 -22.99
CA VAL D 11 -101.87 -59.00 -23.76
C VAL D 11 -101.27 -57.91 -24.64
N LEU D 12 -100.90 -56.83 -23.96
CA LEU D 12 -100.33 -55.65 -24.56
C LEU D 12 -99.86 -54.74 -23.42
N LYS D 13 -100.52 -54.83 -22.26
CA LYS D 13 -100.17 -54.01 -21.10
C LYS D 13 -98.85 -54.36 -20.42
N ARG D 14 -98.64 -55.64 -20.10
CA ARG D 14 -97.39 -56.07 -19.45
C ARG D 14 -96.22 -55.61 -20.32
N LYS D 15 -96.46 -55.51 -21.63
CA LYS D 15 -95.46 -55.06 -22.58
C LYS D 15 -95.11 -53.59 -22.31
N VAL D 16 -96.11 -52.71 -22.36
CA VAL D 16 -95.94 -51.29 -22.09
C VAL D 16 -95.30 -51.10 -20.71
N ILE D 17 -95.60 -52.02 -19.79
CA ILE D 17 -95.04 -51.98 -18.46
C ILE D 17 -93.56 -52.39 -18.51
N GLU D 18 -93.27 -53.60 -18.97
CA GLU D 18 -91.89 -54.09 -19.07
C GLU D 18 -91.00 -53.05 -19.74
N LYS D 19 -91.57 -52.33 -20.71
CA LYS D 19 -90.86 -51.30 -21.46
C LYS D 19 -90.67 -49.99 -20.71
N VAL D 20 -91.77 -49.45 -20.17
CA VAL D 20 -91.69 -48.19 -19.44
C VAL D 20 -90.72 -48.33 -18.27
N GLN D 21 -90.57 -49.58 -17.79
CA GLN D 21 -89.67 -49.87 -16.68
C GLN D 21 -88.23 -49.76 -17.19
N HIS D 22 -88.01 -50.21 -18.43
CA HIS D 22 -86.68 -50.13 -19.04
C HIS D 22 -86.28 -48.69 -19.18
N ILE D 23 -87.28 -47.85 -19.45
CA ILE D 23 -87.06 -46.43 -19.61
C ILE D 23 -86.72 -45.86 -18.23
N GLN D 24 -87.49 -46.26 -17.22
CA GLN D 24 -87.26 -45.81 -15.86
C GLN D 24 -85.85 -46.19 -15.39
N LEU D 25 -85.34 -47.31 -15.90
CA LEU D 25 -84.01 -47.78 -15.57
C LEU D 25 -82.99 -46.86 -16.25
N LEU D 26 -83.25 -46.51 -17.51
CA LEU D 26 -82.36 -45.64 -18.27
C LEU D 26 -82.17 -44.26 -17.68
N GLN D 27 -83.27 -43.57 -17.44
CA GLN D 27 -83.20 -42.22 -16.90
C GLN D 27 -82.31 -42.12 -15.66
N LYS D 28 -82.22 -43.20 -14.89
CA LYS D 28 -81.39 -43.19 -13.70
C LYS D 28 -79.96 -43.59 -14.05
N ASN D 29 -79.79 -44.28 -15.17
CA ASN D 29 -78.46 -44.70 -15.61
C ASN D 29 -77.74 -43.55 -16.30
N VAL D 30 -78.51 -42.67 -16.94
CA VAL D 30 -77.90 -41.51 -17.60
C VAL D 30 -77.82 -40.43 -16.56
N ARG D 31 -78.74 -40.45 -15.61
CA ARG D 31 -78.76 -39.49 -14.51
C ARG D 31 -77.35 -39.58 -13.92
N ALA D 32 -76.92 -40.81 -13.68
CA ALA D 32 -75.60 -41.08 -13.15
C ALA D 32 -74.51 -40.73 -14.15
N GLN D 33 -74.70 -41.12 -15.40
CA GLN D 33 -73.71 -40.82 -16.43
C GLN D 33 -73.45 -39.32 -16.51
N LEU D 34 -74.51 -38.53 -16.49
CA LEU D 34 -74.38 -37.08 -16.52
C LEU D 34 -73.51 -36.69 -15.35
N VAL D 35 -73.93 -37.15 -14.16
CA VAL D 35 -73.21 -36.89 -12.91
C VAL D 35 -71.73 -37.19 -13.03
N ASP D 36 -71.41 -38.34 -13.61
CA ASP D 36 -70.03 -38.73 -13.78
C ASP D 36 -69.24 -37.77 -14.67
N MET D 37 -69.84 -37.40 -15.79
CA MET D 37 -69.21 -36.50 -16.73
C MET D 37 -68.79 -35.17 -16.13
N LYS D 38 -69.75 -34.40 -15.63
CA LYS D 38 -69.50 -33.10 -15.01
C LYS D 38 -68.32 -33.24 -14.06
N ARG D 39 -68.40 -34.26 -13.22
CA ARG D 39 -67.39 -34.58 -12.23
C ARG D 39 -66.03 -34.79 -12.89
N LEU D 40 -66.02 -35.51 -13.99
CA LEU D 40 -64.79 -35.82 -14.71
C LEU D 40 -64.27 -34.67 -15.56
N GLU D 41 -65.19 -33.84 -16.05
CA GLU D 41 -64.81 -32.69 -16.85
C GLU D 41 -63.93 -31.87 -15.94
N VAL D 42 -64.45 -31.66 -14.75
CA VAL D 42 -63.78 -30.92 -13.71
C VAL D 42 -62.43 -31.50 -13.34
N ASP D 43 -62.46 -32.78 -12.98
CA ASP D 43 -61.25 -33.46 -12.57
C ASP D 43 -60.15 -33.21 -13.61
N ILE D 44 -60.54 -33.34 -14.86
CA ILE D 44 -59.61 -33.14 -15.94
C ILE D 44 -59.11 -31.71 -16.00
N ASP D 45 -60.04 -30.77 -15.97
CA ASP D 45 -59.72 -29.37 -16.04
C ASP D 45 -58.66 -29.05 -14.98
N ILE D 46 -58.88 -29.62 -13.79
CA ILE D 46 -57.98 -29.45 -12.65
C ILE D 46 -56.61 -30.16 -12.83
N LYS D 47 -56.65 -31.41 -13.27
CA LYS D 47 -55.42 -32.15 -13.43
C LYS D 47 -54.57 -31.62 -14.56
N ILE D 48 -55.16 -30.87 -15.47
CA ILE D 48 -54.35 -30.33 -16.54
C ILE D 48 -53.63 -29.08 -16.06
N ARG D 49 -54.34 -28.24 -15.30
CA ARG D 49 -53.67 -27.05 -14.83
C ARG D 49 -52.56 -27.54 -13.93
N SER D 50 -52.82 -28.63 -13.21
CA SER D 50 -51.81 -29.17 -12.31
C SER D 50 -50.58 -29.63 -13.07
N CYS D 51 -50.77 -29.94 -14.35
CA CYS D 51 -49.68 -30.42 -15.16
C CYS D 51 -48.88 -29.24 -15.70
N ARG D 52 -49.30 -28.04 -15.33
CA ARG D 52 -48.63 -26.83 -15.75
C ARG D 52 -47.29 -26.69 -15.02
N GLY D 53 -47.25 -27.01 -13.73
CA GLY D 53 -46.01 -26.89 -12.99
C GLY D 53 -44.99 -27.99 -13.18
N SER D 54 -45.14 -28.77 -14.22
CA SER D 54 -44.24 -29.87 -14.44
C SER D 54 -43.90 -29.98 -15.89
N CYS D 55 -44.92 -29.81 -16.74
CA CYS D 55 -44.70 -29.91 -18.18
C CYS D 55 -44.30 -28.61 -18.86
N SER D 56 -43.70 -28.76 -20.03
CA SER D 56 -43.26 -27.63 -20.81
C SER D 56 -44.43 -26.71 -21.17
N ARG D 57 -45.59 -27.30 -21.42
CA ARG D 57 -46.77 -26.52 -21.80
C ARG D 57 -48.06 -26.98 -21.08
N ALA D 58 -49.12 -26.19 -21.15
CA ALA D 58 -50.39 -26.59 -20.54
C ALA D 58 -51.58 -26.07 -21.36
N LEU D 59 -52.36 -27.03 -21.90
CA LEU D 59 -53.53 -26.74 -22.73
C LEU D 59 -54.42 -25.69 -22.11
N ALA D 60 -54.57 -24.58 -22.83
CA ALA D 60 -55.41 -23.47 -22.38
C ALA D 60 -56.84 -23.92 -22.51
N ARG D 61 -57.49 -24.09 -21.36
CA ARG D 61 -58.90 -24.53 -21.35
C ARG D 61 -59.81 -23.66 -20.52
N GLU D 62 -60.90 -24.29 -20.13
CA GLU D 62 -61.97 -23.72 -19.33
C GLU D 62 -62.97 -24.87 -19.14
N VAL D 63 -64.14 -24.56 -18.59
CA VAL D 63 -65.17 -25.57 -18.39
C VAL D 63 -66.55 -24.91 -18.46
N ASP D 64 -67.52 -25.68 -18.92
CA ASP D 64 -68.88 -25.17 -19.04
C ASP D 64 -69.83 -26.18 -18.45
N LEU D 65 -70.08 -26.05 -17.15
CA LEU D 65 -70.99 -26.96 -16.47
C LEU D 65 -72.41 -26.57 -16.82
N LYS D 66 -72.55 -25.51 -17.59
CA LYS D 66 -73.85 -24.98 -18.00
C LYS D 66 -74.58 -26.02 -18.83
N ASP D 67 -73.96 -26.45 -19.93
CA ASP D 67 -74.56 -27.46 -20.79
C ASP D 67 -74.94 -28.63 -19.90
N TYR D 68 -74.02 -28.95 -18.98
CA TYR D 68 -74.22 -30.02 -18.02
C TYR D 68 -75.41 -29.75 -17.15
N GLU D 69 -75.46 -28.53 -16.61
CA GLU D 69 -76.54 -28.14 -15.73
C GLU D 69 -77.89 -28.17 -16.41
N ASP D 70 -78.06 -27.39 -17.47
CA ASP D 70 -79.36 -27.36 -18.14
C ASP D 70 -79.79 -28.74 -18.68
N GLN D 71 -78.84 -29.65 -18.86
CA GLN D 71 -79.18 -30.99 -19.31
C GLN D 71 -79.74 -31.78 -18.14
N GLN D 72 -79.08 -31.65 -16.98
CA GLN D 72 -79.51 -32.32 -15.75
C GLN D 72 -80.95 -31.95 -15.54
N LYS D 73 -81.24 -30.68 -15.77
CA LYS D 73 -82.58 -30.14 -15.59
C LYS D 73 -83.60 -30.72 -16.54
N GLN D 74 -83.20 -30.98 -17.78
CA GLN D 74 -84.12 -31.55 -18.76
C GLN D 74 -84.44 -32.99 -18.37
N LEU D 75 -83.44 -33.66 -17.79
CA LEU D 75 -83.60 -35.04 -17.38
C LEU D 75 -84.62 -35.13 -16.27
N GLU D 76 -84.42 -34.31 -15.23
CA GLU D 76 -85.31 -34.28 -14.07
C GLU D 76 -86.70 -33.87 -14.49
N GLN D 77 -86.76 -32.90 -15.40
CA GLN D 77 -88.01 -32.39 -15.95
C GLN D 77 -88.84 -33.53 -16.56
N VAL D 78 -88.16 -34.63 -16.89
CA VAL D 78 -88.80 -35.81 -17.48
C VAL D 78 -88.99 -36.92 -16.44
N ILE D 79 -87.93 -37.23 -15.70
CA ILE D 79 -87.96 -38.27 -14.68
C ILE D 79 -89.14 -38.08 -13.74
N ALA D 80 -89.53 -36.82 -13.54
CA ALA D 80 -90.66 -36.48 -12.66
C ALA D 80 -92.02 -36.72 -13.36
N LYS D 81 -92.12 -37.83 -14.08
CA LYS D 81 -93.33 -38.19 -14.81
C LYS D 81 -93.63 -39.68 -14.54
N ASP D 82 -94.76 -39.94 -13.88
CA ASP D 82 -95.15 -41.31 -13.56
C ASP D 82 -95.48 -42.11 -14.81
N LEU D 83 -94.77 -43.22 -14.99
CA LEU D 83 -94.93 -44.12 -16.13
C LEU D 83 -94.85 -43.36 -17.45
N LYS E 15 -115.21 -46.71 -19.79
CA LYS E 15 -115.67 -48.04 -19.29
C LYS E 15 -114.68 -48.66 -18.29
N HIS E 16 -115.02 -49.87 -17.79
CA HIS E 16 -114.20 -50.61 -16.82
C HIS E 16 -112.70 -50.55 -17.11
N GLN E 17 -112.05 -49.52 -16.56
CA GLN E 17 -110.61 -49.28 -16.74
C GLN E 17 -110.27 -49.17 -18.22
N LEU E 18 -110.52 -48.01 -18.82
CA LEU E 18 -110.26 -47.79 -20.24
C LEU E 18 -108.79 -47.99 -20.63
N TYR E 19 -107.91 -47.98 -19.63
CA TYR E 19 -106.46 -48.16 -19.84
C TYR E 19 -105.94 -47.38 -21.04
N ILE E 20 -105.88 -46.05 -20.91
CA ILE E 20 -105.40 -45.20 -21.99
C ILE E 20 -103.88 -45.04 -21.95
N ASP E 21 -103.17 -46.17 -21.90
CA ASP E 21 -101.72 -46.17 -21.91
C ASP E 21 -101.31 -46.05 -23.39
N GLU E 22 -102.22 -45.46 -24.16
CA GLU E 22 -102.01 -45.19 -25.57
C GLU E 22 -101.45 -43.77 -25.59
N THR E 23 -101.63 -43.09 -24.44
CA THR E 23 -101.12 -41.73 -24.24
C THR E 23 -99.62 -41.94 -24.04
N VAL E 24 -99.29 -43.17 -23.63
CA VAL E 24 -97.93 -43.62 -23.41
C VAL E 24 -97.23 -43.62 -24.77
N ASN E 25 -98.00 -43.72 -25.85
CA ASN E 25 -97.49 -43.71 -27.23
C ASN E 25 -97.23 -42.28 -27.71
N SER E 26 -97.20 -41.36 -26.76
CA SER E 26 -96.93 -39.95 -27.01
C SER E 26 -96.07 -39.55 -25.82
N ASN E 27 -96.27 -40.31 -24.73
CA ASN E 27 -95.58 -40.13 -23.47
C ASN E 27 -94.15 -40.63 -23.60
N ILE E 28 -93.99 -41.92 -23.89
CA ILE E 28 -92.66 -42.53 -24.06
C ILE E 28 -91.82 -41.84 -25.13
N PRO E 29 -92.41 -41.57 -26.30
CA PRO E 29 -91.69 -40.92 -27.40
C PRO E 29 -90.95 -39.66 -26.96
N THR E 30 -91.65 -38.74 -26.31
CA THR E 30 -91.02 -37.51 -25.84
C THR E 30 -90.02 -37.81 -24.75
N ASN E 31 -90.42 -38.64 -23.78
CA ASN E 31 -89.51 -38.98 -22.70
C ASN E 31 -88.38 -39.88 -23.17
N LEU E 32 -88.24 -40.00 -24.49
CA LEU E 32 -87.18 -40.79 -25.07
C LEU E 32 -86.37 -39.90 -26.02
N ARG E 33 -86.95 -38.77 -26.39
CA ARG E 33 -86.29 -37.80 -27.26
C ARG E 33 -85.18 -37.14 -26.43
N VAL E 34 -85.33 -36.97 -25.08
CA VAL E 34 -84.29 -36.42 -24.23
C VAL E 34 -83.25 -37.47 -23.92
N LEU E 35 -83.84 -38.59 -23.39
CA LEU E 35 -82.90 -39.65 -23.01
C LEU E 35 -81.87 -39.99 -24.10
N ARG E 36 -82.17 -39.65 -25.35
CA ARG E 36 -81.23 -39.92 -26.41
C ARG E 36 -80.28 -38.73 -26.49
N SER E 37 -80.82 -37.55 -26.75
CA SER E 37 -80.07 -36.29 -26.87
C SER E 37 -78.93 -36.10 -25.85
N ILE E 38 -79.17 -36.53 -24.61
CA ILE E 38 -78.17 -36.40 -23.59
C ILE E 38 -77.17 -37.56 -23.68
N LEU E 39 -77.68 -38.78 -23.74
CA LEU E 39 -76.83 -39.96 -23.79
C LEU E 39 -75.90 -39.92 -25.00
N GLU E 40 -76.16 -38.99 -25.91
CA GLU E 40 -75.34 -38.83 -27.10
C GLU E 40 -74.42 -37.63 -26.94
N ASN E 41 -74.90 -36.61 -26.24
CA ASN E 41 -74.09 -35.41 -25.99
C ASN E 41 -72.88 -35.81 -25.12
N LEU E 42 -73.04 -36.87 -24.33
CA LEU E 42 -71.97 -37.35 -23.49
C LEU E 42 -70.99 -38.16 -24.34
N ARG E 43 -71.59 -38.66 -25.17
CA ARG E 43 -70.83 -39.48 -26.09
C ARG E 43 -69.90 -38.60 -26.91
N SER E 44 -70.19 -37.40 -27.13
CA SER E 44 -69.41 -36.35 -27.77
C SER E 44 -68.40 -35.70 -26.83
N LYS E 45 -68.84 -35.41 -25.60
CA LYS E 45 -67.97 -34.79 -24.61
C LYS E 45 -66.75 -35.63 -24.34
N ILE E 46 -66.90 -36.95 -24.35
CA ILE E 46 -65.78 -37.82 -24.13
C ILE E 46 -64.67 -37.61 -25.14
N GLN E 47 -65.04 -37.58 -26.43
CA GLN E 47 -64.03 -37.42 -27.45
C GLN E 47 -63.18 -36.17 -27.27
N LYS E 48 -63.80 -35.07 -26.87
CA LYS E 48 -63.05 -33.83 -26.67
C LYS E 48 -62.00 -34.01 -25.60
N LEU E 49 -62.46 -34.46 -24.44
CA LEU E 49 -61.60 -34.72 -23.30
C LEU E 49 -60.52 -35.72 -23.68
N GLU E 50 -60.88 -36.72 -24.49
CA GLU E 50 -59.94 -37.72 -24.95
C GLU E 50 -58.83 -36.96 -25.64
N SER E 51 -59.25 -36.05 -26.51
CA SER E 51 -58.32 -35.21 -27.24
C SER E 51 -57.51 -34.30 -26.31
N ASP E 52 -58.21 -33.60 -25.43
CA ASP E 52 -57.53 -32.71 -24.49
C ASP E 52 -56.42 -33.41 -23.74
N VAL E 53 -56.70 -34.60 -23.23
CA VAL E 53 -55.69 -35.36 -22.52
C VAL E 53 -54.53 -35.70 -23.44
N SER E 54 -54.85 -36.23 -24.61
CA SER E 54 -53.82 -36.59 -25.58
C SER E 54 -52.86 -35.46 -25.76
N ALA E 55 -53.40 -34.30 -26.09
CA ALA E 55 -52.59 -33.11 -26.30
C ALA E 55 -51.64 -32.84 -25.12
N GLN E 56 -52.19 -32.83 -23.91
CA GLN E 56 -51.39 -32.56 -22.74
C GLN E 56 -50.26 -33.57 -22.61
N MET E 57 -50.55 -34.84 -22.89
CA MET E 57 -49.53 -35.87 -22.82
C MET E 57 -48.40 -35.52 -23.80
N GLU E 58 -48.76 -34.92 -24.93
CA GLU E 58 -47.76 -34.53 -25.91
C GLU E 58 -46.97 -33.39 -25.33
N TYR E 59 -47.67 -32.48 -24.66
CA TYR E 59 -46.99 -31.33 -24.06
C TYR E 59 -45.99 -31.79 -23.01
N CYS E 60 -46.31 -32.89 -22.37
CA CYS E 60 -45.46 -33.40 -21.30
C CYS E 60 -44.23 -34.22 -21.69
N ARG E 61 -44.08 -34.50 -22.98
CA ARG E 61 -42.92 -35.26 -23.43
C ARG E 61 -41.73 -34.42 -23.05
N THR E 62 -41.92 -33.11 -23.16
CA THR E 62 -40.91 -32.11 -22.83
C THR E 62 -41.41 -31.35 -21.60
N PRO E 63 -40.56 -31.26 -20.55
CA PRO E 63 -40.81 -30.60 -19.27
C PRO E 63 -40.66 -29.08 -19.19
N CYS E 64 -41.07 -28.52 -18.06
CA CYS E 64 -40.94 -27.09 -17.85
C CYS E 64 -39.59 -26.92 -17.17
N THR E 65 -38.97 -25.77 -17.36
CA THR E 65 -37.66 -25.50 -16.76
C THR E 65 -37.54 -24.09 -16.22
N VAL E 66 -36.56 -23.94 -15.35
CA VAL E 66 -36.30 -22.67 -14.72
C VAL E 66 -34.81 -22.57 -14.49
N SER E 67 -34.31 -21.33 -14.40
CA SER E 67 -32.91 -21.10 -14.16
C SER E 67 -32.82 -20.18 -12.97
N CYS E 68 -32.91 -20.78 -11.79
CA CYS E 68 -32.88 -20.05 -10.53
C CYS E 68 -31.53 -19.77 -9.95
N ASN E 69 -30.90 -18.72 -10.46
CA ASN E 69 -29.59 -18.31 -9.99
C ASN E 69 -29.65 -18.01 -8.51
N ILE E 70 -28.54 -18.27 -7.83
CA ILE E 70 -28.51 -18.14 -6.40
C ILE E 70 -27.93 -16.88 -5.78
N PRO E 71 -28.72 -16.22 -4.93
CA PRO E 71 -28.36 -14.99 -4.23
C PRO E 71 -27.12 -15.24 -3.40
N VAL E 72 -26.30 -14.22 -3.25
CA VAL E 72 -25.10 -14.38 -2.48
C VAL E 72 -25.42 -14.53 -1.02
N VAL E 73 -26.33 -13.72 -0.50
CA VAL E 73 -26.67 -13.78 0.90
C VAL E 73 -27.37 -15.07 1.26
N SER E 74 -27.13 -15.51 2.49
CA SER E 74 -27.72 -16.72 3.03
C SER E 74 -27.73 -16.68 4.55
N GLY E 75 -28.46 -17.59 5.16
CA GLY E 75 -28.54 -17.65 6.60
C GLY E 75 -29.39 -18.80 7.04
N LYS E 76 -29.61 -18.92 8.36
CA LYS E 76 -30.44 -19.99 8.93
C LYS E 76 -31.83 -19.97 8.31
N GLU E 77 -32.30 -18.77 8.00
CA GLU E 77 -33.61 -18.62 7.41
C GLU E 77 -33.84 -17.21 6.90
N CYS E 78 -35.04 -16.99 6.35
CA CYS E 78 -35.44 -15.70 5.79
C CYS E 78 -35.13 -14.54 6.68
N GLU E 79 -35.62 -14.59 7.92
CA GLU E 79 -35.35 -13.52 8.88
C GLU E 79 -33.86 -13.17 8.90
N GLU E 80 -33.02 -14.14 9.26
CA GLU E 80 -31.58 -13.90 9.31
C GLU E 80 -31.12 -13.27 8.01
N ILE E 81 -31.58 -13.81 6.90
CA ILE E 81 -31.21 -13.28 5.62
C ILE E 81 -31.53 -11.79 5.48
N ILE E 82 -32.76 -11.38 5.80
CA ILE E 82 -33.10 -9.98 5.67
C ILE E 82 -32.20 -9.11 6.54
N ARG E 83 -31.83 -9.64 7.70
CA ARG E 83 -30.95 -8.92 8.61
C ARG E 83 -29.56 -8.82 7.95
N LYS E 84 -29.19 -9.86 7.21
CA LYS E 84 -27.90 -9.88 6.55
C LYS E 84 -27.90 -9.08 5.24
N GLY E 85 -28.76 -8.07 5.18
CA GLY E 85 -28.82 -7.23 3.99
C GLY E 85 -29.70 -7.65 2.84
N GLY E 86 -30.08 -8.93 2.77
CA GLY E 86 -30.91 -9.40 1.67
C GLY E 86 -32.30 -8.84 1.75
N GLU E 87 -32.70 -8.01 0.79
CA GLU E 87 -34.01 -7.39 0.90
C GLU E 87 -35.01 -7.57 -0.21
N THR E 88 -34.70 -8.38 -1.21
CA THR E 88 -35.65 -8.61 -2.29
C THR E 88 -36.38 -9.93 -2.07
N SER E 89 -37.67 -9.95 -2.36
CA SER E 89 -38.46 -11.17 -2.20
C SER E 89 -38.07 -12.04 -3.37
N GLU E 90 -37.58 -13.24 -3.09
CA GLU E 90 -37.16 -14.16 -4.14
C GLU E 90 -36.72 -15.49 -3.55
N MET E 91 -36.22 -16.38 -4.40
CA MET E 91 -35.76 -17.68 -3.91
C MET E 91 -34.39 -17.51 -3.29
N TYR E 92 -34.24 -17.96 -2.04
CA TYR E 92 -32.96 -17.88 -1.33
C TYR E 92 -32.55 -19.26 -0.88
N LEU E 93 -31.28 -19.40 -0.59
CA LEU E 93 -30.76 -20.67 -0.15
C LEU E 93 -30.55 -20.55 1.36
N ILE E 94 -31.19 -21.42 2.13
CA ILE E 94 -31.00 -21.35 3.56
C ILE E 94 -30.50 -22.68 4.11
N GLN E 95 -29.98 -22.63 5.33
CA GLN E 95 -29.47 -23.78 6.06
C GLN E 95 -29.72 -23.49 7.53
N PRO E 96 -30.80 -24.04 8.10
CA PRO E 96 -31.20 -23.87 9.49
C PRO E 96 -30.25 -24.51 10.49
N ASP E 97 -30.16 -25.82 10.44
CA ASP E 97 -29.28 -26.55 11.33
C ASP E 97 -28.01 -26.77 10.56
N SER E 98 -26.89 -26.49 11.22
CA SER E 98 -25.57 -26.62 10.63
C SER E 98 -25.22 -28.05 10.19
N SER E 99 -26.22 -28.93 10.17
CA SER E 99 -25.99 -30.31 9.77
C SER E 99 -26.76 -30.62 8.48
N VAL E 100 -27.86 -29.90 8.28
CA VAL E 100 -28.72 -30.08 7.13
C VAL E 100 -28.09 -29.60 5.83
N LYS E 101 -28.37 -30.31 4.76
CA LYS E 101 -27.89 -29.92 3.45
C LYS E 101 -28.76 -28.72 3.16
N PRO E 102 -28.14 -27.55 2.93
CA PRO E 102 -28.91 -26.33 2.66
C PRO E 102 -29.86 -26.54 1.51
N TYR E 103 -30.99 -25.86 1.56
CA TYR E 103 -32.03 -26.00 0.56
C TYR E 103 -32.68 -24.68 0.14
N ARG E 104 -33.27 -24.72 -1.06
CA ARG E 104 -33.94 -23.56 -1.64
C ARG E 104 -35.25 -23.29 -0.96
N VAL E 105 -35.62 -22.03 -0.90
CA VAL E 105 -36.86 -21.62 -0.25
C VAL E 105 -37.22 -20.21 -0.74
N TYR E 106 -38.50 -19.88 -0.79
CA TYR E 106 -38.85 -18.55 -1.22
C TYR E 106 -38.97 -17.68 0.02
N CYS E 107 -38.41 -16.47 -0.02
CA CYS E 107 -38.51 -15.55 1.12
C CYS E 107 -39.31 -14.32 0.76
N ASP E 108 -40.33 -14.03 1.55
CA ASP E 108 -41.14 -12.84 1.34
C ASP E 108 -40.48 -11.74 2.14
N MET E 109 -39.76 -10.88 1.44
CA MET E 109 -39.04 -9.83 2.09
C MET E 109 -39.82 -8.55 2.31
N ASN E 110 -41.13 -8.60 2.15
CA ASN E 110 -41.94 -7.41 2.36
C ASN E 110 -43.42 -7.64 2.48
N THR E 111 -43.88 -7.87 3.70
CA THR E 111 -45.31 -8.08 3.93
C THR E 111 -45.61 -7.50 5.28
N GLU E 112 -44.93 -8.03 6.28
CA GLU E 112 -45.11 -7.54 7.63
C GLU E 112 -43.69 -7.39 8.12
N ASN E 113 -42.97 -6.52 7.42
CA ASN E 113 -41.58 -6.24 7.71
C ASN E 113 -40.64 -7.30 7.10
N GLY E 114 -41.20 -8.24 6.35
CA GLY E 114 -40.39 -9.26 5.70
C GLY E 114 -39.76 -10.29 6.60
N GLY E 115 -38.97 -11.22 6.03
CA GLY E 115 -38.29 -12.29 6.78
C GLY E 115 -39.10 -13.58 6.89
N TRP E 116 -40.15 -13.66 6.07
CA TRP E 116 -41.06 -14.77 6.06
C TRP E 116 -40.63 -15.89 5.18
N THR E 117 -40.36 -17.01 5.82
CA THR E 117 -39.98 -18.17 5.05
C THR E 117 -41.27 -18.78 4.57
N VAL E 118 -41.53 -18.66 3.29
CA VAL E 118 -42.72 -19.24 2.69
C VAL E 118 -42.66 -20.75 2.86
N ILE E 119 -43.73 -21.32 3.44
CA ILE E 119 -43.82 -22.74 3.72
C ILE E 119 -44.79 -23.54 2.86
N GLN E 120 -45.66 -22.84 2.15
CA GLN E 120 -46.63 -23.45 1.30
C GLN E 120 -47.22 -22.31 0.49
N ASN E 121 -47.58 -22.58 -0.75
CA ASN E 121 -48.12 -21.52 -1.58
C ASN E 121 -49.05 -22.00 -2.70
N ARG E 122 -50.23 -21.39 -2.77
CA ARG E 122 -51.20 -21.72 -3.79
C ARG E 122 -51.49 -20.41 -4.49
N GLN E 123 -51.66 -20.45 -5.80
CA GLN E 123 -51.94 -19.22 -6.54
C GLN E 123 -52.45 -19.41 -7.97
N ASP E 124 -52.30 -20.60 -8.55
CA ASP E 124 -52.75 -20.85 -9.92
C ASP E 124 -53.09 -22.29 -10.32
N GLY E 125 -53.02 -23.21 -9.37
CA GLY E 125 -53.33 -24.61 -9.64
C GLY E 125 -52.37 -25.37 -10.52
N SER E 126 -51.12 -24.97 -10.52
CA SER E 126 -50.11 -25.64 -11.34
C SER E 126 -49.41 -26.86 -10.75
N VAL E 127 -49.71 -27.18 -9.50
CA VAL E 127 -49.10 -28.35 -8.81
C VAL E 127 -50.09 -29.30 -8.13
N ASP E 128 -49.92 -30.60 -8.36
CA ASP E 128 -50.79 -31.59 -7.74
C ASP E 128 -50.45 -31.58 -6.27
N PHE E 129 -51.46 -31.42 -5.42
CA PHE E 129 -51.19 -31.41 -3.99
C PHE E 129 -51.70 -32.65 -3.37
N GLY E 130 -52.41 -33.42 -4.17
CA GLY E 130 -52.95 -34.67 -3.68
C GLY E 130 -51.82 -35.64 -3.81
N ARG E 131 -50.98 -35.65 -2.79
CA ARG E 131 -49.82 -36.54 -2.77
C ARG E 131 -49.80 -37.41 -1.54
N LYS E 132 -49.09 -38.54 -1.63
CA LYS E 132 -49.01 -39.47 -0.52
C LYS E 132 -48.15 -38.90 0.62
N TRP E 133 -47.89 -39.75 1.63
CA TRP E 133 -47.11 -39.37 2.79
C TRP E 133 -45.73 -38.82 2.51
N ASP E 134 -44.88 -39.58 1.80
CA ASP E 134 -43.50 -39.14 1.48
C ASP E 134 -43.26 -37.75 0.85
N PRO E 135 -44.00 -37.40 -0.22
CA PRO E 135 -43.81 -36.09 -0.86
C PRO E 135 -44.08 -34.95 0.13
N TYR E 136 -45.03 -35.17 1.04
CA TYR E 136 -45.33 -34.16 2.02
C TYR E 136 -44.17 -34.04 3.00
N LYS E 137 -43.45 -35.13 3.18
CA LYS E 137 -42.32 -35.15 4.09
C LYS E 137 -41.13 -34.44 3.47
N GLN E 138 -40.76 -34.86 2.26
CA GLN E 138 -39.62 -34.25 1.54
C GLN E 138 -39.94 -32.83 1.09
N GLY E 139 -41.11 -32.66 0.49
CA GLY E 139 -41.50 -31.38 -0.05
C GLY E 139 -41.73 -31.68 -1.52
N PHE E 140 -42.53 -30.85 -2.18
CA PHE E 140 -42.78 -31.04 -3.59
C PHE E 140 -43.23 -29.72 -4.14
N GLY E 141 -43.21 -29.61 -5.46
CA GLY E 141 -43.63 -28.38 -6.08
C GLY E 141 -42.48 -27.55 -6.58
N ASN E 142 -42.81 -26.34 -7.04
CA ASN E 142 -41.84 -25.39 -7.58
C ASN E 142 -41.70 -24.19 -6.64
N VAL E 143 -40.58 -24.12 -5.94
CA VAL E 143 -40.30 -23.03 -5.02
C VAL E 143 -40.40 -21.68 -5.69
N ALA E 144 -39.70 -21.54 -6.82
CA ALA E 144 -39.67 -20.27 -7.51
C ALA E 144 -39.45 -20.41 -8.99
N THR E 145 -39.90 -19.39 -9.74
CA THR E 145 -39.78 -19.32 -11.19
C THR E 145 -39.17 -17.97 -11.62
N ASN E 146 -38.65 -17.95 -12.84
CA ASN E 146 -38.02 -16.75 -13.38
C ASN E 146 -39.08 -15.74 -13.68
N THR E 147 -38.73 -14.47 -13.53
CA THR E 147 -39.65 -13.37 -13.78
C THR E 147 -39.98 -13.25 -15.27
N ASP E 148 -39.71 -12.09 -15.84
CA ASP E 148 -39.94 -11.85 -17.25
C ASP E 148 -38.86 -12.59 -18.02
N GLY E 149 -37.62 -12.35 -17.60
CA GLY E 149 -36.46 -12.95 -18.21
C GLY E 149 -35.23 -12.46 -17.47
N LYS E 150 -35.40 -12.20 -16.18
CA LYS E 150 -34.32 -11.73 -15.33
C LYS E 150 -33.40 -12.91 -15.03
N ASN E 151 -32.20 -12.62 -14.50
CA ASN E 151 -31.24 -13.67 -14.16
C ASN E 151 -31.71 -14.52 -12.95
N TYR E 152 -32.71 -14.01 -12.22
CA TYR E 152 -33.20 -14.70 -11.01
C TYR E 152 -34.68 -15.15 -10.91
N CYS E 153 -34.93 -16.04 -9.95
CA CYS E 153 -36.27 -16.57 -9.70
C CYS E 153 -36.98 -15.76 -8.61
N GLY E 154 -37.60 -14.65 -9.01
CA GLY E 154 -38.27 -13.80 -8.06
C GLY E 154 -39.73 -14.14 -7.82
N LEU E 155 -40.20 -15.18 -8.47
CA LEU E 155 -41.60 -15.59 -8.34
C LEU E 155 -41.78 -16.92 -7.61
N PRO E 156 -42.67 -16.97 -6.60
CA PRO E 156 -42.87 -18.22 -5.87
C PRO E 156 -43.81 -19.09 -6.66
N GLY E 157 -43.45 -20.35 -6.81
CA GLY E 157 -44.35 -21.23 -7.52
C GLY E 157 -45.17 -21.88 -6.43
N GLU E 158 -46.05 -22.77 -6.82
CA GLU E 158 -46.82 -23.44 -5.80
C GLU E 158 -45.93 -24.54 -5.23
N TYR E 159 -45.90 -24.64 -3.91
CA TYR E 159 -45.09 -25.69 -3.30
C TYR E 159 -45.44 -25.97 -1.87
N TRP E 160 -44.81 -27.03 -1.39
CA TRP E 160 -44.94 -27.49 -0.03
C TRP E 160 -43.50 -27.78 0.41
N LEU E 161 -43.03 -27.06 1.41
CA LEU E 161 -41.65 -27.22 1.85
C LEU E 161 -41.28 -28.60 2.30
N GLY E 162 -42.27 -29.39 2.72
CA GLY E 162 -42.02 -30.73 3.20
C GLY E 162 -42.06 -30.68 4.71
N ASN E 163 -42.74 -31.65 5.32
CA ASN E 163 -42.92 -31.75 6.78
C ASN E 163 -41.69 -31.78 7.69
N ASP E 164 -40.62 -32.44 7.25
CA ASP E 164 -39.41 -32.48 8.07
C ASP E 164 -38.81 -31.11 8.23
N LYS E 165 -38.66 -30.39 7.12
CA LYS E 165 -38.09 -29.05 7.16
C LYS E 165 -38.90 -28.13 8.04
N ILE E 166 -40.22 -28.12 7.85
CA ILE E 166 -41.12 -27.28 8.62
C ILE E 166 -40.92 -27.58 10.08
N SER E 167 -41.04 -28.85 10.43
CA SER E 167 -40.84 -29.31 11.81
C SER E 167 -39.58 -28.69 12.45
N GLN E 168 -38.43 -29.05 11.90
CA GLN E 168 -37.11 -28.58 12.34
C GLN E 168 -37.11 -27.08 12.58
N LEU E 169 -37.66 -26.36 11.62
CA LEU E 169 -37.74 -24.91 11.65
C LEU E 169 -38.51 -24.35 12.82
N THR E 170 -39.75 -24.79 12.95
CA THR E 170 -40.62 -24.33 14.02
C THR E 170 -40.02 -24.74 15.37
N ARG E 171 -39.09 -25.69 15.34
CA ARG E 171 -38.48 -26.17 16.56
C ARG E 171 -37.14 -25.57 16.91
N MET E 172 -36.75 -24.55 16.16
CA MET E 172 -35.49 -23.86 16.44
C MET E 172 -35.75 -22.77 17.45
N GLY E 173 -37.03 -22.47 17.67
CA GLY E 173 -37.42 -21.44 18.61
C GLY E 173 -38.81 -20.98 18.29
N PRO E 174 -39.32 -19.97 19.00
CA PRO E 174 -40.67 -19.40 18.81
C PRO E 174 -40.80 -18.93 17.40
N THR E 175 -41.65 -19.61 16.64
CA THR E 175 -41.85 -19.26 15.25
C THR E 175 -43.31 -18.94 15.11
N GLU E 176 -43.60 -17.89 14.35
CA GLU E 176 -44.96 -17.47 14.15
C GLU E 176 -45.43 -17.73 12.74
N LEU E 177 -46.63 -18.27 12.61
CA LEU E 177 -47.20 -18.57 11.32
C LEU E 177 -48.13 -17.45 10.83
N LEU E 178 -48.05 -17.17 9.53
CA LEU E 178 -48.88 -16.18 8.87
C LEU E 178 -49.47 -16.83 7.66
N ILE E 179 -50.79 -16.86 7.64
CA ILE E 179 -51.53 -17.45 6.55
C ILE E 179 -52.37 -16.42 5.84
N GLU E 180 -52.12 -16.19 4.56
CA GLU E 180 -52.90 -15.25 3.77
C GLU E 180 -53.65 -15.94 2.67
N MET E 181 -54.81 -15.40 2.34
CA MET E 181 -55.63 -15.97 1.28
C MET E 181 -56.34 -14.85 0.57
N GLU E 182 -56.85 -15.14 -0.61
CA GLU E 182 -57.54 -14.15 -1.40
C GLU E 182 -58.57 -14.83 -2.29
N ASP E 183 -59.80 -14.32 -2.30
CA ASP E 183 -60.88 -14.87 -3.14
C ASP E 183 -60.68 -14.46 -4.60
N TRP E 184 -61.56 -14.92 -5.47
CA TRP E 184 -61.42 -14.59 -6.87
C TRP E 184 -61.82 -13.17 -7.25
N LYS E 185 -62.26 -12.38 -6.26
CA LYS E 185 -62.63 -11.00 -6.53
C LYS E 185 -61.59 -10.05 -5.95
N GLY E 186 -60.40 -10.58 -5.72
CA GLY E 186 -59.31 -9.76 -5.20
C GLY E 186 -59.31 -9.33 -3.74
N ASP E 187 -60.31 -9.73 -2.96
CA ASP E 187 -60.31 -9.36 -1.55
C ASP E 187 -59.31 -10.27 -0.85
N LYS E 188 -58.57 -9.72 0.12
CA LYS E 188 -57.57 -10.51 0.82
C LYS E 188 -57.60 -10.37 2.34
N VAL E 189 -57.50 -11.50 3.03
CA VAL E 189 -57.50 -11.51 4.49
C VAL E 189 -56.29 -12.26 4.96
N LYS E 190 -56.15 -12.31 6.27
CA LYS E 190 -55.02 -13.00 6.86
C LYS E 190 -55.41 -13.63 8.20
N ALA E 191 -54.62 -14.61 8.60
CA ALA E 191 -54.78 -15.31 9.86
C ALA E 191 -53.34 -15.46 10.34
N HIS E 192 -53.06 -14.90 11.51
CA HIS E 192 -51.74 -14.89 12.11
C HIS E 192 -51.78 -15.61 13.44
N TYR E 193 -50.72 -16.37 13.72
CA TYR E 193 -50.63 -17.13 14.96
C TYR E 193 -49.27 -16.89 15.57
N GLY E 194 -49.27 -16.30 16.76
CA GLY E 194 -48.01 -16.02 17.43
C GLY E 194 -47.20 -17.28 17.69
N GLY E 195 -47.89 -18.40 17.91
CA GLY E 195 -47.18 -19.63 18.17
C GLY E 195 -47.49 -20.68 17.15
N PHE E 196 -46.47 -21.38 16.66
CA PHE E 196 -46.68 -22.41 15.67
C PHE E 196 -45.61 -23.47 15.75
N THR E 197 -46.05 -24.69 15.87
CA THR E 197 -45.09 -25.75 15.98
C THR E 197 -45.56 -26.98 15.30
N VAL E 198 -44.60 -27.74 14.78
CA VAL E 198 -44.87 -28.99 14.13
C VAL E 198 -43.86 -30.03 14.58
N GLN E 199 -44.35 -31.09 15.20
CA GLN E 199 -43.51 -32.15 15.73
C GLN E 199 -42.82 -32.99 14.68
N ASN E 200 -41.88 -33.83 15.12
CA ASN E 200 -41.17 -34.70 14.20
C ASN E 200 -42.15 -35.71 13.63
N GLU E 201 -41.63 -36.53 12.73
CA GLU E 201 -42.45 -37.53 12.08
C GLU E 201 -42.90 -38.51 13.14
N ALA E 202 -42.06 -38.73 14.15
CA ALA E 202 -42.40 -39.63 15.23
C ALA E 202 -43.72 -39.23 15.91
N ASN E 203 -43.97 -37.94 16.01
CA ASN E 203 -45.20 -37.51 16.65
C ASN E 203 -46.22 -37.12 15.60
N LYS E 204 -46.03 -37.75 14.45
CA LYS E 204 -46.87 -37.58 13.27
C LYS E 204 -47.05 -36.12 12.90
N TYR E 205 -45.95 -35.36 12.94
CA TYR E 205 -45.98 -33.94 12.60
C TYR E 205 -47.14 -33.25 13.30
N GLN E 206 -47.33 -33.54 14.58
CA GLN E 206 -48.43 -32.95 15.34
C GLN E 206 -48.37 -31.43 15.42
N ILE E 207 -49.44 -30.79 14.93
CA ILE E 207 -49.56 -29.32 14.90
C ILE E 207 -50.05 -28.65 16.21
N SER E 208 -49.59 -27.42 16.45
CA SER E 208 -49.97 -26.65 17.63
C SER E 208 -49.87 -25.14 17.36
N VAL E 209 -50.96 -24.44 17.64
CA VAL E 209 -50.99 -23.00 17.42
C VAL E 209 -51.60 -22.22 18.58
N ASN E 210 -51.17 -20.96 18.74
CA ASN E 210 -51.66 -20.07 19.79
C ASN E 210 -51.78 -18.65 19.25
N LYS E 211 -52.18 -17.74 20.11
CA LYS E 211 -52.28 -16.34 19.77
C LYS E 211 -52.70 -15.99 18.35
N TYR E 212 -53.91 -16.34 17.98
CA TYR E 212 -54.38 -16.01 16.64
C TYR E 212 -54.75 -14.54 16.66
N ARG E 213 -54.49 -13.87 15.54
CA ARG E 213 -54.82 -12.46 15.39
C ARG E 213 -55.04 -12.29 13.89
N GLY E 214 -56.24 -11.87 13.50
CA GLY E 214 -56.50 -11.71 12.09
C GLY E 214 -57.93 -11.50 11.65
N THR E 215 -58.07 -11.29 10.35
CA THR E 215 -59.37 -11.04 9.76
C THR E 215 -60.01 -12.25 9.12
N ALA E 216 -59.25 -13.31 8.91
CA ALA E 216 -59.76 -14.53 8.25
C ALA E 216 -60.70 -15.43 9.03
N GLY E 217 -60.58 -15.40 10.34
CA GLY E 217 -61.40 -16.25 11.18
C GLY E 217 -60.48 -17.35 11.64
N ASN E 218 -60.59 -17.71 12.90
CA ASN E 218 -59.73 -18.75 13.45
C ASN E 218 -60.25 -20.15 13.21
N ALA E 219 -60.02 -20.66 12.01
CA ALA E 219 -60.47 -21.99 11.66
C ALA E 219 -59.63 -23.04 12.35
N LEU E 220 -58.37 -22.71 12.61
CA LEU E 220 -57.46 -23.67 13.23
C LEU E 220 -57.68 -24.04 14.70
N MET E 221 -57.92 -23.04 15.54
CA MET E 221 -58.12 -23.27 16.96
C MET E 221 -59.59 -23.38 17.32
N ASP E 222 -60.38 -22.49 16.73
CA ASP E 222 -61.81 -22.44 17.02
C ASP E 222 -62.71 -23.26 16.12
N GLY E 223 -62.15 -23.88 15.07
CA GLY E 223 -63.01 -24.63 14.18
C GLY E 223 -63.95 -23.69 13.43
N ALA E 224 -64.95 -24.25 12.76
CA ALA E 224 -65.88 -23.46 11.97
C ALA E 224 -66.88 -22.63 12.73
N SER E 225 -66.79 -21.33 12.53
CA SER E 225 -67.69 -20.38 13.18
C SER E 225 -69.15 -20.70 12.87
N GLN E 226 -69.40 -21.20 11.66
CA GLN E 226 -70.75 -21.54 11.25
C GLN E 226 -71.34 -22.79 11.91
N LEU E 227 -70.49 -23.78 12.16
CA LEU E 227 -70.96 -25.02 12.78
C LEU E 227 -71.23 -24.91 14.26
N MET E 228 -72.04 -25.86 14.76
CA MET E 228 -72.43 -25.86 16.17
C MET E 228 -71.91 -27.07 16.96
N GLY E 229 -71.47 -26.78 18.18
CA GLY E 229 -70.95 -27.79 19.09
C GLY E 229 -70.26 -29.01 18.52
N GLU E 230 -70.97 -30.13 18.51
CA GLU E 230 -70.47 -31.42 18.01
C GLU E 230 -69.69 -31.24 16.72
N ASN E 231 -70.37 -30.71 15.73
CA ASN E 231 -69.80 -30.50 14.42
C ASN E 231 -68.74 -29.42 14.41
N ARG E 232 -68.88 -28.39 15.22
CA ARG E 232 -67.87 -27.36 15.23
C ARG E 232 -66.51 -27.79 15.75
N THR E 233 -66.48 -28.52 16.85
CA THR E 233 -65.19 -28.94 17.42
C THR E 233 -64.51 -30.06 16.65
N MET E 234 -65.28 -30.78 15.85
CA MET E 234 -64.69 -31.86 15.07
C MET E 234 -63.95 -31.31 13.86
N THR E 235 -63.92 -29.99 13.75
CA THR E 235 -63.27 -29.32 12.64
C THR E 235 -62.07 -28.52 13.14
N ILE E 236 -61.84 -28.56 14.45
CA ILE E 236 -60.71 -27.85 15.06
C ILE E 236 -59.43 -28.61 14.69
N HIS E 237 -58.40 -27.87 14.27
CA HIS E 237 -57.15 -28.50 13.87
C HIS E 237 -56.06 -28.60 14.92
N ASN E 238 -56.10 -27.68 15.88
CA ASN E 238 -55.11 -27.67 16.93
C ASN E 238 -55.00 -29.07 17.53
N GLY E 239 -53.76 -29.55 17.65
CA GLY E 239 -53.54 -30.87 18.22
C GLY E 239 -53.70 -32.04 17.29
N MET E 240 -54.20 -31.77 16.08
CA MET E 240 -54.37 -32.85 15.11
C MET E 240 -53.04 -33.40 14.58
N PHE E 241 -53.10 -34.55 13.93
CA PHE E 241 -51.91 -35.16 13.34
C PHE E 241 -52.00 -34.96 11.83
N PHE E 242 -50.89 -35.19 11.16
CA PHE E 242 -50.90 -35.05 9.72
C PHE E 242 -51.41 -36.33 9.05
N SER E 243 -52.25 -36.18 8.02
CA SER E 243 -52.79 -37.33 7.29
C SER E 243 -52.74 -37.13 5.79
N THR E 244 -52.13 -38.09 5.11
CA THR E 244 -52.04 -38.10 3.67
C THR E 244 -53.04 -39.17 3.24
N TYR E 245 -53.48 -39.19 1.98
CA TYR E 245 -54.46 -40.20 1.60
C TYR E 245 -53.99 -41.63 1.85
N ASP E 246 -52.68 -41.85 1.75
CA ASP E 246 -52.14 -43.18 1.99
C ASP E 246 -51.94 -43.46 3.48
N ARG E 247 -51.60 -42.41 4.23
CA ARG E 247 -51.43 -42.57 5.68
C ARG E 247 -52.39 -41.65 6.43
N ASP E 248 -53.34 -42.25 7.13
CA ASP E 248 -54.32 -41.44 7.84
C ASP E 248 -54.27 -41.48 9.39
N ASN E 249 -54.31 -40.27 9.96
CA ASN E 249 -54.27 -40.09 11.39
C ASN E 249 -55.23 -38.99 11.79
N ASP E 250 -56.40 -38.97 11.14
CA ASP E 250 -57.42 -37.97 11.46
C ASP E 250 -58.33 -38.46 12.59
N GLY E 251 -59.44 -37.74 12.80
CA GLY E 251 -60.39 -38.14 13.82
C GLY E 251 -61.46 -38.94 13.13
N TRP E 252 -61.49 -40.24 13.36
CA TRP E 252 -62.47 -41.09 12.70
C TRP E 252 -62.65 -42.51 13.25
N LEU E 253 -63.69 -43.18 12.75
CA LEU E 253 -64.00 -44.54 13.11
C LEU E 253 -63.39 -45.39 11.98
N THR E 254 -62.40 -46.20 12.32
CA THR E 254 -61.72 -47.04 11.32
C THR E 254 -62.67 -48.07 10.70
N SER E 255 -63.67 -47.56 9.99
CA SER E 255 -64.67 -48.40 9.30
C SER E 255 -64.07 -48.80 7.96
N ASP E 256 -62.84 -49.28 8.03
CA ASP E 256 -62.08 -49.69 6.86
C ASP E 256 -61.85 -48.48 5.92
N PRO E 257 -61.41 -48.71 4.65
CA PRO E 257 -61.17 -47.55 3.77
C PRO E 257 -62.33 -46.58 3.51
N ARG E 258 -63.45 -46.78 4.20
CA ARG E 258 -64.63 -45.93 4.04
C ARG E 258 -64.35 -44.43 4.27
N LYS E 259 -64.76 -43.90 5.43
CA LYS E 259 -64.53 -42.48 5.75
C LYS E 259 -63.09 -42.16 6.13
N GLN E 260 -62.49 -41.25 5.37
CA GLN E 260 -61.15 -40.75 5.58
C GLN E 260 -61.28 -39.32 5.11
N CYS E 261 -60.79 -38.37 5.90
CA CYS E 261 -60.90 -36.98 5.49
C CYS E 261 -60.02 -36.72 4.30
N SER E 262 -58.82 -37.28 4.34
CA SER E 262 -57.87 -37.14 3.24
C SER E 262 -58.15 -38.26 2.26
N LYS E 263 -58.31 -37.96 0.98
CA LYS E 263 -58.55 -39.03 0.02
C LYS E 263 -57.85 -38.87 -1.33
N GLU E 264 -58.34 -39.60 -2.33
CA GLU E 264 -57.76 -39.57 -3.69
C GLU E 264 -57.58 -38.14 -4.22
N ASP E 265 -56.33 -37.80 -4.52
CA ASP E 265 -55.94 -36.47 -5.00
C ASP E 265 -56.33 -35.34 -4.05
N GLY E 266 -56.83 -35.74 -2.88
CA GLY E 266 -57.21 -34.80 -1.84
C GLY E 266 -55.93 -34.52 -1.06
N GLY E 267 -55.81 -33.32 -0.54
CA GLY E 267 -54.59 -32.96 0.16
C GLY E 267 -54.24 -33.61 1.49
N GLY E 268 -52.96 -33.52 1.81
CA GLY E 268 -52.47 -34.02 3.09
C GLY E 268 -52.65 -32.80 3.95
N TRP E 269 -53.09 -33.01 5.20
CA TRP E 269 -53.36 -31.89 6.09
C TRP E 269 -53.54 -32.40 7.52
N TRP E 270 -53.76 -31.49 8.47
CA TRP E 270 -54.02 -31.90 9.85
C TRP E 270 -55.54 -31.93 10.04
N TYR E 271 -56.14 -33.04 9.60
CA TYR E 271 -57.58 -33.25 9.68
C TYR E 271 -58.04 -33.77 11.04
N ASN E 272 -59.14 -33.21 11.52
CA ASN E 272 -59.75 -33.60 12.77
C ASN E 272 -60.83 -34.57 12.28
N ARG E 273 -62.08 -34.40 12.71
CA ARG E 273 -63.13 -35.26 12.15
C ARG E 273 -63.45 -34.43 10.90
N CYS E 274 -62.36 -34.22 10.19
CA CYS E 274 -62.20 -33.46 8.95
C CYS E 274 -61.68 -32.03 9.08
N HIS E 275 -62.17 -31.09 8.28
CA HIS E 275 -61.59 -29.76 8.37
C HIS E 275 -62.50 -28.56 8.54
N ALA E 276 -61.84 -27.42 8.72
CA ALA E 276 -62.44 -26.09 8.85
C ALA E 276 -61.69 -25.23 7.83
N ALA E 277 -60.53 -25.72 7.45
CA ALA E 277 -59.68 -25.07 6.49
C ALA E 277 -58.92 -26.15 5.79
N ASN E 278 -58.77 -25.98 4.48
CA ASN E 278 -58.02 -26.93 3.67
C ASN E 278 -57.19 -26.21 2.61
N PRO E 279 -56.00 -25.75 3.00
CA PRO E 279 -55.07 -25.04 2.12
C PRO E 279 -54.52 -25.94 1.04
N ASN E 280 -54.48 -27.23 1.33
CA ASN E 280 -53.95 -28.20 0.39
C ASN E 280 -54.98 -28.94 -0.39
N GLY E 281 -56.21 -28.41 -0.36
CA GLY E 281 -57.29 -29.05 -1.07
C GLY E 281 -57.07 -28.99 -2.55
N ARG E 282 -58.17 -29.12 -3.28
CA ARG E 282 -58.14 -29.08 -4.71
C ARG E 282 -58.43 -27.69 -5.23
N TYR E 283 -57.63 -27.28 -6.20
CA TYR E 283 -57.74 -25.97 -6.81
C TYR E 283 -58.81 -25.83 -7.89
N TYR E 284 -60.05 -25.56 -7.47
CA TYR E 284 -61.14 -25.38 -8.41
C TYR E 284 -61.00 -23.96 -8.97
N TRP E 285 -61.28 -23.83 -10.26
CA TRP E 285 -61.18 -22.53 -10.91
C TRP E 285 -62.44 -21.69 -10.69
N GLY E 286 -62.24 -20.39 -10.52
CA GLY E 286 -63.37 -19.50 -10.30
C GLY E 286 -63.78 -19.47 -8.84
N GLY E 287 -63.22 -20.41 -8.07
CA GLY E 287 -63.49 -20.51 -6.64
C GLY E 287 -64.90 -20.90 -6.26
N GLN E 288 -65.63 -21.50 -7.18
CA GLN E 288 -66.98 -21.89 -6.88
C GLN E 288 -67.16 -23.33 -7.31
N TYR E 289 -67.62 -24.19 -6.41
CA TYR E 289 -67.84 -25.59 -6.77
C TYR E 289 -69.00 -26.22 -6.03
N THR E 290 -69.39 -27.41 -6.50
CA THR E 290 -70.50 -28.15 -5.92
C THR E 290 -70.14 -29.61 -5.74
N TRP E 291 -70.89 -30.26 -4.87
CA TRP E 291 -70.66 -31.67 -4.57
C TRP E 291 -70.58 -32.52 -5.83
N ASP E 292 -71.36 -32.17 -6.87
CA ASP E 292 -71.31 -32.96 -8.10
C ASP E 292 -70.06 -32.68 -8.92
N MET E 293 -69.41 -31.59 -8.56
CA MET E 293 -68.16 -31.24 -9.21
C MET E 293 -67.04 -31.94 -8.43
N ALA E 294 -67.23 -32.01 -7.12
CA ALA E 294 -66.27 -32.63 -6.23
C ALA E 294 -66.15 -34.11 -6.53
N LYS E 295 -64.90 -34.57 -6.66
CA LYS E 295 -64.60 -35.96 -6.98
C LYS E 295 -65.35 -36.89 -6.07
N HIS E 296 -65.37 -36.57 -4.80
CA HIS E 296 -66.05 -37.42 -3.85
C HIS E 296 -67.29 -36.79 -3.27
N GLY E 297 -67.74 -35.69 -3.87
CA GLY E 297 -68.92 -35.01 -3.36
C GLY E 297 -68.65 -34.26 -2.06
N THR E 298 -67.39 -34.09 -1.74
CA THR E 298 -66.99 -33.42 -0.52
C THR E 298 -66.47 -32.01 -0.73
N ASP E 299 -65.90 -31.49 0.35
CA ASP E 299 -65.31 -30.17 0.38
C ASP E 299 -63.87 -30.17 -0.15
N ASP E 300 -63.63 -30.90 -1.24
CA ASP E 300 -62.31 -31.02 -1.86
C ASP E 300 -61.40 -29.77 -1.87
N GLY E 301 -61.99 -28.60 -2.11
CA GLY E 301 -61.25 -27.34 -2.25
C GLY E 301 -60.25 -26.73 -1.29
N VAL E 302 -59.66 -25.64 -1.76
CA VAL E 302 -58.69 -24.85 -1.01
C VAL E 302 -59.58 -23.91 -0.24
N VAL E 303 -60.14 -24.49 0.82
CA VAL E 303 -61.12 -23.90 1.73
C VAL E 303 -60.68 -23.22 3.01
N TRP E 304 -61.53 -22.31 3.46
CA TRP E 304 -61.35 -21.60 4.73
C TRP E 304 -62.77 -21.23 5.12
N MET E 305 -63.46 -22.17 5.75
CA MET E 305 -64.83 -21.98 6.14
C MET E 305 -65.14 -20.72 6.90
N ASN E 306 -64.30 -20.38 7.86
CA ASN E 306 -64.49 -19.18 8.66
C ASN E 306 -64.60 -17.91 7.83
N TRP E 307 -64.11 -17.97 6.59
CA TRP E 307 -64.19 -16.81 5.71
C TRP E 307 -65.26 -16.93 4.61
N LYS E 308 -65.03 -17.82 3.64
CA LYS E 308 -65.96 -18.04 2.54
C LYS E 308 -66.68 -19.38 2.69
N GLY E 309 -66.64 -19.92 3.91
CA GLY E 309 -67.30 -21.18 4.17
C GLY E 309 -66.85 -22.25 3.22
N SER E 310 -67.62 -23.35 3.20
CA SER E 310 -67.37 -24.50 2.33
C SER E 310 -67.74 -24.14 0.91
N TRP E 311 -67.31 -24.97 -0.04
CA TRP E 311 -67.63 -24.77 -1.44
C TRP E 311 -67.07 -23.49 -2.04
N TYR E 312 -65.88 -23.11 -1.59
CA TYR E 312 -65.21 -21.94 -2.15
C TYR E 312 -63.69 -22.09 -2.12
N SER E 313 -63.08 -22.38 -3.27
CA SER E 313 -61.63 -22.53 -3.37
C SER E 313 -61.03 -21.18 -3.69
N MET E 314 -60.37 -20.60 -2.69
CA MET E 314 -59.74 -19.29 -2.84
C MET E 314 -58.86 -19.23 -4.09
N ARG E 315 -58.51 -18.01 -4.51
CA ARG E 315 -57.65 -17.85 -5.67
C ARG E 315 -56.19 -18.01 -5.21
N LYS E 316 -55.89 -17.48 -4.01
CA LYS E 316 -54.55 -17.53 -3.43
C LYS E 316 -54.58 -17.87 -1.98
N MET E 317 -53.66 -18.74 -1.58
CA MET E 317 -53.54 -19.17 -0.19
C MET E 317 -52.05 -19.44 0.07
N SER E 318 -51.54 -18.92 1.18
CA SER E 318 -50.14 -19.09 1.52
C SER E 318 -49.86 -19.26 3.02
N MET E 319 -48.78 -19.96 3.34
CA MET E 319 -48.36 -20.18 4.70
C MET E 319 -46.91 -19.86 4.78
N LYS E 320 -46.55 -19.00 5.71
CA LYS E 320 -45.17 -18.60 5.88
C LYS E 320 -44.89 -18.40 7.36
N ILE E 321 -43.64 -18.59 7.75
CA ILE E 321 -43.23 -18.49 9.14
C ILE E 321 -42.14 -17.47 9.35
N ARG E 322 -41.68 -17.35 10.58
CA ARG E 322 -40.64 -16.40 10.94
C ARG E 322 -40.43 -16.56 12.43
N PRO E 323 -39.17 -16.49 12.87
CA PRO E 323 -38.92 -16.64 14.31
C PRO E 323 -39.54 -15.46 14.99
N PHE E 324 -40.17 -15.72 16.13
CA PHE E 324 -40.86 -14.68 16.86
C PHE E 324 -40.00 -13.51 17.30
N PHE E 325 -38.99 -13.78 18.13
CA PHE E 325 -38.10 -12.72 18.62
C PHE E 325 -38.91 -11.60 19.31
N PRO E 326 -39.59 -11.92 20.43
CA PRO E 326 -40.39 -10.93 21.15
C PRO E 326 -39.55 -9.91 21.92
N LYS F 1 -112.15 -49.92 -33.50
CA LYS F 1 -110.72 -50.32 -33.70
C LYS F 1 -110.26 -51.34 -32.68
N MET F 2 -110.88 -52.52 -32.73
CA MET F 2 -110.56 -53.62 -31.82
C MET F 2 -109.16 -54.15 -32.12
N LEU F 3 -109.08 -55.34 -32.73
CA LEU F 3 -107.80 -55.94 -33.12
C LEU F 3 -107.32 -55.14 -34.33
N GLU F 4 -107.37 -53.83 -34.19
CA GLU F 4 -107.01 -52.90 -35.25
C GLU F 4 -106.13 -51.82 -34.63
N GLU F 5 -106.60 -51.26 -33.52
CA GLU F 5 -105.83 -50.25 -32.80
C GLU F 5 -104.84 -51.07 -32.00
N ILE F 6 -105.33 -52.17 -31.42
CA ILE F 6 -104.51 -53.07 -30.64
C ILE F 6 -103.59 -53.90 -31.53
N MET F 7 -103.93 -54.05 -32.80
CA MET F 7 -103.08 -54.80 -33.72
C MET F 7 -101.84 -53.95 -33.98
N LYS F 8 -102.04 -52.63 -33.95
CA LYS F 8 -100.99 -51.63 -34.15
C LYS F 8 -100.10 -51.49 -32.90
N TYR F 9 -100.53 -52.10 -31.80
CA TYR F 9 -99.81 -52.03 -30.54
C TYR F 9 -99.26 -53.35 -29.98
N GLU F 10 -99.84 -54.49 -30.37
CA GLU F 10 -99.36 -55.79 -29.85
C GLU F 10 -98.02 -56.23 -30.41
N ALA F 11 -97.52 -55.45 -31.37
CA ALA F 11 -96.23 -55.70 -32.00
C ALA F 11 -95.37 -54.42 -31.99
N SER F 12 -95.99 -53.30 -31.58
CA SER F 12 -95.32 -51.99 -31.49
C SER F 12 -94.45 -51.86 -30.23
N ILE F 13 -94.41 -52.94 -29.46
CA ILE F 13 -93.61 -53.01 -28.24
C ILE F 13 -92.25 -53.60 -28.62
N LEU F 14 -92.19 -54.15 -29.84
CA LEU F 14 -90.96 -54.72 -30.37
C LEU F 14 -90.34 -53.68 -31.31
N THR F 15 -91.09 -52.63 -31.58
CA THR F 15 -90.64 -51.54 -32.44
C THR F 15 -89.72 -50.63 -31.62
N HIS F 16 -90.18 -50.24 -30.43
CA HIS F 16 -89.41 -49.39 -29.55
C HIS F 16 -88.41 -50.19 -28.71
N ASP F 17 -88.56 -51.52 -28.70
CA ASP F 17 -87.66 -52.40 -27.94
C ASP F 17 -86.23 -52.32 -28.48
N SER F 18 -86.10 -51.73 -29.68
CA SER F 18 -84.79 -51.54 -30.30
C SER F 18 -84.12 -50.29 -29.74
N SER F 19 -84.43 -50.00 -28.48
CA SER F 19 -83.90 -48.85 -27.74
C SER F 19 -83.77 -49.23 -26.26
N ILE F 20 -83.63 -50.53 -25.99
CA ILE F 20 -83.48 -51.06 -24.63
C ILE F 20 -82.21 -51.91 -24.64
N ARG F 21 -82.15 -52.85 -25.57
CA ARG F 21 -80.98 -53.70 -25.72
C ARG F 21 -79.93 -52.78 -26.33
N TYR F 22 -80.40 -51.88 -27.20
CA TYR F 22 -79.55 -50.90 -27.89
C TYR F 22 -79.01 -49.86 -26.91
N LEU F 23 -79.84 -49.45 -25.95
CA LEU F 23 -79.41 -48.46 -24.96
C LEU F 23 -78.82 -49.10 -23.71
N GLN F 24 -78.15 -50.24 -23.91
CA GLN F 24 -77.44 -50.96 -22.85
C GLN F 24 -76.10 -51.36 -23.47
N GLU F 25 -75.99 -51.09 -24.77
CA GLU F 25 -74.77 -51.35 -25.55
C GLU F 25 -73.89 -50.15 -25.22
N ILE F 26 -74.51 -48.96 -25.20
CA ILE F 26 -73.85 -47.70 -24.90
C ILE F 26 -73.42 -47.65 -23.43
N TYR F 27 -74.37 -47.89 -22.53
CA TYR F 27 -74.05 -47.88 -21.11
C TYR F 27 -72.93 -48.88 -20.78
N ASN F 28 -72.90 -50.03 -21.46
CA ASN F 28 -71.86 -51.03 -21.21
C ASN F 28 -70.55 -50.67 -21.90
N SER F 29 -70.64 -49.84 -22.94
CA SER F 29 -69.46 -49.38 -23.68
C SER F 29 -68.86 -48.10 -23.06
N ASN F 30 -69.70 -47.07 -22.89
CA ASN F 30 -69.29 -45.79 -22.29
C ASN F 30 -68.67 -46.07 -20.92
N ASN F 31 -69.37 -46.84 -20.10
CA ASN F 31 -68.89 -47.21 -18.78
C ASN F 31 -67.45 -47.73 -18.89
N GLN F 32 -67.23 -48.67 -19.82
CA GLN F 32 -65.91 -49.29 -20.05
C GLN F 32 -64.84 -48.26 -20.43
N LYS F 33 -65.20 -47.34 -21.34
CA LYS F 33 -64.31 -46.27 -21.80
C LYS F 33 -63.70 -45.53 -20.60
N ILE F 34 -64.58 -45.08 -19.72
CA ILE F 34 -64.20 -44.38 -18.52
C ILE F 34 -63.27 -45.25 -17.68
N VAL F 35 -63.65 -46.50 -17.44
CA VAL F 35 -62.82 -47.42 -16.64
C VAL F 35 -61.35 -47.28 -17.04
N ASN F 36 -61.13 -47.27 -18.35
CA ASN F 36 -59.79 -47.15 -18.93
C ASN F 36 -59.38 -45.68 -18.93
N LEU F 37 -60.35 -44.79 -19.20
CA LEU F 37 -60.08 -43.34 -19.21
C LEU F 37 -59.48 -42.96 -17.86
N LYS F 38 -60.10 -43.46 -16.79
CA LYS F 38 -59.61 -43.24 -15.46
C LYS F 38 -58.15 -43.71 -15.50
N GLU F 39 -57.92 -44.88 -16.09
CA GLU F 39 -56.56 -45.46 -16.18
C GLU F 39 -55.61 -44.56 -16.92
N LYS F 40 -56.12 -43.93 -17.98
CA LYS F 40 -55.32 -43.03 -18.80
C LYS F 40 -54.84 -41.79 -18.03
N VAL F 41 -55.80 -41.03 -17.50
CA VAL F 41 -55.48 -39.83 -16.73
C VAL F 41 -54.62 -40.20 -15.53
N ALA F 42 -54.66 -41.47 -15.15
CA ALA F 42 -53.86 -41.96 -14.05
C ALA F 42 -52.41 -41.92 -14.47
N GLN F 43 -52.16 -42.27 -15.74
CA GLN F 43 -50.81 -42.28 -16.30
C GLN F 43 -50.34 -40.83 -16.41
N LEU F 44 -51.31 -39.96 -16.69
CA LEU F 44 -51.06 -38.54 -16.82
C LEU F 44 -50.67 -37.94 -15.48
N GLU F 45 -51.46 -38.24 -14.43
CA GLU F 45 -51.19 -37.73 -13.10
C GLU F 45 -49.77 -38.12 -12.78
N ALA F 46 -49.40 -39.34 -13.16
CA ALA F 46 -48.06 -39.85 -12.93
C ALA F 46 -47.05 -38.97 -13.63
N GLN F 47 -47.29 -38.66 -14.88
CA GLN F 47 -46.36 -37.83 -15.64
C GLN F 47 -46.02 -36.52 -14.93
N CYS F 48 -47.03 -35.85 -14.36
CA CYS F 48 -46.78 -34.61 -13.65
C CYS F 48 -46.86 -34.65 -12.15
N GLN F 49 -45.73 -34.89 -11.52
CA GLN F 49 -45.64 -34.92 -10.08
C GLN F 49 -44.33 -34.20 -9.84
N GLU F 50 -43.44 -34.37 -10.81
CA GLU F 50 -42.12 -33.76 -10.79
C GLU F 50 -42.27 -32.25 -11.02
N PRO F 51 -41.38 -31.45 -10.42
CA PRO F 51 -41.40 -29.99 -10.59
C PRO F 51 -40.51 -29.63 -11.79
N CYS F 52 -40.58 -28.40 -12.28
CA CYS F 52 -39.74 -28.04 -13.42
C CYS F 52 -38.29 -28.32 -13.12
N LYS F 53 -37.50 -28.41 -14.17
CA LYS F 53 -36.09 -28.66 -14.03
C LYS F 53 -35.34 -27.34 -13.83
N ASP F 54 -34.61 -27.25 -12.73
CA ASP F 54 -33.84 -26.06 -12.48
C ASP F 54 -32.47 -26.32 -13.05
N THR F 55 -32.17 -25.59 -14.12
CA THR F 55 -30.90 -25.72 -14.80
C THR F 55 -29.73 -25.45 -13.86
N VAL F 56 -29.98 -24.79 -12.73
CA VAL F 56 -28.89 -24.52 -11.79
C VAL F 56 -28.66 -25.70 -10.87
N GLN F 57 -27.48 -26.30 -11.01
CA GLN F 57 -27.07 -27.43 -10.20
C GLN F 57 -25.89 -26.97 -9.37
N ILE F 58 -25.67 -27.63 -8.23
CA ILE F 58 -24.54 -27.32 -7.36
C ILE F 58 -23.66 -28.55 -7.25
N HIS F 59 -22.37 -28.34 -7.02
CA HIS F 59 -21.48 -29.47 -6.91
C HIS F 59 -21.22 -29.93 -5.48
N ASP F 60 -21.20 -31.25 -5.33
CA ASP F 60 -20.98 -31.91 -4.06
C ASP F 60 -19.57 -31.80 -3.46
N ILE F 61 -18.64 -31.21 -4.21
CA ILE F 61 -17.25 -31.03 -3.74
C ILE F 61 -16.99 -29.73 -2.97
N THR F 62 -16.60 -29.86 -1.70
CA THR F 62 -16.32 -28.72 -0.82
C THR F 62 -14.82 -28.56 -0.70
N GLY F 63 -14.40 -27.42 -0.19
CA GLY F 63 -12.99 -27.14 0.01
C GLY F 63 -12.82 -25.82 0.73
N LYS F 64 -11.58 -25.50 1.07
CA LYS F 64 -11.26 -24.24 1.75
C LYS F 64 -11.41 -23.10 0.75
N ASP F 65 -11.31 -23.43 -0.54
CA ASP F 65 -11.41 -22.46 -1.62
C ASP F 65 -11.37 -23.20 -2.95
N CYS F 66 -11.69 -22.50 -4.04
CA CYS F 66 -11.71 -23.11 -5.36
C CYS F 66 -10.47 -23.89 -5.79
N GLN F 67 -9.29 -23.41 -5.40
CA GLN F 67 -8.07 -24.12 -5.76
C GLN F 67 -8.06 -25.44 -5.02
N ASP F 68 -8.36 -25.40 -3.72
CA ASP F 68 -8.41 -26.60 -2.92
C ASP F 68 -9.38 -27.57 -3.61
N ILE F 69 -10.50 -27.03 -4.09
CA ILE F 69 -11.51 -27.84 -4.76
C ILE F 69 -10.92 -28.38 -6.06
N ALA F 70 -10.17 -27.53 -6.77
CA ALA F 70 -9.55 -27.90 -8.03
C ALA F 70 -8.63 -29.09 -7.81
N ASN F 71 -8.04 -29.17 -6.63
CA ASN F 71 -7.16 -30.26 -6.28
C ASN F 71 -7.93 -31.55 -6.07
N LYS F 72 -9.00 -31.46 -5.29
CA LYS F 72 -9.85 -32.61 -5.00
C LYS F 72 -10.22 -33.37 -6.28
N GLY F 73 -10.30 -32.65 -7.40
CA GLY F 73 -10.64 -33.27 -8.67
C GLY F 73 -11.73 -32.59 -9.48
N ALA F 74 -12.00 -31.33 -9.17
CA ALA F 74 -13.03 -30.57 -9.88
C ALA F 74 -12.51 -30.19 -11.26
N LYS F 75 -13.35 -30.35 -12.27
CA LYS F 75 -12.95 -30.05 -13.63
C LYS F 75 -13.70 -28.88 -14.26
N GLN F 76 -14.86 -28.54 -13.72
CA GLN F 76 -15.66 -27.48 -14.33
C GLN F 76 -15.98 -26.25 -13.49
N SER F 77 -16.05 -25.12 -14.16
CA SER F 77 -16.36 -23.86 -13.50
C SER F 77 -17.82 -23.89 -13.10
N GLY F 78 -18.07 -23.83 -11.80
CA GLY F 78 -19.43 -23.82 -11.32
C GLY F 78 -19.51 -23.34 -9.89
N LEU F 79 -20.72 -23.41 -9.34
CA LEU F 79 -20.96 -23.00 -7.97
C LEU F 79 -20.50 -24.13 -7.06
N TYR F 80 -19.92 -23.77 -5.92
CA TYR F 80 -19.43 -24.74 -4.94
C TYR F 80 -19.55 -24.18 -3.53
N PHE F 81 -19.59 -25.09 -2.56
CA PHE F 81 -19.65 -24.69 -1.16
C PHE F 81 -18.26 -24.76 -0.62
N ILE F 82 -17.80 -23.67 -0.04
CA ILE F 82 -16.48 -23.67 0.54
C ILE F 82 -16.64 -23.17 1.94
N LYS F 83 -15.72 -23.62 2.78
CA LYS F 83 -15.72 -23.25 4.17
C LYS F 83 -14.27 -23.03 4.55
N PRO F 84 -13.84 -21.76 4.59
CA PRO F 84 -12.46 -21.39 4.94
C PRO F 84 -12.16 -21.85 6.37
N LEU F 85 -10.88 -22.08 6.65
CA LEU F 85 -10.46 -22.56 7.94
C LEU F 85 -11.10 -21.92 9.17
N LYS F 86 -10.98 -20.61 9.28
CA LYS F 86 -11.54 -19.89 10.42
C LYS F 86 -13.06 -19.71 10.35
N ALA F 87 -13.65 -20.02 9.21
CA ALA F 87 -15.09 -19.87 9.03
C ALA F 87 -15.92 -20.85 9.88
N ASN F 88 -17.12 -20.41 10.28
CA ASN F 88 -18.03 -21.26 11.05
C ASN F 88 -19.10 -21.89 10.17
N GLN F 89 -19.64 -21.11 9.23
CA GLN F 89 -20.65 -21.60 8.30
C GLN F 89 -20.16 -21.47 6.85
N GLN F 90 -20.32 -22.55 6.09
CA GLN F 90 -19.91 -22.62 4.68
C GLN F 90 -20.72 -21.66 3.81
N PHE F 91 -20.30 -21.53 2.56
CA PHE F 91 -21.01 -20.68 1.63
C PHE F 91 -20.70 -20.98 0.17
N LEU F 92 -21.64 -20.58 -0.67
CA LEU F 92 -21.53 -20.80 -2.08
C LEU F 92 -20.67 -19.72 -2.71
N VAL F 93 -19.88 -20.15 -3.68
CA VAL F 93 -18.99 -19.28 -4.44
C VAL F 93 -18.94 -19.82 -5.85
N TYR F 94 -18.41 -19.00 -6.76
CA TYR F 94 -18.27 -19.43 -8.13
C TYR F 94 -16.80 -19.75 -8.34
N CYS F 95 -16.51 -20.99 -8.70
CA CYS F 95 -15.15 -21.38 -8.96
C CYS F 95 -14.90 -21.45 -10.47
N GLU F 96 -13.74 -20.92 -10.85
CA GLU F 96 -13.30 -20.90 -12.25
C GLU F 96 -12.15 -21.90 -12.37
N ILE F 97 -12.41 -23.02 -13.05
CA ILE F 97 -11.38 -24.05 -13.19
C ILE F 97 -10.92 -24.22 -14.61
N ASP F 98 -9.63 -24.03 -14.83
CA ASP F 98 -9.10 -24.21 -16.16
C ASP F 98 -8.60 -25.64 -16.30
N GLY F 99 -8.11 -25.95 -17.50
CA GLY F 99 -7.60 -27.28 -17.77
C GLY F 99 -6.27 -27.52 -17.09
N SER F 100 -5.50 -26.44 -16.90
CA SER F 100 -4.20 -26.52 -16.26
C SER F 100 -4.29 -26.92 -14.79
N GLY F 101 -5.49 -26.84 -14.23
CA GLY F 101 -5.69 -27.22 -12.84
C GLY F 101 -5.81 -26.09 -11.85
N ASN F 102 -5.90 -24.86 -12.35
CA ASN F 102 -6.01 -23.72 -11.48
C ASN F 102 -7.45 -23.47 -11.11
N GLY F 103 -7.65 -23.27 -9.81
CA GLY F 103 -8.97 -23.04 -9.26
C GLY F 103 -9.13 -21.64 -8.72
N TRP F 104 -9.64 -20.77 -9.59
CA TRP F 104 -9.87 -19.38 -9.27
C TRP F 104 -11.16 -19.23 -8.50
N THR F 105 -11.11 -18.54 -7.37
CA THR F 105 -12.31 -18.32 -6.59
C THR F 105 -12.69 -16.85 -6.67
N VAL F 106 -13.58 -16.58 -7.62
CA VAL F 106 -14.09 -15.24 -7.95
C VAL F 106 -14.93 -14.52 -6.88
N PHE F 107 -14.63 -13.24 -6.66
CA PHE F 107 -15.39 -12.50 -5.66
C PHE F 107 -16.09 -11.22 -6.14
N GLN F 108 -16.12 -11.02 -7.45
CA GLN F 108 -16.73 -9.82 -8.02
C GLN F 108 -16.82 -9.99 -9.53
N LYS F 109 -17.95 -9.57 -10.11
CA LYS F 109 -18.12 -9.67 -11.56
C LYS F 109 -19.15 -8.68 -12.03
N ARG F 110 -18.85 -7.97 -13.11
CA ARG F 110 -19.75 -7.00 -13.72
C ARG F 110 -19.83 -7.46 -15.16
N LEU F 111 -21.01 -7.32 -15.78
CA LEU F 111 -21.12 -7.70 -17.18
C LEU F 111 -22.33 -7.22 -17.94
N ASP F 112 -23.28 -6.60 -17.23
CA ASP F 112 -24.48 -6.09 -17.88
C ASP F 112 -25.15 -4.97 -17.13
N GLY F 113 -24.56 -4.55 -16.01
CA GLY F 113 -25.16 -3.48 -15.23
C GLY F 113 -26.51 -3.88 -14.69
N SER F 114 -26.79 -5.18 -14.71
CA SER F 114 -28.05 -5.73 -14.23
C SER F 114 -28.24 -5.56 -12.73
N VAL F 115 -27.16 -5.44 -11.98
CA VAL F 115 -27.26 -5.29 -10.54
C VAL F 115 -26.71 -3.94 -10.08
N ASP F 116 -27.36 -3.37 -9.07
CA ASP F 116 -26.93 -2.09 -8.53
C ASP F 116 -25.93 -2.31 -7.40
N PHE F 117 -24.77 -1.67 -7.50
CA PHE F 117 -23.72 -1.79 -6.51
C PHE F 117 -23.73 -0.63 -5.51
N LYS F 118 -24.78 0.17 -5.57
CA LYS F 118 -24.94 1.28 -4.66
C LYS F 118 -25.54 0.66 -3.42
N LYS F 119 -24.78 -0.24 -2.79
CA LYS F 119 -25.25 -0.94 -1.60
C LYS F 119 -24.60 -0.47 -0.32
N ASN F 120 -25.31 -0.61 0.79
CA ASN F 120 -24.77 -0.20 2.09
C ASN F 120 -23.70 -1.13 2.65
N TRP F 121 -23.32 -0.86 3.89
CA TRP F 121 -22.28 -1.59 4.59
C TRP F 121 -22.54 -3.07 4.72
N ILE F 122 -23.62 -3.36 5.41
CA ILE F 122 -24.07 -4.71 5.67
C ILE F 122 -24.10 -5.47 4.37
N GLN F 123 -24.75 -4.86 3.39
CA GLN F 123 -24.91 -5.47 2.09
C GLN F 123 -23.56 -5.81 1.46
N TYR F 124 -22.59 -4.90 1.60
CA TYR F 124 -21.25 -5.12 1.07
C TYR F 124 -20.44 -6.09 1.98
N LYS F 125 -20.92 -6.30 3.20
CA LYS F 125 -20.27 -7.22 4.12
C LYS F 125 -20.75 -8.67 3.91
N GLU F 126 -22.05 -8.82 3.67
CA GLU F 126 -22.64 -10.14 3.50
C GLU F 126 -22.72 -10.64 2.08
N GLY F 127 -22.54 -9.75 1.12
CA GLY F 127 -22.63 -10.15 -0.28
C GLY F 127 -23.99 -9.86 -0.92
N PHE F 128 -23.97 -9.57 -2.22
CA PHE F 128 -25.19 -9.30 -2.99
C PHE F 128 -24.99 -9.69 -4.45
N GLY F 129 -26.08 -9.67 -5.22
CA GLY F 129 -25.98 -10.07 -6.61
C GLY F 129 -26.34 -11.55 -6.69
N HIS F 130 -26.10 -12.16 -7.86
CA HIS F 130 -26.44 -13.56 -8.04
C HIS F 130 -25.34 -14.44 -8.58
N LEU F 131 -25.34 -15.67 -8.10
CA LEU F 131 -24.37 -16.67 -8.52
C LEU F 131 -25.00 -17.57 -9.56
N SER F 132 -24.28 -17.75 -10.66
CA SER F 132 -24.72 -18.61 -11.76
C SER F 132 -23.57 -19.54 -12.03
N PRO F 133 -23.85 -20.76 -12.47
CA PRO F 133 -22.83 -21.76 -12.77
C PRO F 133 -22.10 -21.45 -14.09
N THR F 134 -22.57 -20.41 -14.77
CA THR F 134 -21.99 -19.99 -16.04
C THR F 134 -21.38 -18.59 -15.97
N GLY F 135 -21.24 -18.08 -14.75
CA GLY F 135 -20.68 -16.76 -14.53
C GLY F 135 -21.22 -15.73 -15.50
N THR F 136 -22.51 -15.78 -15.77
CA THR F 136 -23.14 -14.86 -16.70
C THR F 136 -24.09 -13.94 -15.93
N THR F 137 -23.76 -13.74 -14.67
CA THR F 137 -24.55 -12.92 -13.79
C THR F 137 -23.62 -12.14 -12.88
N GLU F 138 -23.83 -10.83 -12.79
CA GLU F 138 -23.00 -10.00 -11.94
C GLU F 138 -23.40 -10.01 -10.46
N PHE F 139 -22.40 -9.92 -9.60
CA PHE F 139 -22.60 -9.96 -8.15
C PHE F 139 -21.38 -9.50 -7.36
N TRP F 140 -21.54 -9.42 -6.05
CA TRP F 140 -20.46 -9.05 -5.13
C TRP F 140 -20.51 -10.12 -4.04
N LEU F 141 -19.39 -10.77 -3.77
CA LEU F 141 -19.35 -11.85 -2.77
C LEU F 141 -19.54 -11.54 -1.29
N GLY F 142 -18.95 -10.45 -0.81
CA GLY F 142 -19.12 -10.12 0.60
C GLY F 142 -17.81 -10.01 1.34
N ASN F 143 -17.50 -8.79 1.77
CA ASN F 143 -16.26 -8.50 2.48
C ASN F 143 -15.89 -9.62 3.42
N GLU F 144 -16.85 -9.97 4.28
CA GLU F 144 -16.62 -10.99 5.26
C GLU F 144 -16.05 -12.24 4.63
N LYS F 145 -16.75 -12.80 3.67
CA LYS F 145 -16.28 -14.03 3.03
C LYS F 145 -14.91 -13.82 2.37
N ILE F 146 -14.74 -12.66 1.75
CA ILE F 146 -13.47 -12.35 1.10
C ILE F 146 -12.37 -12.37 2.15
N HIS F 147 -12.67 -11.75 3.29
CA HIS F 147 -11.72 -11.71 4.37
C HIS F 147 -11.35 -13.11 4.78
N LEU F 148 -12.36 -13.93 5.07
CA LEU F 148 -12.15 -15.31 5.52
C LEU F 148 -11.21 -16.14 4.67
N ILE F 149 -11.38 -16.07 3.34
CA ILE F 149 -10.57 -16.86 2.43
C ILE F 149 -9.16 -16.33 2.29
N SER F 150 -9.05 -15.03 2.08
CA SER F 150 -7.76 -14.41 1.88
C SER F 150 -6.95 -14.41 3.16
N THR F 151 -7.52 -14.96 4.22
CA THR F 151 -6.84 -14.96 5.50
C THR F 151 -6.59 -16.32 6.12
N GLN F 152 -7.41 -17.30 5.75
CA GLN F 152 -7.26 -18.65 6.27
C GLN F 152 -5.86 -19.12 5.95
N SER F 153 -5.25 -19.85 6.87
CA SER F 153 -3.89 -20.39 6.71
C SER F 153 -2.78 -19.34 6.59
N ALA F 154 -3.13 -18.16 6.11
CA ALA F 154 -2.18 -17.08 5.91
C ALA F 154 -1.06 -17.53 4.96
N ILE F 155 -1.48 -18.05 3.81
CA ILE F 155 -0.56 -18.51 2.76
C ILE F 155 -0.92 -17.73 1.49
N PRO F 156 0.07 -17.05 0.90
CA PRO F 156 0.03 -16.20 -0.30
C PRO F 156 -1.14 -16.40 -1.26
N TYR F 157 -1.99 -15.38 -1.32
CA TYR F 157 -3.13 -15.38 -2.22
C TYR F 157 -2.84 -14.26 -3.19
N ALA F 158 -3.18 -14.49 -4.45
CA ALA F 158 -2.93 -13.49 -5.47
C ALA F 158 -4.23 -13.04 -6.10
N LEU F 159 -4.35 -11.72 -6.27
CA LEU F 159 -5.55 -11.14 -6.85
C LEU F 159 -5.38 -10.92 -8.33
N ARG F 160 -6.42 -11.20 -9.10
CA ARG F 160 -6.39 -10.94 -10.54
C ARG F 160 -7.61 -10.18 -11.01
N VAL F 161 -7.35 -9.03 -11.56
CA VAL F 161 -8.38 -8.18 -12.11
C VAL F 161 -8.35 -8.50 -13.59
N GLU F 162 -9.53 -8.54 -14.19
CA GLU F 162 -9.68 -8.77 -15.62
C GLU F 162 -10.71 -7.77 -16.05
N LEU F 163 -10.35 -6.94 -17.01
CA LEU F 163 -11.29 -5.95 -17.52
C LEU F 163 -11.55 -6.28 -18.97
N GLU F 164 -12.56 -5.61 -19.52
CA GLU F 164 -12.88 -5.76 -20.92
C GLU F 164 -13.65 -4.54 -21.31
N ASP F 165 -13.13 -3.84 -22.31
CA ASP F 165 -13.79 -2.64 -22.79
C ASP F 165 -14.97 -3.05 -23.67
N TRP F 166 -15.63 -2.06 -24.22
CA TRP F 166 -16.77 -2.30 -25.08
C TRP F 166 -16.30 -2.64 -26.47
N ASN F 167 -15.09 -3.16 -26.57
CA ASN F 167 -14.55 -3.54 -27.84
C ASN F 167 -13.94 -4.90 -27.80
N GLY F 168 -14.30 -5.63 -26.74
CA GLY F 168 -13.82 -7.00 -26.58
C GLY F 168 -12.34 -7.12 -26.35
N ARG F 169 -11.71 -6.01 -25.99
CA ARG F 169 -10.28 -6.03 -25.70
C ARG F 169 -10.21 -6.21 -24.20
N THR F 170 -9.42 -7.18 -23.76
CA THR F 170 -9.27 -7.47 -22.35
C THR F 170 -7.89 -7.07 -21.82
N SER F 171 -7.68 -7.26 -20.53
CA SER F 171 -6.42 -6.93 -19.86
C SER F 171 -6.50 -7.32 -18.40
N THR F 172 -5.41 -7.85 -17.89
CA THR F 172 -5.37 -8.27 -16.51
C THR F 172 -4.61 -7.24 -15.70
N ALA F 173 -4.33 -7.60 -14.45
CA ALA F 173 -3.60 -6.78 -13.52
C ALA F 173 -3.61 -7.67 -12.30
N ASP F 174 -2.42 -8.06 -11.85
CA ASP F 174 -2.33 -8.95 -10.72
C ASP F 174 -1.70 -8.26 -9.53
N TYR F 175 -1.82 -8.88 -8.37
CA TYR F 175 -1.28 -8.31 -7.15
C TYR F 175 -0.95 -9.48 -6.25
N ALA F 176 0.31 -9.58 -5.85
CA ALA F 176 0.74 -10.65 -4.97
C ALA F 176 0.52 -10.34 -3.49
N MET F 177 0.25 -11.39 -2.72
CA MET F 177 0.01 -11.27 -1.30
C MET F 177 -1.15 -10.36 -1.05
N PHE F 178 -2.26 -10.69 -1.70
CA PHE F 178 -3.46 -9.91 -1.56
C PHE F 178 -4.13 -10.36 -0.27
N LYS F 179 -4.84 -9.43 0.37
CA LYS F 179 -5.56 -9.77 1.58
C LYS F 179 -6.47 -8.65 2.05
N VAL F 180 -7.51 -9.03 2.78
CA VAL F 180 -8.49 -8.08 3.31
C VAL F 180 -8.70 -8.38 4.79
N GLY F 181 -8.62 -7.33 5.60
CA GLY F 181 -8.80 -7.50 7.03
C GLY F 181 -10.21 -7.74 7.49
N PRO F 182 -10.42 -7.88 8.81
CA PRO F 182 -11.70 -8.13 9.46
C PRO F 182 -12.50 -6.85 9.55
N GLU F 183 -13.77 -6.98 9.92
CA GLU F 183 -14.64 -5.84 9.99
C GLU F 183 -14.11 -4.85 10.99
N ALA F 184 -13.41 -5.38 11.98
CA ALA F 184 -12.88 -4.51 13.01
C ALA F 184 -11.84 -3.61 12.40
N ASP F 185 -11.39 -3.98 11.20
CA ASP F 185 -10.41 -3.18 10.51
C ASP F 185 -11.05 -2.57 9.27
N LYS F 186 -12.38 -2.50 9.32
CA LYS F 186 -13.15 -1.94 8.23
C LYS F 186 -12.72 -2.58 6.92
N TYR F 187 -12.45 -3.88 7.01
CA TYR F 187 -12.06 -4.69 5.88
C TYR F 187 -10.99 -4.03 5.04
N ARG F 188 -9.95 -3.49 5.69
CA ARG F 188 -8.88 -2.84 4.95
C ARG F 188 -8.27 -3.72 3.86
N LEU F 189 -7.76 -3.07 2.83
CA LEU F 189 -7.17 -3.79 1.72
C LEU F 189 -5.67 -3.61 1.66
N THR F 190 -4.95 -4.71 1.48
CA THR F 190 -3.47 -4.67 1.35
C THR F 190 -2.93 -5.76 0.43
N TYR F 191 -1.85 -5.41 -0.25
CA TYR F 191 -1.15 -6.31 -1.16
C TYR F 191 0.35 -6.00 -1.08
N ALA F 192 1.16 -7.03 -1.29
CA ALA F 192 2.60 -6.90 -1.24
C ALA F 192 3.14 -5.99 -2.34
N TYR F 193 2.81 -6.33 -3.58
CA TYR F 193 3.25 -5.58 -4.74
C TYR F 193 2.47 -5.95 -5.98
N PHE F 194 2.49 -5.05 -6.94
CA PHE F 194 1.80 -5.28 -8.19
C PHE F 194 2.67 -6.20 -9.05
N ALA F 195 2.14 -7.39 -9.37
CA ALA F 195 2.83 -8.35 -10.21
C ALA F 195 2.59 -7.94 -11.67
N GLY F 196 2.52 -8.90 -12.58
CA GLY F 196 2.30 -8.57 -13.99
C GLY F 196 0.99 -7.88 -14.34
N GLY F 197 0.41 -8.24 -15.49
CA GLY F 197 -0.84 -7.65 -15.93
C GLY F 197 -0.62 -6.47 -16.85
N ASP F 198 -1.26 -6.48 -18.00
CA ASP F 198 -1.10 -5.38 -18.95
C ASP F 198 -2.08 -4.21 -18.76
N ALA F 199 -2.91 -4.25 -17.72
CA ALA F 199 -3.86 -3.16 -17.46
C ALA F 199 -3.29 -2.01 -16.63
N GLY F 200 -2.22 -2.29 -15.90
CA GLY F 200 -1.58 -1.24 -15.10
C GLY F 200 -1.98 -1.13 -13.64
N ASP F 201 -1.00 -0.91 -12.76
CA ASP F 201 -1.24 -0.80 -11.34
C ASP F 201 -2.01 0.46 -11.03
N ALA F 202 -3.33 0.38 -11.15
CA ALA F 202 -4.19 1.52 -10.84
C ALA F 202 -4.28 1.65 -9.34
N PHE F 203 -4.04 0.54 -8.64
CA PHE F 203 -4.08 0.53 -7.19
C PHE F 203 -2.98 1.37 -6.58
N ASP F 204 -1.96 1.63 -7.39
CA ASP F 204 -0.80 2.41 -7.01
C ASP F 204 -1.05 3.90 -7.11
N GLY F 205 -2.28 4.27 -7.44
CA GLY F 205 -2.59 5.68 -7.59
C GLY F 205 -2.20 6.10 -8.99
N PHE F 206 -2.78 7.19 -9.44
CA PHE F 206 -2.51 7.67 -10.78
C PHE F 206 -2.49 9.18 -10.80
N ASP F 207 -1.73 9.78 -11.71
CA ASP F 207 -1.73 11.23 -11.72
C ASP F 207 -2.70 11.78 -12.74
N PHE F 208 -3.83 12.23 -12.24
CA PHE F 208 -4.88 12.78 -13.09
C PHE F 208 -4.64 14.22 -13.54
N GLY F 209 -3.58 14.85 -13.05
CA GLY F 209 -3.29 16.22 -13.45
C GLY F 209 -3.92 17.30 -12.60
N ASP F 210 -5.23 17.19 -12.35
CA ASP F 210 -5.98 18.15 -11.54
C ASP F 210 -5.17 18.83 -10.44
N ASP F 211 -4.25 18.07 -9.87
CA ASP F 211 -3.40 18.57 -8.82
C ASP F 211 -2.24 17.59 -8.78
N PRO F 212 -1.13 18.00 -8.16
CA PRO F 212 0.03 17.11 -8.07
C PRO F 212 -0.17 15.97 -7.07
N SER F 213 -1.09 16.18 -6.11
CA SER F 213 -1.41 15.21 -5.05
C SER F 213 -2.27 14.00 -5.47
N ASP F 214 -2.99 14.18 -6.57
CA ASP F 214 -3.85 13.14 -7.13
C ASP F 214 -3.21 11.75 -7.03
N LYS F 215 -1.96 11.68 -7.49
CA LYS F 215 -1.24 10.42 -7.51
C LYS F 215 -1.31 9.64 -6.22
N PHE F 216 -1.02 10.26 -5.08
CA PHE F 216 -1.14 9.47 -3.87
C PHE F 216 -2.60 9.24 -3.59
N PHE F 217 -3.34 10.34 -3.54
CA PHE F 217 -4.76 10.33 -3.26
C PHE F 217 -5.65 9.39 -4.08
N THR F 218 -5.05 8.57 -4.93
CA THR F 218 -5.84 7.66 -5.70
C THR F 218 -5.32 6.26 -5.54
N SER F 219 -4.35 6.07 -4.65
CA SER F 219 -3.83 4.74 -4.40
C SER F 219 -4.82 4.04 -3.48
N HIS F 220 -4.91 2.72 -3.56
CA HIS F 220 -5.84 2.01 -2.70
C HIS F 220 -5.23 1.03 -1.71
N ASN F 221 -3.93 0.78 -1.83
CA ASN F 221 -3.27 -0.16 -0.93
C ASN F 221 -3.30 0.44 0.45
N GLY F 222 -3.72 -0.35 1.44
CA GLY F 222 -3.78 0.17 2.79
C GLY F 222 -5.05 0.94 3.07
N MET F 223 -5.94 1.01 2.08
CA MET F 223 -7.20 1.70 2.28
C MET F 223 -8.24 0.77 2.88
N GLN F 224 -9.11 1.35 3.70
CA GLN F 224 -10.19 0.62 4.34
C GLN F 224 -11.37 0.69 3.38
N PHE F 225 -12.34 -0.19 3.59
CA PHE F 225 -13.54 -0.23 2.77
C PHE F 225 -14.53 0.88 3.17
N SER F 226 -15.23 1.44 2.18
CA SER F 226 -16.16 2.53 2.45
C SER F 226 -17.49 2.43 1.67
N THR F 227 -18.60 2.77 2.35
CA THR F 227 -19.94 2.77 1.76
C THR F 227 -20.60 4.09 2.15
N TRP F 228 -21.69 4.43 1.50
CA TRP F 228 -22.36 5.69 1.80
C TRP F 228 -22.73 5.80 3.26
N ASP F 229 -22.97 4.67 3.92
CA ASP F 229 -23.35 4.67 5.32
C ASP F 229 -22.19 4.26 6.20
N ASN F 230 -20.99 4.41 5.68
CA ASN F 230 -19.79 4.05 6.43
C ASN F 230 -18.54 4.60 5.76
N ASP F 231 -18.13 5.81 6.15
CA ASP F 231 -16.97 6.48 5.59
C ASP F 231 -15.63 5.76 5.58
N ASN F 232 -14.73 6.09 6.49
CA ASN F 232 -13.42 5.44 6.52
C ASN F 232 -12.48 5.74 5.35
N ASP F 233 -12.83 6.74 4.55
CA ASP F 233 -11.97 7.11 3.46
C ASP F 233 -11.13 8.32 3.88
N LYS F 234 -10.06 8.56 3.12
CA LYS F 234 -9.14 9.65 3.36
C LYS F 234 -9.71 11.01 2.95
N PHE F 235 -10.73 10.98 2.11
CA PHE F 235 -11.37 12.21 1.68
C PHE F 235 -12.12 12.76 2.87
N GLU F 236 -12.21 14.08 2.95
CA GLU F 236 -12.92 14.73 4.04
C GLU F 236 -14.38 14.96 3.69
N GLY F 237 -14.96 14.06 2.91
CA GLY F 237 -16.35 14.22 2.52
C GLY F 237 -17.13 13.04 1.94
N ASN F 238 -16.58 11.83 2.05
CA ASN F 238 -17.25 10.63 1.56
C ASN F 238 -17.37 10.39 0.06
N CYS F 239 -16.37 9.71 -0.48
CA CYS F 239 -16.36 9.38 -1.88
C CYS F 239 -17.50 8.43 -2.17
N ALA F 240 -17.60 7.34 -1.39
CA ALA F 240 -18.62 6.30 -1.55
C ALA F 240 -20.03 6.85 -1.79
N GLU F 241 -20.43 7.79 -0.95
CA GLU F 241 -21.74 8.43 -1.06
C GLU F 241 -21.82 9.18 -2.39
N GLN F 242 -20.76 9.91 -2.72
CA GLN F 242 -20.73 10.69 -3.95
C GLN F 242 -20.64 9.83 -5.20
N ASP F 243 -19.57 9.04 -5.28
CA ASP F 243 -19.38 8.17 -6.43
C ASP F 243 -20.32 6.97 -6.44
N GLY F 244 -21.15 6.86 -5.39
CA GLY F 244 -22.16 5.82 -5.26
C GLY F 244 -21.81 4.37 -5.43
N SER F 245 -21.09 3.82 -4.48
CA SER F 245 -20.69 2.42 -4.54
C SER F 245 -20.06 2.00 -3.23
N GLY F 246 -19.34 0.90 -3.30
CA GLY F 246 -18.65 0.38 -2.14
C GLY F 246 -17.29 0.06 -2.66
N TRP F 247 -16.29 0.69 -2.07
CA TRP F 247 -14.92 0.47 -2.50
C TRP F 247 -13.97 1.01 -1.42
N TRP F 248 -12.67 0.84 -1.64
CA TRP F 248 -11.67 1.34 -0.72
C TRP F 248 -11.17 2.67 -1.28
N MET F 249 -11.83 3.74 -0.88
CA MET F 249 -11.45 5.06 -1.33
C MET F 249 -10.23 5.50 -0.52
N ASN F 250 -9.60 6.55 -1.04
CA ASN F 250 -8.43 7.17 -0.44
C ASN F 250 -8.57 8.54 -1.04
N LYS F 251 -9.47 9.36 -0.52
CA LYS F 251 -9.70 10.67 -1.14
C LYS F 251 -10.12 10.32 -2.57
N CYS F 252 -10.87 9.21 -2.61
CA CYS F 252 -11.48 8.55 -3.75
C CYS F 252 -10.67 7.48 -4.48
N HIS F 253 -10.65 7.49 -5.81
CA HIS F 253 -9.98 6.41 -6.51
C HIS F 253 -9.31 6.66 -7.86
N ALA F 254 -8.70 5.58 -8.36
CA ALA F 254 -8.02 5.52 -9.66
C ALA F 254 -8.53 4.24 -10.33
N GLY F 255 -8.95 3.30 -9.49
CA GLY F 255 -9.52 2.03 -9.92
C GLY F 255 -10.87 1.97 -9.21
N HIS F 256 -11.94 1.70 -9.95
CA HIS F 256 -13.26 1.70 -9.37
C HIS F 256 -14.19 0.64 -9.98
N LEU F 257 -13.97 -0.61 -9.60
CA LEU F 257 -14.77 -1.70 -10.15
C LEU F 257 -16.19 -1.87 -9.64
N ASN F 258 -16.61 -1.07 -8.69
CA ASN F 258 -17.97 -1.23 -8.22
C ASN F 258 -18.70 0.04 -8.54
N GLY F 259 -18.14 0.76 -9.51
CA GLY F 259 -18.73 2.00 -9.95
C GLY F 259 -20.01 1.81 -10.75
N VAL F 260 -20.60 2.93 -11.17
CA VAL F 260 -21.82 2.88 -11.93
C VAL F 260 -21.54 2.23 -13.25
N TYR F 261 -22.53 1.52 -13.77
CA TYR F 261 -22.36 0.86 -15.04
C TYR F 261 -22.90 1.75 -16.15
N TYR F 262 -21.99 2.22 -16.99
CA TYR F 262 -22.36 3.07 -18.10
C TYR F 262 -22.29 2.25 -19.37
N GLN F 263 -23.40 2.25 -20.10
CA GLN F 263 -23.49 1.52 -21.35
C GLN F 263 -22.67 2.19 -22.46
N GLY F 264 -21.85 1.39 -23.14
CA GLY F 264 -21.04 1.91 -24.23
C GLY F 264 -19.65 2.35 -23.83
N GLY F 265 -19.43 2.48 -22.53
CA GLY F 265 -18.15 2.89 -22.03
C GLY F 265 -17.96 4.38 -21.75
N THR F 266 -18.02 5.19 -22.79
CA THR F 266 -17.82 6.63 -22.65
C THR F 266 -18.94 7.38 -21.95
N TYR F 267 -18.61 8.08 -20.87
CA TYR F 267 -19.58 8.88 -20.14
C TYR F 267 -19.03 10.27 -19.94
N SER F 268 -19.81 11.14 -19.31
CA SER F 268 -19.37 12.51 -19.11
C SER F 268 -19.78 13.11 -17.78
N LYS F 269 -19.10 14.20 -17.42
CA LYS F 269 -19.34 14.90 -16.18
C LYS F 269 -20.82 15.26 -15.98
N ALA F 270 -21.52 15.58 -17.05
CA ALA F 270 -22.94 15.95 -16.96
C ALA F 270 -23.82 14.77 -16.57
N SER F 271 -23.49 13.60 -17.10
CA SER F 271 -24.22 12.37 -16.79
C SER F 271 -24.17 12.11 -15.29
N THR F 272 -22.99 12.24 -14.69
CA THR F 272 -22.79 12.01 -13.26
C THR F 272 -23.49 13.04 -12.40
N PRO F 273 -23.98 12.61 -11.23
CA PRO F 273 -24.68 13.48 -10.28
C PRO F 273 -23.81 14.59 -9.69
N ASN F 274 -22.84 14.21 -8.86
CA ASN F 274 -21.95 15.16 -8.22
C ASN F 274 -20.94 15.76 -9.17
N GLY F 275 -20.90 15.22 -10.38
CA GLY F 275 -19.99 15.74 -11.36
C GLY F 275 -18.71 14.96 -11.50
N TYR F 276 -18.27 14.32 -10.42
CA TYR F 276 -17.03 13.56 -10.47
C TYR F 276 -17.27 12.20 -11.09
N ASP F 277 -16.19 11.58 -11.60
CA ASP F 277 -16.26 10.28 -12.25
C ASP F 277 -16.57 9.16 -11.25
N ASN F 278 -17.45 8.25 -11.66
CA ASN F 278 -17.85 7.15 -10.80
C ASN F 278 -18.11 5.90 -11.61
N GLY F 279 -17.74 5.93 -12.87
CA GLY F 279 -17.95 4.76 -13.68
C GLY F 279 -17.00 3.69 -13.22
N ILE F 280 -17.06 2.55 -13.89
CA ILE F 280 -16.18 1.45 -13.58
C ILE F 280 -14.90 1.79 -14.32
N ILE F 281 -14.08 2.62 -13.69
CA ILE F 281 -12.83 3.07 -14.30
C ILE F 281 -11.60 2.30 -13.82
N TRP F 282 -10.57 2.32 -14.64
CA TRP F 282 -9.33 1.69 -14.27
C TRP F 282 -8.27 2.52 -14.97
N ALA F 283 -8.10 3.74 -14.43
CA ALA F 283 -7.16 4.74 -14.93
C ALA F 283 -5.91 4.24 -15.67
N THR F 284 -5.11 3.36 -15.08
CA THR F 284 -3.91 2.94 -15.79
C THR F 284 -4.16 2.20 -17.10
N TRP F 285 -5.42 2.14 -17.52
CA TRP F 285 -5.76 1.42 -18.76
C TRP F 285 -6.62 2.24 -19.71
N LYS F 286 -7.56 2.97 -19.15
CA LYS F 286 -8.44 3.80 -19.94
C LYS F 286 -8.62 5.07 -19.17
N THR F 287 -9.37 5.99 -19.76
CA THR F 287 -9.63 7.28 -19.15
C THR F 287 -10.61 7.17 -17.98
N ARG F 288 -10.57 8.14 -17.08
CA ARG F 288 -11.44 8.19 -15.91
C ARG F 288 -12.86 8.41 -16.37
N TRP F 289 -13.05 8.54 -17.67
CA TRP F 289 -14.36 8.74 -18.22
C TRP F 289 -14.77 7.64 -19.17
N TYR F 290 -14.22 6.45 -18.92
CA TYR F 290 -14.50 5.25 -19.68
C TYR F 290 -14.75 4.10 -18.71
N SER F 291 -16.01 3.75 -18.56
CA SER F 291 -16.45 2.66 -17.69
C SER F 291 -16.32 1.33 -18.46
N MET F 292 -15.64 0.35 -17.87
CA MET F 292 -15.45 -0.94 -18.54
C MET F 292 -16.77 -1.63 -18.92
N LYS F 293 -16.65 -2.62 -19.79
CA LYS F 293 -17.83 -3.35 -20.24
C LYS F 293 -18.08 -4.53 -19.29
N LYS F 294 -16.99 -5.17 -18.89
CA LYS F 294 -17.04 -6.29 -17.97
C LYS F 294 -15.89 -6.10 -16.99
N THR F 295 -16.03 -6.68 -15.82
CA THR F 295 -15.03 -6.55 -14.78
C THR F 295 -15.10 -7.82 -13.98
N THR F 296 -13.94 -8.33 -13.58
CA THR F 296 -13.87 -9.55 -12.78
C THR F 296 -12.63 -9.58 -11.85
N MET F 297 -12.87 -9.90 -10.58
CA MET F 297 -11.84 -9.94 -9.56
C MET F 297 -11.85 -11.31 -8.96
N LYS F 298 -10.81 -12.08 -9.25
CA LYS F 298 -10.70 -13.42 -8.72
C LYS F 298 -9.39 -13.59 -7.94
N ILE F 299 -9.35 -14.59 -7.07
CA ILE F 299 -8.14 -14.85 -6.28
C ILE F 299 -7.79 -16.32 -6.30
N ILE F 300 -6.52 -16.59 -6.08
CA ILE F 300 -5.97 -17.94 -6.11
C ILE F 300 -4.65 -17.94 -5.32
N PRO F 301 -4.28 -19.10 -4.74
CA PRO F 301 -3.03 -19.15 -3.98
C PRO F 301 -1.87 -18.74 -4.89
N PHE F 302 -1.14 -17.75 -4.41
CA PHE F 302 -0.02 -17.18 -5.10
C PHE F 302 0.91 -18.19 -5.75
N ASN F 303 1.23 -19.24 -5.01
CA ASN F 303 2.13 -20.27 -5.53
C ASN F 303 1.66 -20.89 -6.84
N ARG F 304 0.40 -20.67 -7.20
CA ARG F 304 -0.12 -21.21 -8.45
C ARG F 304 0.30 -20.30 -9.61
N LEU F 305 1.13 -19.31 -9.32
CA LEU F 305 1.59 -18.36 -10.32
C LEU F 305 3.11 -18.24 -10.49
N THR F 306 3.84 -18.30 -9.37
CA THR F 306 5.30 -18.18 -9.38
C THR F 306 6.02 -19.37 -10.00
N ILE F 307 5.26 -20.25 -10.63
CA ILE F 307 5.79 -21.46 -11.29
C ILE F 307 6.49 -22.36 -10.25
N GLY F 308 7.83 -22.48 -10.33
CA GLY F 308 8.57 -23.30 -9.37
C GLY F 308 8.56 -24.80 -9.62
N GLU F 309 7.52 -25.49 -9.13
CA GLU F 309 7.36 -26.94 -9.30
C GLU F 309 5.91 -27.42 -9.08
N GLY F 310 5.66 -28.04 -7.93
CA GLY F 310 4.33 -28.55 -7.60
C GLY F 310 4.43 -29.83 -6.78
N GLN F 311 5.22 -29.80 -5.89
CA GLN F 311 4.86 -30.89 -4.84
C GLN F 311 5.64 -32.20 -4.25
N GLY G 1 -0.54 21.95 19.95
CA GLY G 1 -0.77 23.12 19.07
C GLY G 1 -2.06 22.98 18.29
N PRO G 2 -3.20 23.41 18.85
CA PRO G 2 -4.47 23.31 18.15
C PRO G 2 -4.90 24.63 17.53
N ARG G 3 -4.59 25.75 18.18
CA ARG G 3 -4.97 27.06 17.65
C ARG G 3 -6.50 27.26 17.64
N PRO G 4 -6.99 28.39 18.15
CA PRO G 4 -8.45 28.50 18.10
C PRO G 4 -8.93 28.70 16.66
N GLY H 1 -13.09 9.70 -8.66
CA GLY H 1 -11.64 9.96 -8.98
C GLY H 1 -10.83 10.47 -7.79
N PRO H 2 -10.29 11.69 -7.86
CA PRO H 2 -9.52 12.16 -6.70
C PRO H 2 -10.16 13.25 -5.86
N ARG H 3 -10.89 14.18 -6.50
CA ARG H 3 -11.54 15.35 -5.85
C ARG H 3 -10.58 16.57 -5.85
N PRO H 4 -11.13 17.81 -5.76
CA PRO H 4 -10.35 19.05 -5.75
C PRO H 4 -9.19 19.11 -4.75
#